data_1REU
# 
_entry.id   1REU 
# 
_audit_conform.dict_name       mmcif_pdbx.dic 
_audit_conform.dict_version    5.397 
_audit_conform.dict_location   http://mmcif.pdb.org/dictionaries/ascii/mmcif_pdbx.dic 
# 
loop_
_database_2.database_id 
_database_2.database_code 
_database_2.pdbx_database_accession 
_database_2.pdbx_DOI 
PDB   1REU         pdb_00001reu 10.2210/pdb1reu/pdb 
RCSB  RCSB020685   ?            ?                   
WWPDB D_1000020685 ?            ?                   
# 
loop_
_pdbx_audit_revision_history.ordinal 
_pdbx_audit_revision_history.data_content_type 
_pdbx_audit_revision_history.major_revision 
_pdbx_audit_revision_history.minor_revision 
_pdbx_audit_revision_history.revision_date 
1 'Structure model' 1 0 2004-05-04 
2 'Structure model' 1 1 2008-04-29 
3 'Structure model' 1 2 2011-07-13 
4 'Structure model' 1 3 2021-10-27 
5 'Structure model' 1 4 2023-08-23 
6 'Structure model' 1 5 2024-10-09 
# 
_pdbx_audit_revision_details.ordinal             1 
_pdbx_audit_revision_details.revision_ordinal    1 
_pdbx_audit_revision_details.data_content_type   'Structure model' 
_pdbx_audit_revision_details.provider            repository 
_pdbx_audit_revision_details.type                'Initial release' 
_pdbx_audit_revision_details.description         ? 
_pdbx_audit_revision_details.details             ? 
# 
loop_
_pdbx_audit_revision_group.ordinal 
_pdbx_audit_revision_group.revision_ordinal 
_pdbx_audit_revision_group.data_content_type 
_pdbx_audit_revision_group.group 
1 2 'Structure model' 'Version format compliance' 
2 3 'Structure model' 'Derived calculations'      
3 3 'Structure model' 'Version format compliance' 
4 4 'Structure model' 'Database references'       
5 4 'Structure model' 'Derived calculations'      
6 5 'Structure model' 'Data collection'           
7 5 'Structure model' 'Refinement description'    
8 6 'Structure model' 'Structure summary'         
# 
loop_
_pdbx_audit_revision_category.ordinal 
_pdbx_audit_revision_category.revision_ordinal 
_pdbx_audit_revision_category.data_content_type 
_pdbx_audit_revision_category.category 
1 4 'Structure model' database_2                    
2 4 'Structure model' struct_ref_seq_dif            
3 4 'Structure model' struct_site                   
4 5 'Structure model' chem_comp_atom                
5 5 'Structure model' chem_comp_bond                
6 5 'Structure model' pdbx_initial_refinement_model 
7 6 'Structure model' pdbx_entry_details            
8 6 'Structure model' pdbx_modification_feature     
# 
loop_
_pdbx_audit_revision_item.ordinal 
_pdbx_audit_revision_item.revision_ordinal 
_pdbx_audit_revision_item.data_content_type 
_pdbx_audit_revision_item.item 
1 4 'Structure model' '_database_2.pdbx_DOI'                
2 4 'Structure model' '_database_2.pdbx_database_accession' 
3 4 'Structure model' '_struct_ref_seq_dif.details'         
4 4 'Structure model' '_struct_site.pdbx_auth_asym_id'      
5 4 'Structure model' '_struct_site.pdbx_auth_comp_id'      
6 4 'Structure model' '_struct_site.pdbx_auth_seq_id'       
# 
_pdbx_database_status.entry_id                        1REU 
_pdbx_database_status.status_code                     REL 
_pdbx_database_status.recvd_initial_deposition_date   2003-11-07 
_pdbx_database_status.deposit_site                    RCSB 
_pdbx_database_status.process_site                    RCSB 
_pdbx_database_status.status_code_sf                  REL 
_pdbx_database_status.SG_entry                        . 
_pdbx_database_status.pdb_format_compatible           Y 
_pdbx_database_status.status_code_mr                  ? 
_pdbx_database_status.status_code_cs                  ? 
_pdbx_database_status.status_code_nmr_data            ? 
_pdbx_database_status.methods_development_category    ? 
# 
loop_
_pdbx_database_related.db_name 
_pdbx_database_related.db_id 
_pdbx_database_related.details 
_pdbx_database_related.content_type 
PDB 3BMP 'wild type bone morphogenetic protein 2'                                                                 unspecified 
PDB 1ES7 'Structure of the complex of bone morphogenetic protein 2 and its receptor type IA extracellular domain' unspecified 
PDB 1REW .                                                                                                        unspecified 
# 
loop_
_audit_author.name 
_audit_author.pdbx_ordinal 
'Keller, S.'    1 
'Nickel, J.'    2 
'Zhang, J.-L.'  3 
'Sebald, W.'    4 
'Mueller, T.D.' 5 
# 
loop_
_citation.id 
_citation.title 
_citation.journal_abbrev 
_citation.journal_volume 
_citation.page_first 
_citation.page_last 
_citation.year 
_citation.journal_id_ASTM 
_citation.country 
_citation.journal_id_ISSN 
_citation.journal_id_CSD 
_citation.book_publisher 
_citation.pdbx_database_id_PubMed 
_citation.pdbx_database_id_DOI 
primary 'Molecular recognition of BMP-2 and BMP receptor IA.'                         Nat.Struct.Mol.Biol. 11  481 488 2004 ?      
US 1545-9993 ?    ? 15064755 10.1038/nsmb756        
1       'Crystal structure of human bone morphogenetic protein-2 at 2.7 A resolution' J.Mol.Biol.          287 103 115 1999 JMOBAK 
UK 0022-2836 0070 ? ?        10.1006/jmbi.1999.2590 
2       'Crystal structure of the BMP-2-BRIA ectodomain complex'                      Nat.Struct.Biol.     7   492 496 2000 NSBIEW 
US 1072-8368 2024 ? ?        10.1038/75903          
# 
loop_
_citation_author.citation_id 
_citation_author.name 
_citation_author.ordinal 
_citation_author.identifier_ORCID 
primary 'Keller, S.'     1  ? 
primary 'Nickel, J.'     2  ? 
primary 'Zhang, J.L.'    3  ? 
primary 'Sebald, W.'     4  ? 
primary 'Mueller, T.D.'  5  ? 
1       'Scheufler, C.'  6  ? 
1       'Sebald, W.'     7  ? 
1       'Huelsmeyer, M.' 8  ? 
2       'Kirsch, T.'     9  ? 
2       'Sebald, W.'     10 ? 
2       'Dreyer, M.K.'   11 ? 
# 
loop_
_entity.id 
_entity.type 
_entity.src_method 
_entity.pdbx_description 
_entity.formula_weight 
_entity.pdbx_number_of_molecules 
_entity.pdbx_ec 
_entity.pdbx_mutation 
_entity.pdbx_fragment 
_entity.details 
1 polymer     man 'bone morphogenetic protein 2'  11498.064 1  ? L51P 'mature part' ? 
2 non-polymer syn '(4S)-2-METHYL-2,4-PENTANEDIOL' 118.174   2  ? ?    ?             ? 
3 water       nat water                           18.015    13 ? ?    ?             ? 
# 
_entity_poly.entity_id                      1 
_entity_poly.type                           'polypeptide(L)' 
_entity_poly.nstd_linkage                   no 
_entity_poly.nstd_monomer                   no 
_entity_poly.pdbx_seq_one_letter_code       
;SSCKRHPLYVDFSDVGWNDWIVAPPGYHAFYCHGECPFPPADHLNSTNHAIVQTLVNSVNSKIPKACCVPTELSAISMLY
LDENEKVVLKNYQDMVVEGCGCR
;
_entity_poly.pdbx_seq_one_letter_code_can   
;SSCKRHPLYVDFSDVGWNDWIVAPPGYHAFYCHGECPFPPADHLNSTNHAIVQTLVNSVNSKIPKACCVPTELSAISMLY
LDENEKVVLKNYQDMVVEGCGCR
;
_entity_poly.pdbx_strand_id                 A 
_entity_poly.pdbx_target_identifier         ? 
# 
loop_
_pdbx_entity_nonpoly.entity_id 
_pdbx_entity_nonpoly.name 
_pdbx_entity_nonpoly.comp_id 
2 '(4S)-2-METHYL-2,4-PENTANEDIOL' MPD 
3 water                           HOH 
# 
loop_
_entity_poly_seq.entity_id 
_entity_poly_seq.num 
_entity_poly_seq.mon_id 
_entity_poly_seq.hetero 
1 1   SER n 
1 2   SER n 
1 3   CYS n 
1 4   LYS n 
1 5   ARG n 
1 6   HIS n 
1 7   PRO n 
1 8   LEU n 
1 9   TYR n 
1 10  VAL n 
1 11  ASP n 
1 12  PHE n 
1 13  SER n 
1 14  ASP n 
1 15  VAL n 
1 16  GLY n 
1 17  TRP n 
1 18  ASN n 
1 19  ASP n 
1 20  TRP n 
1 21  ILE n 
1 22  VAL n 
1 23  ALA n 
1 24  PRO n 
1 25  PRO n 
1 26  GLY n 
1 27  TYR n 
1 28  HIS n 
1 29  ALA n 
1 30  PHE n 
1 31  TYR n 
1 32  CYS n 
1 33  HIS n 
1 34  GLY n 
1 35  GLU n 
1 36  CYS n 
1 37  PRO n 
1 38  PHE n 
1 39  PRO n 
1 40  PRO n 
1 41  ALA n 
1 42  ASP n 
1 43  HIS n 
1 44  LEU n 
1 45  ASN n 
1 46  SER n 
1 47  THR n 
1 48  ASN n 
1 49  HIS n 
1 50  ALA n 
1 51  ILE n 
1 52  VAL n 
1 53  GLN n 
1 54  THR n 
1 55  LEU n 
1 56  VAL n 
1 57  ASN n 
1 58  SER n 
1 59  VAL n 
1 60  ASN n 
1 61  SER n 
1 62  LYS n 
1 63  ILE n 
1 64  PRO n 
1 65  LYS n 
1 66  ALA n 
1 67  CYS n 
1 68  CYS n 
1 69  VAL n 
1 70  PRO n 
1 71  THR n 
1 72  GLU n 
1 73  LEU n 
1 74  SER n 
1 75  ALA n 
1 76  ILE n 
1 77  SER n 
1 78  MET n 
1 79  LEU n 
1 80  TYR n 
1 81  LEU n 
1 82  ASP n 
1 83  GLU n 
1 84  ASN n 
1 85  GLU n 
1 86  LYS n 
1 87  VAL n 
1 88  VAL n 
1 89  LEU n 
1 90  LYS n 
1 91  ASN n 
1 92  TYR n 
1 93  GLN n 
1 94  ASP n 
1 95  MET n 
1 96  VAL n 
1 97  VAL n 
1 98  GLU n 
1 99  GLY n 
1 100 CYS n 
1 101 GLY n 
1 102 CYS n 
1 103 ARG n 
# 
_entity_src_gen.entity_id                          1 
_entity_src_gen.pdbx_src_id                        1 
_entity_src_gen.pdbx_alt_source_flag               sample 
_entity_src_gen.pdbx_seq_type                      ? 
_entity_src_gen.pdbx_beg_seq_num                   ? 
_entity_src_gen.pdbx_end_seq_num                   ? 
_entity_src_gen.gene_src_common_name               human 
_entity_src_gen.gene_src_genus                     Homo 
_entity_src_gen.pdbx_gene_src_gene                 ? 
_entity_src_gen.gene_src_species                   ? 
_entity_src_gen.gene_src_strain                    ? 
_entity_src_gen.gene_src_tissue                    ? 
_entity_src_gen.gene_src_tissue_fraction           ? 
_entity_src_gen.gene_src_details                   ? 
_entity_src_gen.pdbx_gene_src_fragment             ? 
_entity_src_gen.pdbx_gene_src_scientific_name      'Homo sapiens' 
_entity_src_gen.pdbx_gene_src_ncbi_taxonomy_id     9606 
_entity_src_gen.pdbx_gene_src_variant              ? 
_entity_src_gen.pdbx_gene_src_cell_line            ? 
_entity_src_gen.pdbx_gene_src_atcc                 ? 
_entity_src_gen.pdbx_gene_src_organ                ? 
_entity_src_gen.pdbx_gene_src_organelle            ? 
_entity_src_gen.pdbx_gene_src_cell                 ? 
_entity_src_gen.pdbx_gene_src_cellular_location    ? 
_entity_src_gen.host_org_common_name               ? 
_entity_src_gen.pdbx_host_org_scientific_name      'Escherichia coli' 
_entity_src_gen.pdbx_host_org_ncbi_taxonomy_id     562 
_entity_src_gen.host_org_genus                     Escherichia 
_entity_src_gen.pdbx_host_org_gene                 ? 
_entity_src_gen.pdbx_host_org_organ                ? 
_entity_src_gen.host_org_species                   ? 
_entity_src_gen.pdbx_host_org_tissue               ? 
_entity_src_gen.pdbx_host_org_tissue_fraction      ? 
_entity_src_gen.pdbx_host_org_strain               ? 
_entity_src_gen.pdbx_host_org_variant              ? 
_entity_src_gen.pdbx_host_org_cell_line            ? 
_entity_src_gen.pdbx_host_org_atcc                 ? 
_entity_src_gen.pdbx_host_org_culture_collection   ? 
_entity_src_gen.pdbx_host_org_cell                 ? 
_entity_src_gen.pdbx_host_org_organelle            ? 
_entity_src_gen.pdbx_host_org_cellular_location    ? 
_entity_src_gen.pdbx_host_org_vector_type          plasmid 
_entity_src_gen.pdbx_host_org_vector               ? 
_entity_src_gen.host_org_details                   ? 
_entity_src_gen.expression_system_id               ? 
_entity_src_gen.plasmid_name                       pN25c109 
_entity_src_gen.plasmid_details                    ? 
_entity_src_gen.pdbx_description                   ? 
# 
loop_
_chem_comp.id 
_chem_comp.type 
_chem_comp.mon_nstd_flag 
_chem_comp.name 
_chem_comp.pdbx_synonyms 
_chem_comp.formula 
_chem_comp.formula_weight 
ALA 'L-peptide linking' y ALANINE                         ? 'C3 H7 N O2'     89.093  
ARG 'L-peptide linking' y ARGININE                        ? 'C6 H15 N4 O2 1' 175.209 
ASN 'L-peptide linking' y ASPARAGINE                      ? 'C4 H8 N2 O3'    132.118 
ASP 'L-peptide linking' y 'ASPARTIC ACID'                 ? 'C4 H7 N O4'     133.103 
CYS 'L-peptide linking' y CYSTEINE                        ? 'C3 H7 N O2 S'   121.158 
GLN 'L-peptide linking' y GLUTAMINE                       ? 'C5 H10 N2 O3'   146.144 
GLU 'L-peptide linking' y 'GLUTAMIC ACID'                 ? 'C5 H9 N O4'     147.129 
GLY 'peptide linking'   y GLYCINE                         ? 'C2 H5 N O2'     75.067  
HIS 'L-peptide linking' y HISTIDINE                       ? 'C6 H10 N3 O2 1' 156.162 
HOH non-polymer         . WATER                           ? 'H2 O'           18.015  
ILE 'L-peptide linking' y ISOLEUCINE                      ? 'C6 H13 N O2'    131.173 
LEU 'L-peptide linking' y LEUCINE                         ? 'C6 H13 N O2'    131.173 
LYS 'L-peptide linking' y LYSINE                          ? 'C6 H15 N2 O2 1' 147.195 
MET 'L-peptide linking' y METHIONINE                      ? 'C5 H11 N O2 S'  149.211 
MPD non-polymer         . '(4S)-2-METHYL-2,4-PENTANEDIOL' ? 'C6 H14 O2'      118.174 
PHE 'L-peptide linking' y PHENYLALANINE                   ? 'C9 H11 N O2'    165.189 
PRO 'L-peptide linking' y PROLINE                         ? 'C5 H9 N O2'     115.130 
SER 'L-peptide linking' y SERINE                          ? 'C3 H7 N O3'     105.093 
THR 'L-peptide linking' y THREONINE                       ? 'C4 H9 N O3'     119.119 
TRP 'L-peptide linking' y TRYPTOPHAN                      ? 'C11 H12 N2 O2'  204.225 
TYR 'L-peptide linking' y TYROSINE                        ? 'C9 H11 N O3'    181.189 
VAL 'L-peptide linking' y VALINE                          ? 'C5 H11 N O2'    117.146 
# 
loop_
_pdbx_poly_seq_scheme.asym_id 
_pdbx_poly_seq_scheme.entity_id 
_pdbx_poly_seq_scheme.seq_id 
_pdbx_poly_seq_scheme.mon_id 
_pdbx_poly_seq_scheme.ndb_seq_num 
_pdbx_poly_seq_scheme.pdb_seq_num 
_pdbx_poly_seq_scheme.auth_seq_num 
_pdbx_poly_seq_scheme.pdb_mon_id 
_pdbx_poly_seq_scheme.auth_mon_id 
_pdbx_poly_seq_scheme.pdb_strand_id 
_pdbx_poly_seq_scheme.pdb_ins_code 
_pdbx_poly_seq_scheme.hetero 
A 1 1   SER 1   12  12  SER SER A . n 
A 1 2   SER 2   13  13  SER SER A . n 
A 1 3   CYS 3   14  14  CYS CYS A . n 
A 1 4   LYS 4   15  15  LYS LYS A . n 
A 1 5   ARG 5   16  16  ARG ARG A . n 
A 1 6   HIS 6   17  17  HIS HIS A . n 
A 1 7   PRO 7   18  18  PRO PRO A . n 
A 1 8   LEU 8   19  19  LEU LEU A . n 
A 1 9   TYR 9   20  20  TYR TYR A . n 
A 1 10  VAL 10  21  21  VAL VAL A . n 
A 1 11  ASP 11  22  22  ASP ASP A . n 
A 1 12  PHE 12  23  23  PHE PHE A . n 
A 1 13  SER 13  24  24  SER SER A . n 
A 1 14  ASP 14  25  25  ASP ASP A . n 
A 1 15  VAL 15  26  26  VAL VAL A . n 
A 1 16  GLY 16  27  27  GLY GLY A . n 
A 1 17  TRP 17  28  28  TRP TRP A . n 
A 1 18  ASN 18  29  29  ASN ASN A . n 
A 1 19  ASP 19  30  30  ASP ASP A . n 
A 1 20  TRP 20  31  31  TRP TRP A . n 
A 1 21  ILE 21  32  32  ILE ILE A . n 
A 1 22  VAL 22  33  33  VAL VAL A . n 
A 1 23  ALA 23  34  34  ALA ALA A . n 
A 1 24  PRO 24  35  35  PRO PRO A . n 
A 1 25  PRO 25  36  36  PRO PRO A . n 
A 1 26  GLY 26  37  37  GLY GLY A . n 
A 1 27  TYR 27  38  38  TYR TYR A . n 
A 1 28  HIS 28  39  39  HIS HIS A . n 
A 1 29  ALA 29  40  40  ALA ALA A . n 
A 1 30  PHE 30  41  41  PHE PHE A . n 
A 1 31  TYR 31  42  42  TYR TYR A . n 
A 1 32  CYS 32  43  43  CYS CYS A . n 
A 1 33  HIS 33  44  44  HIS HIS A . n 
A 1 34  GLY 34  45  45  GLY GLY A . n 
A 1 35  GLU 35  46  46  GLU GLU A . n 
A 1 36  CYS 36  47  47  CYS CYS A . n 
A 1 37  PRO 37  48  48  PRO PRO A . n 
A 1 38  PHE 38  49  49  PHE PHE A . n 
A 1 39  PRO 39  50  50  PRO PRO A . n 
A 1 40  PRO 40  51  51  PRO PRO A . n 
A 1 41  ALA 41  52  52  ALA ALA A . n 
A 1 42  ASP 42  53  53  ASP ASP A . n 
A 1 43  HIS 43  54  54  HIS HIS A . n 
A 1 44  LEU 44  55  55  LEU LEU A . n 
A 1 45  ASN 45  56  56  ASN ASN A . n 
A 1 46  SER 46  57  57  SER SER A . n 
A 1 47  THR 47  58  58  THR THR A . n 
A 1 48  ASN 48  59  59  ASN ASN A . n 
A 1 49  HIS 49  60  60  HIS HIS A . n 
A 1 50  ALA 50  61  61  ALA ALA A . n 
A 1 51  ILE 51  62  62  ILE ILE A . n 
A 1 52  VAL 52  63  63  VAL VAL A . n 
A 1 53  GLN 53  64  64  GLN GLN A . n 
A 1 54  THR 54  65  65  THR THR A . n 
A 1 55  LEU 55  66  66  LEU LEU A . n 
A 1 56  VAL 56  67  67  VAL VAL A . n 
A 1 57  ASN 57  68  68  ASN ASN A . n 
A 1 58  SER 58  69  69  SER SER A . n 
A 1 59  VAL 59  70  70  VAL VAL A . n 
A 1 60  ASN 60  71  71  ASN ASN A . n 
A 1 61  SER 61  72  72  SER SER A . n 
A 1 62  LYS 62  73  73  LYS LYS A . n 
A 1 63  ILE 63  74  74  ILE ILE A . n 
A 1 64  PRO 64  75  75  PRO PRO A . n 
A 1 65  LYS 65  76  76  LYS LYS A . n 
A 1 66  ALA 66  77  77  ALA ALA A . n 
A 1 67  CYS 67  78  78  CYS CYS A . n 
A 1 68  CYS 68  79  79  CYS CYS A . n 
A 1 69  VAL 69  80  80  VAL VAL A . n 
A 1 70  PRO 70  81  81  PRO PRO A . n 
A 1 71  THR 71  82  82  THR THR A . n 
A 1 72  GLU 72  83  83  GLU GLU A . n 
A 1 73  LEU 73  84  84  LEU LEU A . n 
A 1 74  SER 74  85  85  SER SER A . n 
A 1 75  ALA 75  86  86  ALA ALA A . n 
A 1 76  ILE 76  87  87  ILE ILE A . n 
A 1 77  SER 77  88  88  SER SER A . n 
A 1 78  MET 78  89  89  MET MET A . n 
A 1 79  LEU 79  90  90  LEU LEU A . n 
A 1 80  TYR 80  91  91  TYR TYR A . n 
A 1 81  LEU 81  92  92  LEU LEU A . n 
A 1 82  ASP 82  93  93  ASP ASP A . n 
A 1 83  GLU 83  94  94  GLU GLU A . n 
A 1 84  ASN 84  95  95  ASN ASN A . n 
A 1 85  GLU 85  96  96  GLU GLU A . n 
A 1 86  LYS 86  97  97  LYS LYS A . n 
A 1 87  VAL 87  98  98  VAL VAL A . n 
A 1 88  VAL 88  99  99  VAL VAL A . n 
A 1 89  LEU 89  100 100 LEU LEU A . n 
A 1 90  LYS 90  101 101 LYS LYS A . n 
A 1 91  ASN 91  102 102 ASN ASN A . n 
A 1 92  TYR 92  103 103 TYR TYR A . n 
A 1 93  GLN 93  104 104 GLN GLN A . n 
A 1 94  ASP 94  105 105 ASP ASP A . n 
A 1 95  MET 95  106 106 MET MET A . n 
A 1 96  VAL 96  107 107 VAL VAL A . n 
A 1 97  VAL 97  108 108 VAL VAL A . n 
A 1 98  GLU 98  109 109 GLU GLU A . n 
A 1 99  GLY 99  110 110 GLY GLY A . n 
A 1 100 CYS 100 111 111 CYS CYS A . n 
A 1 101 GLY 101 112 112 GLY GLY A . n 
A 1 102 CYS 102 113 113 CYS CYS A . n 
A 1 103 ARG 103 114 114 ARG ARG A . n 
# 
loop_
_pdbx_nonpoly_scheme.asym_id 
_pdbx_nonpoly_scheme.entity_id 
_pdbx_nonpoly_scheme.mon_id 
_pdbx_nonpoly_scheme.ndb_seq_num 
_pdbx_nonpoly_scheme.pdb_seq_num 
_pdbx_nonpoly_scheme.auth_seq_num 
_pdbx_nonpoly_scheme.pdb_mon_id 
_pdbx_nonpoly_scheme.auth_mon_id 
_pdbx_nonpoly_scheme.pdb_strand_id 
_pdbx_nonpoly_scheme.pdb_ins_code 
B 2 MPD 1  1   1   MPD MPD A . 
C 2 MPD 1  2   2   MPD MPD A . 
D 3 HOH 1  901 901 HOH HOH A . 
D 3 HOH 2  902 902 HOH HOH A . 
D 3 HOH 3  903 903 HOH HOH A . 
D 3 HOH 4  904 904 HOH HOH A . 
D 3 HOH 5  905 905 HOH HOH A . 
D 3 HOH 6  906 906 HOH HOH A . 
D 3 HOH 7  907 907 HOH HOH A . 
D 3 HOH 8  908 908 HOH HOH A . 
D 3 HOH 9  909 909 HOH HOH A . 
D 3 HOH 10 910 910 HOH HOH A . 
D 3 HOH 11 911 911 HOH HOH A . 
D 3 HOH 12 912 912 HOH HOH A . 
D 3 HOH 13 913 913 HOH HOH A . 
# 
loop_
_software.name 
_software.classification 
_software.version 
_software.citation_id 
_software.pdbx_ordinal 
MOSFLM 'data reduction' .         ? 1 
SCALA  'data scaling'   .         ? 2 
CNS    refinement       1.1       ? 3 
CCP4   'data scaling'   '(SCALA)' ? 4 
CNS    phasing          1.1       ? 5 
# 
_cell.entry_id           1REU 
_cell.length_a           94.292 
_cell.length_b           94.292 
_cell.length_c           102.882 
_cell.angle_alpha        90.00 
_cell.angle_beta         90.00 
_cell.angle_gamma        120.00 
_cell.Z_PDB              18 
_cell.pdbx_unique_axis   ? 
# 
_symmetry.entry_id                         1REU 
_symmetry.space_group_name_H-M             'H 3 2' 
_symmetry.cell_setting                     trigonal 
_symmetry.pdbx_full_space_group_name_H-M   ? 
_symmetry.Int_Tables_number                155 
# 
_exptl.entry_id          1REU 
_exptl.method            'X-RAY DIFFRACTION' 
_exptl.crystals_number   2 
# 
_exptl_crystal.id                    1 
_exptl_crystal.density_percent_sol   67.1 
_exptl_crystal.density_Matthews      3.77 
_exptl_crystal.density_meas          ? 
_exptl_crystal.description           ? 
# 
_exptl_crystal_grow.crystal_id      1 
_exptl_crystal_grow.method          'VAPOR DIFFUSION, HANGING DROP' 
_exptl_crystal_grow.temp            298 
_exptl_crystal_grow.pH              5.0 
_exptl_crystal_grow.pdbx_details    'lithium sulfate, tert-butanol, pH 5.0, VAPOR DIFFUSION, HANGING DROP, temperature 298K' 
_exptl_crystal_grow.temp_details    ? 
_exptl_crystal_grow.pdbx_pH_range   . 
# 
_diffrn.id                     1 
_diffrn.ambient_temp           298.0 
_diffrn.ambient_temp_details   ? 
_diffrn.crystal_id             1 
# 
_diffrn_detector.diffrn_id              1 
_diffrn_detector.detector               'IMAGE PLATE' 
_diffrn_detector.type                   'RIGAKU RAXIS IV' 
_diffrn_detector.pdbx_collection_date   2003-04-10 
_diffrn_detector.details                'Osmic ConfocalBlue' 
# 
_diffrn_radiation.diffrn_id                        1 
_diffrn_radiation.wavelength_id                    1 
_diffrn_radiation.pdbx_monochromatic_or_laue_m_l   M 
_diffrn_radiation.monochromator                    Mirrors 
_diffrn_radiation.pdbx_diffrn_protocol             'SINGLE WAVELENGTH' 
_diffrn_radiation.pdbx_scattering_type             x-ray 
# 
_diffrn_radiation_wavelength.id           1 
_diffrn_radiation_wavelength.wavelength   1.5418 
_diffrn_radiation_wavelength.wt           1.0 
# 
_diffrn_source.diffrn_id                   1 
_diffrn_source.source                      'ROTATING ANODE' 
_diffrn_source.type                        'RIGAKU RU300' 
_diffrn_source.pdbx_synchrotron_site       ? 
_diffrn_source.pdbx_synchrotron_beamline   ? 
_diffrn_source.pdbx_wavelength             ? 
_diffrn_source.pdbx_wavelength_list        1.5418 
# 
_reflns.entry_id                     1REU 
_reflns.observed_criterion_sigma_I   1.2 
_reflns.observed_criterion_sigma_F   ? 
_reflns.d_resolution_low             19.76 
_reflns.d_resolution_high            2.65 
_reflns.number_obs                   5624 
_reflns.number_all                   5624 
_reflns.percent_possible_obs         93.5 
_reflns.pdbx_Rmerge_I_obs            0.06 
_reflns.pdbx_Rsym_value              ? 
_reflns.pdbx_netI_over_sigmaI        ? 
_reflns.B_iso_Wilson_estimate        101.2 
_reflns.pdbx_redundancy              3.4 
_reflns.R_free_details               ? 
_reflns.limit_h_max                  ? 
_reflns.limit_h_min                  ? 
_reflns.limit_k_max                  ? 
_reflns.limit_k_min                  ? 
_reflns.limit_l_max                  ? 
_reflns.limit_l_min                  ? 
_reflns.observed_criterion_F_max     ? 
_reflns.observed_criterion_F_min     ? 
_reflns.pdbx_ordinal                 1 
_reflns.pdbx_diffrn_id               1 
# 
_reflns_shell.d_res_high             2.65 
_reflns_shell.d_res_low              2.82 
_reflns_shell.percent_possible_all   72.3 
_reflns_shell.Rmerge_I_obs           ? 
_reflns_shell.pdbx_Rsym_value        0.293 
_reflns_shell.meanI_over_sigI_obs    2.4 
_reflns_shell.pdbx_redundancy        ? 
_reflns_shell.percent_possible_obs   ? 
_reflns_shell.number_unique_all      ? 
_reflns_shell.pdbx_ordinal           1 
_reflns_shell.pdbx_diffrn_id         1 
# 
_refine.entry_id                                 1REU 
_refine.ls_number_reflns_obs                     4918 
_refine.ls_number_reflns_all                     5624 
_refine.pdbx_ls_sigma_I                          ? 
_refine.pdbx_ls_sigma_F                          0.0 
_refine.pdbx_data_cutoff_high_absF               1489344.52 
_refine.pdbx_data_cutoff_low_absF                0.000000 
_refine.pdbx_data_cutoff_high_rms_absF           ? 
_refine.ls_d_res_low                             19.76 
_refine.ls_d_res_high                            2.65 
_refine.ls_percent_reflns_obs                    93.5 
_refine.ls_R_factor_obs                          0.2151 
_refine.ls_R_factor_all                          0.216 
_refine.ls_R_factor_R_work                       0.215 
_refine.ls_R_factor_R_free                       0.235 
_refine.ls_R_factor_R_free_error                 0.015 
_refine.ls_R_factor_R_free_error_details         ? 
_refine.ls_percent_reflns_R_free                 5.3 
_refine.ls_number_reflns_R_free                  259 
_refine.ls_number_parameters                     ? 
_refine.ls_number_restraints                     ? 
_refine.occupancy_min                            ? 
_refine.occupancy_max                            ? 
_refine.correlation_coeff_Fo_to_Fc               ? 
_refine.correlation_coeff_Fo_to_Fc_free          ? 
_refine.B_iso_mean                               64.6 
_refine.aniso_B[1][1]                            4.21 
_refine.aniso_B[2][2]                            4.21 
_refine.aniso_B[3][3]                            -8.41 
_refine.aniso_B[1][2]                            4.25 
_refine.aniso_B[1][3]                            0.00 
_refine.aniso_B[2][3]                            0.00 
_refine.solvent_model_details                    'FLAT MODEL' 
_refine.solvent_model_param_ksol                 0.310865 
_refine.solvent_model_param_bsol                 48.4107 
_refine.pdbx_solvent_vdw_probe_radii             ? 
_refine.pdbx_solvent_ion_probe_radii             ? 
_refine.pdbx_solvent_shrinkage_radii             ? 
_refine.pdbx_ls_cross_valid_method               THROUGHOUT 
_refine.details                                  ? 
_refine.pdbx_starting_model                      'PDB ENTRY 3BMP' 
_refine.pdbx_method_to_determine_struct          'MOLECULAR REPLACEMENT' 
_refine.pdbx_isotropic_thermal_model             Isotropic 
_refine.pdbx_stereochemistry_target_values       'Engh & Huber' 
_refine.pdbx_stereochem_target_val_spec_case     ? 
_refine.pdbx_R_Free_selection_details            RANDOM 
_refine.pdbx_overall_ESU_R                       ? 
_refine.pdbx_overall_ESU_R_Free                  ? 
_refine.overall_SU_ML                            ? 
_refine.overall_SU_B                             ? 
_refine.ls_redundancy_reflns_obs                 ? 
_refine.B_iso_min                                ? 
_refine.B_iso_max                                ? 
_refine.overall_SU_R_Cruickshank_DPI             ? 
_refine.overall_SU_R_free                        ? 
_refine.pdbx_refine_id                           'X-RAY DIFFRACTION' 
_refine.pdbx_diffrn_id                           1 
_refine.pdbx_TLS_residual_ADP_flag               ? 
_refine.pdbx_overall_phase_error                 ? 
_refine.pdbx_overall_SU_R_free_Cruickshank_DPI   ? 
_refine.pdbx_overall_SU_R_Blow_DPI               ? 
_refine.pdbx_overall_SU_R_free_Blow_DPI          ? 
# 
_refine_analyze.entry_id                        1REU 
_refine_analyze.Luzzati_coordinate_error_obs    0.35 
_refine_analyze.Luzzati_sigma_a_obs             0.42 
_refine_analyze.Luzzati_d_res_low_obs           5.00 
_refine_analyze.Luzzati_coordinate_error_free   0.42 
_refine_analyze.Luzzati_sigma_a_free            0.42 
_refine_analyze.Luzzati_d_res_low_free          ? 
_refine_analyze.number_disordered_residues      ? 
_refine_analyze.occupancy_sum_hydrogen          ? 
_refine_analyze.occupancy_sum_non_hydrogen      ? 
_refine_analyze.pdbx_Luzzati_d_res_high_obs     ? 
_refine_analyze.pdbx_refine_id                  'X-RAY DIFFRACTION' 
# 
_refine_hist.pdbx_refine_id                   'X-RAY DIFFRACTION' 
_refine_hist.cycle_id                         LAST 
_refine_hist.pdbx_number_atoms_protein        804 
_refine_hist.pdbx_number_atoms_nucleic_acid   0 
_refine_hist.pdbx_number_atoms_ligand         16 
_refine_hist.number_atoms_solvent             13 
_refine_hist.number_atoms_total               833 
_refine_hist.d_res_high                       2.65 
_refine_hist.d_res_low                        19.76 
# 
loop_
_refine_ls_restr.type 
_refine_ls_restr.dev_ideal 
_refine_ls_restr.dev_ideal_target 
_refine_ls_restr.weight 
_refine_ls_restr.number 
_refine_ls_restr.pdbx_refine_id 
_refine_ls_restr.pdbx_restraint_function 
c_bond_d           0.006 ?    ? ? 'X-RAY DIFFRACTION' ? 
c_angle_deg        1.2   ?    ? ? 'X-RAY DIFFRACTION' ? 
c_dihedral_angle_d 24.7  ?    ? ? 'X-RAY DIFFRACTION' ? 
c_improper_angle_d 0.91  ?    ? ? 'X-RAY DIFFRACTION' ? 
c_mcbond_it        1.33  1.00 ? ? 'X-RAY DIFFRACTION' ? 
c_mcangle_it       2.46  1.50 ? ? 'X-RAY DIFFRACTION' ? 
c_scbond_it        2.25  2.00 ? ? 'X-RAY DIFFRACTION' ? 
c_scangle_it       3.46  2.50 ? ? 'X-RAY DIFFRACTION' ? 
# 
_refine_ls_shell.pdbx_total_number_of_bins_used   6 
_refine_ls_shell.d_res_high                       2.65 
_refine_ls_shell.d_res_low                        2.82 
_refine_ls_shell.number_reflns_R_work             587 
_refine_ls_shell.R_factor_R_work                  0.332 
_refine_ls_shell.percent_reflns_obs               72.3 
_refine_ls_shell.R_factor_R_free                  0.336 
_refine_ls_shell.R_factor_R_free_error            0.057 
_refine_ls_shell.percent_reflns_R_free            5.6 
_refine_ls_shell.number_reflns_R_free             35 
_refine_ls_shell.number_reflns_obs                377 
_refine_ls_shell.redundancy_reflns_obs            ? 
_refine_ls_shell.number_reflns_all                ? 
_refine_ls_shell.pdbx_refine_id                   'X-RAY DIFFRACTION' 
_refine_ls_shell.R_factor_all                     ? 
# 
loop_
_pdbx_xplor_file.serial_no 
_pdbx_xplor_file.param_file 
_pdbx_xplor_file.topol_file 
_pdbx_xplor_file.pdbx_refine_id 
1 PROTEIN_REP.PARAM PROTEIN.TOP       'X-RAY DIFFRACTION' 
2 WATER_REP.PARAM   WATER.TOP         'X-RAY DIFFRACTION' 
3 MPD_XPLOR_PAR.PRO MPD_XPLOR_TOP.PAR 'X-RAY DIFFRACTION' 
# 
_struct.entry_id                  1REU 
_struct.title                     'Structure of the bone morphogenetic protein 2 mutant L51P' 
_struct.pdbx_model_details        ? 
_struct.pdbx_CASP_flag            ? 
_struct.pdbx_model_type_details   ? 
# 
_struct_keywords.entry_id        1REU 
_struct_keywords.pdbx_keywords   'HORMONE/GROWTH FACTOR' 
_struct_keywords.text            'TGF-beta fold, HORMONE-GROWTH FACTOR COMPLEX' 
# 
loop_
_struct_asym.id 
_struct_asym.pdbx_blank_PDB_chainid_flag 
_struct_asym.pdbx_modified 
_struct_asym.entity_id 
_struct_asym.details 
A N N 1 ? 
B N N 2 ? 
C N N 2 ? 
D N N 3 ? 
# 
_struct_ref.id                         1 
_struct_ref.entity_id                  1 
_struct_ref.db_name                    UNP 
_struct_ref.db_code                    BMP2_HUMAN 
_struct_ref.pdbx_db_accession          P12643 
_struct_ref.pdbx_align_begin           294 
_struct_ref.pdbx_seq_one_letter_code   
;SSCKRHPLYVDFSDVGWNDWIVAPPGYHAFYCHGECPFPLADHLNSTNHAIVQTLVNSVNSKIPKACCVPTELSAISMLY
LDENEKVVLKNYQDMVVEGCGCR
;
_struct_ref.pdbx_db_isoform            ? 
# 
_struct_ref_seq.align_id                      1 
_struct_ref_seq.ref_id                        1 
_struct_ref_seq.pdbx_PDB_id_code              1REU 
_struct_ref_seq.pdbx_strand_id                A 
_struct_ref_seq.seq_align_beg                 1 
_struct_ref_seq.pdbx_seq_align_beg_ins_code   ? 
_struct_ref_seq.seq_align_end                 103 
_struct_ref_seq.pdbx_seq_align_end_ins_code   ? 
_struct_ref_seq.pdbx_db_accession             P12643 
_struct_ref_seq.db_align_beg                  294 
_struct_ref_seq.pdbx_db_align_beg_ins_code    ? 
_struct_ref_seq.db_align_end                  396 
_struct_ref_seq.pdbx_db_align_end_ins_code    ? 
_struct_ref_seq.pdbx_auth_seq_align_beg       12 
_struct_ref_seq.pdbx_auth_seq_align_end       114 
# 
_struct_ref_seq_dif.align_id                     1 
_struct_ref_seq_dif.pdbx_pdb_id_code             1REU 
_struct_ref_seq_dif.mon_id                       PRO 
_struct_ref_seq_dif.pdbx_pdb_strand_id           A 
_struct_ref_seq_dif.seq_num                      40 
_struct_ref_seq_dif.pdbx_pdb_ins_code            ? 
_struct_ref_seq_dif.pdbx_seq_db_name             UNP 
_struct_ref_seq_dif.pdbx_seq_db_accession_code   P12643 
_struct_ref_seq_dif.db_mon_id                    LEU 
_struct_ref_seq_dif.pdbx_seq_db_seq_num          333 
_struct_ref_seq_dif.details                      'engineered mutation' 
_struct_ref_seq_dif.pdbx_auth_seq_num            51 
_struct_ref_seq_dif.pdbx_ordinal                 1 
# 
loop_
_pdbx_struct_assembly.id 
_pdbx_struct_assembly.details 
_pdbx_struct_assembly.method_details 
_pdbx_struct_assembly.oligomeric_details 
_pdbx_struct_assembly.oligomeric_count 
1 author_and_software_defined_assembly PISA,PQS dimeric   2 
2 software_defined_assembly            PISA     hexameric 6 
# 
loop_
_pdbx_struct_assembly_prop.biol_id 
_pdbx_struct_assembly_prop.type 
_pdbx_struct_assembly_prop.value 
_pdbx_struct_assembly_prop.details 
1 'ABSA (A^2)' 3640  ? 
1 MORE         -64   ? 
1 'SSA (A^2)'  11210 ? 
2 'ABSA (A^2)' 9410  ? 
2 MORE         -163  ? 
2 'SSA (A^2)'  35140 ? 
# 
loop_
_pdbx_struct_assembly_gen.assembly_id 
_pdbx_struct_assembly_gen.oper_expression 
_pdbx_struct_assembly_gen.asym_id_list 
1 1,2         A,B,C,D 
2 1,3,4,5,6,7 A,B,C,D 
# 
loop_
_pdbx_struct_oper_list.id 
_pdbx_struct_oper_list.type 
_pdbx_struct_oper_list.name 
_pdbx_struct_oper_list.symmetry_operation 
_pdbx_struct_oper_list.matrix[1][1] 
_pdbx_struct_oper_list.matrix[1][2] 
_pdbx_struct_oper_list.matrix[1][3] 
_pdbx_struct_oper_list.vector[1] 
_pdbx_struct_oper_list.matrix[2][1] 
_pdbx_struct_oper_list.matrix[2][2] 
_pdbx_struct_oper_list.matrix[2][3] 
_pdbx_struct_oper_list.vector[2] 
_pdbx_struct_oper_list.matrix[3][1] 
_pdbx_struct_oper_list.matrix[3][2] 
_pdbx_struct_oper_list.matrix[3][3] 
_pdbx_struct_oper_list.vector[3] 
1 'identity operation'         1_555  x,y,z                 1.0000000000  0.0000000000  0.0000000000  0.0000000000   0.0000000000  1.0000000000  0.0000000000  0.0000000000   0.0000000000  0.0000000000  1.0000000000  0.0000000000   
2 'crystal symmetry operation' 11_444 x-y-1/3,-y-2/3,-z-2/3 0.1104996460  -0.9934924338 0.0276154341  9.3766350981   -0.9934924338 -0.1111863749 -0.0247057483 10.7244287489  0.0276154341  -0.0247057483 -0.9993132711 8.7591910180   
3 'crystal symmetry operation' 2_555  -y,x-y,z              -0.4134607463 -0.6951393075 0.5880744464  -45.7679900420 0.9071305822  -0.3701736533 0.2002138186  19.0810381935  0.0785131711  0.6162408698  0.7836343997  5.8153522336   
4 'crystal symmetry operation' 3_555  -x+y,-x,z             -0.4134607463 0.9071305822  0.0785131711  -36.6888423507 -0.6951393075 -0.3701736533 0.6162408698  -28.3354890021 0.5880744464  0.2002138186  0.7836343997  18.5375878312  
5 'crystal symmetry operation' 4_554  y,x,-z-1              0.6611683074  0.4735313235  -0.5819145599 -8.1206026421  0.4735313235  -0.8650155356 -0.1658801041 2.4941119900   -0.5819145599 -0.1658801041 -0.7961527718 -21.1519842329 
6 'crystal symmetry operation' 5_554  x-y,-y,-z-1           0.1104996460  -0.9934924338 0.0276154341  -32.7295160167 -0.9934924338 -0.1111863749 -0.0247057483 -36.6485106137 0.0276154341  -0.0247057483 -0.9993132711 -2.3139978529  
7 'crystal symmetry operation' 6_554  -x,-x+y,-z-1          -0.9447464607 0.3079698355  -0.1122884917 -56.5831363125 0.3079698355  0.7165492171  -0.6258688360 6.5564171090   -0.1122884917 -0.6258688360 -0.7718027564 -9.8606707546 
# 
_struct_biol.id                    1 
_struct_biol.details               
;The biological assembly is a dimer generated by the two fold axis (disulfide bonded homodimer): 
2/3+x-y, 1/3-y, 1/3-z
;
_struct_biol.pdbx_parent_biol_id   ? 
# 
_struct_conf.conf_type_id            HELX_P 
_struct_conf.id                      HELX_P1 
_struct_conf.pdbx_PDB_helix_id       1 
_struct_conf.beg_label_comp_id       THR 
_struct_conf.beg_label_asym_id       A 
_struct_conf.beg_label_seq_id        47 
_struct_conf.pdbx_beg_PDB_ins_code   ? 
_struct_conf.end_label_comp_id       ASN 
_struct_conf.end_label_asym_id       A 
_struct_conf.end_label_seq_id        60 
_struct_conf.pdbx_end_PDB_ins_code   ? 
_struct_conf.beg_auth_comp_id        THR 
_struct_conf.beg_auth_asym_id        A 
_struct_conf.beg_auth_seq_id         58 
_struct_conf.end_auth_comp_id        ASN 
_struct_conf.end_auth_asym_id        A 
_struct_conf.end_auth_seq_id         71 
_struct_conf.pdbx_PDB_helix_class    1 
_struct_conf.details                 ? 
_struct_conf.pdbx_PDB_helix_length   14 
# 
_struct_conf_type.id          HELX_P 
_struct_conf_type.criteria    ? 
_struct_conf_type.reference   ? 
# 
loop_
_struct_conn.id 
_struct_conn.conn_type_id 
_struct_conn.pdbx_leaving_atom_flag 
_struct_conn.pdbx_PDB_id 
_struct_conn.ptnr1_label_asym_id 
_struct_conn.ptnr1_label_comp_id 
_struct_conn.ptnr1_label_seq_id 
_struct_conn.ptnr1_label_atom_id 
_struct_conn.pdbx_ptnr1_label_alt_id 
_struct_conn.pdbx_ptnr1_PDB_ins_code 
_struct_conn.pdbx_ptnr1_standard_comp_id 
_struct_conn.ptnr1_symmetry 
_struct_conn.ptnr2_label_asym_id 
_struct_conn.ptnr2_label_comp_id 
_struct_conn.ptnr2_label_seq_id 
_struct_conn.ptnr2_label_atom_id 
_struct_conn.pdbx_ptnr2_label_alt_id 
_struct_conn.pdbx_ptnr2_PDB_ins_code 
_struct_conn.ptnr1_auth_asym_id 
_struct_conn.ptnr1_auth_comp_id 
_struct_conn.ptnr1_auth_seq_id 
_struct_conn.ptnr2_auth_asym_id 
_struct_conn.ptnr2_auth_comp_id 
_struct_conn.ptnr2_auth_seq_id 
_struct_conn.ptnr2_symmetry 
_struct_conn.pdbx_ptnr3_label_atom_id 
_struct_conn.pdbx_ptnr3_label_seq_id 
_struct_conn.pdbx_ptnr3_label_comp_id 
_struct_conn.pdbx_ptnr3_label_asym_id 
_struct_conn.pdbx_ptnr3_label_alt_id 
_struct_conn.pdbx_ptnr3_PDB_ins_code 
_struct_conn.details 
_struct_conn.pdbx_dist_value 
_struct_conn.pdbx_value_order 
_struct_conn.pdbx_role 
disulf1 disulf ? ? A CYS 3  SG ? ? ? 1_555 A CYS 68  SG ? ? A CYS 14 A CYS 79  1_555  ? ? ? ? ? ? ? 2.022 ? ? 
disulf2 disulf ? ? A CYS 32 SG ? ? ? 1_555 A CYS 100 SG ? ? A CYS 43 A CYS 111 1_555  ? ? ? ? ? ? ? 2.024 ? ? 
disulf3 disulf ? ? A CYS 36 SG ? ? ? 1_555 A CYS 102 SG ? ? A CYS 47 A CYS 113 1_555  ? ? ? ? ? ? ? 2.035 ? ? 
disulf4 disulf ? ? A CYS 67 SG ? ? ? 1_555 A CYS 67  SG ? ? A CYS 78 A CYS 78  11_444 ? ? ? ? ? ? ? 1.952 ? ? 
# 
_struct_conn_type.id          disulf 
_struct_conn_type.criteria    ? 
_struct_conn_type.reference   ? 
# 
loop_
_pdbx_modification_feature.ordinal 
_pdbx_modification_feature.label_comp_id 
_pdbx_modification_feature.label_asym_id 
_pdbx_modification_feature.label_seq_id 
_pdbx_modification_feature.label_alt_id 
_pdbx_modification_feature.modified_residue_label_comp_id 
_pdbx_modification_feature.modified_residue_label_asym_id 
_pdbx_modification_feature.modified_residue_label_seq_id 
_pdbx_modification_feature.modified_residue_label_alt_id 
_pdbx_modification_feature.auth_comp_id 
_pdbx_modification_feature.auth_asym_id 
_pdbx_modification_feature.auth_seq_id 
_pdbx_modification_feature.PDB_ins_code 
_pdbx_modification_feature.symmetry 
_pdbx_modification_feature.modified_residue_auth_comp_id 
_pdbx_modification_feature.modified_residue_auth_asym_id 
_pdbx_modification_feature.modified_residue_auth_seq_id 
_pdbx_modification_feature.modified_residue_PDB_ins_code 
_pdbx_modification_feature.modified_residue_symmetry 
_pdbx_modification_feature.comp_id_linking_atom 
_pdbx_modification_feature.modified_residue_id_linking_atom 
_pdbx_modification_feature.modified_residue_id 
_pdbx_modification_feature.ref_pcm_id 
_pdbx_modification_feature.ref_comp_id 
_pdbx_modification_feature.type 
_pdbx_modification_feature.category 
1 CYS A 3  ? CYS A 68  ? CYS A 14 ? 1_555 CYS A 79  ? 1_555  SG SG . . . None 'Disulfide bridge' 
2 CYS A 32 ? CYS A 100 ? CYS A 43 ? 1_555 CYS A 111 ? 1_555  SG SG . . . None 'Disulfide bridge' 
3 CYS A 36 ? CYS A 102 ? CYS A 47 ? 1_555 CYS A 113 ? 1_555  SG SG . . . None 'Disulfide bridge' 
4 CYS A 67 ? CYS A 67  ? CYS A 78 ? 1_555 CYS A 78  ? 11_444 SG SG . . . None 'Disulfide bridge' 
# 
loop_
_struct_mon_prot_cis.pdbx_id 
_struct_mon_prot_cis.label_comp_id 
_struct_mon_prot_cis.label_seq_id 
_struct_mon_prot_cis.label_asym_id 
_struct_mon_prot_cis.label_alt_id 
_struct_mon_prot_cis.pdbx_PDB_ins_code 
_struct_mon_prot_cis.auth_comp_id 
_struct_mon_prot_cis.auth_seq_id 
_struct_mon_prot_cis.auth_asym_id 
_struct_mon_prot_cis.pdbx_label_comp_id_2 
_struct_mon_prot_cis.pdbx_label_seq_id_2 
_struct_mon_prot_cis.pdbx_label_asym_id_2 
_struct_mon_prot_cis.pdbx_PDB_ins_code_2 
_struct_mon_prot_cis.pdbx_auth_comp_id_2 
_struct_mon_prot_cis.pdbx_auth_seq_id_2 
_struct_mon_prot_cis.pdbx_auth_asym_id_2 
_struct_mon_prot_cis.pdbx_PDB_model_num 
_struct_mon_prot_cis.pdbx_omega_angle 
1 ALA 23 A . ? ALA 34 A PRO 24 A ? PRO 35 A 1 0.06 
2 PHE 38 A . ? PHE 49 A PRO 39 A ? PRO 50 A 1 0.25 
# 
loop_
_struct_sheet.id 
_struct_sheet.type 
_struct_sheet.number_strands 
_struct_sheet.details 
A ? 2 ? 
B ? 2 ? 
C ? 2 ? 
# 
loop_
_struct_sheet_order.sheet_id 
_struct_sheet_order.range_id_1 
_struct_sheet_order.range_id_2 
_struct_sheet_order.offset 
_struct_sheet_order.sense 
A 1 2 ? anti-parallel 
B 1 2 ? anti-parallel 
C 1 2 ? anti-parallel 
# 
loop_
_struct_sheet_range.sheet_id 
_struct_sheet_range.id 
_struct_sheet_range.beg_label_comp_id 
_struct_sheet_range.beg_label_asym_id 
_struct_sheet_range.beg_label_seq_id 
_struct_sheet_range.pdbx_beg_PDB_ins_code 
_struct_sheet_range.end_label_comp_id 
_struct_sheet_range.end_label_asym_id 
_struct_sheet_range.end_label_seq_id 
_struct_sheet_range.pdbx_end_PDB_ins_code 
_struct_sheet_range.beg_auth_comp_id 
_struct_sheet_range.beg_auth_asym_id 
_struct_sheet_range.beg_auth_seq_id 
_struct_sheet_range.end_auth_comp_id 
_struct_sheet_range.end_auth_asym_id 
_struct_sheet_range.end_auth_seq_id 
A 1 LYS A 4  ? HIS A 6   ? LYS A 15 HIS A 17  
A 2 TYR A 31 ? HIS A 33  ? TYR A 42 HIS A 44  
B 1 TYR A 9  ? ASP A 11  ? TYR A 20 ASP A 22  
B 2 GLY A 26 ? HIS A 28  ? GLY A 37 HIS A 39  
C 1 CYS A 68 ? LEU A 81  ? CYS A 79 LEU A 92  
C 2 VAL A 87 ? CYS A 102 ? VAL A 98 CYS A 113 
# 
loop_
_pdbx_struct_sheet_hbond.sheet_id 
_pdbx_struct_sheet_hbond.range_id_1 
_pdbx_struct_sheet_hbond.range_id_2 
_pdbx_struct_sheet_hbond.range_1_label_atom_id 
_pdbx_struct_sheet_hbond.range_1_label_comp_id 
_pdbx_struct_sheet_hbond.range_1_label_asym_id 
_pdbx_struct_sheet_hbond.range_1_label_seq_id 
_pdbx_struct_sheet_hbond.range_1_PDB_ins_code 
_pdbx_struct_sheet_hbond.range_1_auth_atom_id 
_pdbx_struct_sheet_hbond.range_1_auth_comp_id 
_pdbx_struct_sheet_hbond.range_1_auth_asym_id 
_pdbx_struct_sheet_hbond.range_1_auth_seq_id 
_pdbx_struct_sheet_hbond.range_2_label_atom_id 
_pdbx_struct_sheet_hbond.range_2_label_comp_id 
_pdbx_struct_sheet_hbond.range_2_label_asym_id 
_pdbx_struct_sheet_hbond.range_2_label_seq_id 
_pdbx_struct_sheet_hbond.range_2_PDB_ins_code 
_pdbx_struct_sheet_hbond.range_2_auth_atom_id 
_pdbx_struct_sheet_hbond.range_2_auth_comp_id 
_pdbx_struct_sheet_hbond.range_2_auth_asym_id 
_pdbx_struct_sheet_hbond.range_2_auth_seq_id 
A 1 2 N HIS A 6  ? N HIS A 17 O TYR A 31 ? O TYR A 42  
B 1 2 N VAL A 10 ? N VAL A 21 O TYR A 27 ? O TYR A 38  
C 1 2 N GLU A 72 ? N GLU A 83 O GLU A 98 ? O GLU A 109 
# 
loop_
_struct_site.id 
_struct_site.pdbx_evidence_code 
_struct_site.pdbx_auth_asym_id 
_struct_site.pdbx_auth_comp_id 
_struct_site.pdbx_auth_seq_id 
_struct_site.pdbx_auth_ins_code 
_struct_site.pdbx_num_residues 
_struct_site.details 
AC1 Software A MPD 1 ? 4 'BINDING SITE FOR RESIDUE MPD A 1' 
AC2 Software A MPD 2 ? 1 'BINDING SITE FOR RESIDUE MPD A 2' 
# 
loop_
_struct_site_gen.id 
_struct_site_gen.site_id 
_struct_site_gen.pdbx_num_res 
_struct_site_gen.label_comp_id 
_struct_site_gen.label_asym_id 
_struct_site_gen.label_seq_id 
_struct_site_gen.pdbx_auth_ins_code 
_struct_site_gen.auth_comp_id 
_struct_site_gen.auth_asym_id 
_struct_site_gen.auth_seq_id 
_struct_site_gen.label_atom_id 
_struct_site_gen.label_alt_id 
_struct_site_gen.symmetry 
_struct_site_gen.details 
1 AC1 4 ALA A 23 ? ALA A 34  . ? 1_555 ? 
2 AC1 4 SER A 77 ? SER A 88  . ? 1_555 ? 
3 AC1 4 SER A 77 ? SER A 88  . ? 4_554 ? 
4 AC1 4 ASN A 91 ? ASN A 102 . ? 4_554 ? 
5 AC2 1 ASN A 48 ? ASN A 59  . ? 1_555 ? 
# 
_pdbx_entry_details.entry_id                   1REU 
_pdbx_entry_details.compound_details           ? 
_pdbx_entry_details.source_details             ? 
_pdbx_entry_details.nonpolymer_details         ? 
_pdbx_entry_details.sequence_details           ? 
_pdbx_entry_details.has_ligand_of_interest     ? 
_pdbx_entry_details.has_protein_modification   Y 
# 
loop_
_pdbx_validate_torsion.id 
_pdbx_validate_torsion.PDB_model_num 
_pdbx_validate_torsion.auth_comp_id 
_pdbx_validate_torsion.auth_asym_id 
_pdbx_validate_torsion.auth_seq_id 
_pdbx_validate_torsion.PDB_ins_code 
_pdbx_validate_torsion.label_alt_id 
_pdbx_validate_torsion.phi 
_pdbx_validate_torsion.psi 
1 1 PHE A 41 ? ? 64.70   177.67 
2 1 PRO A 48 ? ? -47.13  169.00 
3 1 PHE A 49 ? ? -172.91 118.56 
4 1 ASP A 53 ? ? -76.51  -79.55 
5 1 HIS A 54 ? ? -71.69  24.91  
# 
loop_
_chem_comp_atom.comp_id 
_chem_comp_atom.atom_id 
_chem_comp_atom.type_symbol 
_chem_comp_atom.pdbx_aromatic_flag 
_chem_comp_atom.pdbx_stereo_config 
_chem_comp_atom.pdbx_ordinal 
ALA N    N N N 1   
ALA CA   C N S 2   
ALA C    C N N 3   
ALA O    O N N 4   
ALA CB   C N N 5   
ALA OXT  O N N 6   
ALA H    H N N 7   
ALA H2   H N N 8   
ALA HA   H N N 9   
ALA HB1  H N N 10  
ALA HB2  H N N 11  
ALA HB3  H N N 12  
ALA HXT  H N N 13  
ARG N    N N N 14  
ARG CA   C N S 15  
ARG C    C N N 16  
ARG O    O N N 17  
ARG CB   C N N 18  
ARG CG   C N N 19  
ARG CD   C N N 20  
ARG NE   N N N 21  
ARG CZ   C N N 22  
ARG NH1  N N N 23  
ARG NH2  N N N 24  
ARG OXT  O N N 25  
ARG H    H N N 26  
ARG H2   H N N 27  
ARG HA   H N N 28  
ARG HB2  H N N 29  
ARG HB3  H N N 30  
ARG HG2  H N N 31  
ARG HG3  H N N 32  
ARG HD2  H N N 33  
ARG HD3  H N N 34  
ARG HE   H N N 35  
ARG HH11 H N N 36  
ARG HH12 H N N 37  
ARG HH21 H N N 38  
ARG HH22 H N N 39  
ARG HXT  H N N 40  
ASN N    N N N 41  
ASN CA   C N S 42  
ASN C    C N N 43  
ASN O    O N N 44  
ASN CB   C N N 45  
ASN CG   C N N 46  
ASN OD1  O N N 47  
ASN ND2  N N N 48  
ASN OXT  O N N 49  
ASN H    H N N 50  
ASN H2   H N N 51  
ASN HA   H N N 52  
ASN HB2  H N N 53  
ASN HB3  H N N 54  
ASN HD21 H N N 55  
ASN HD22 H N N 56  
ASN HXT  H N N 57  
ASP N    N N N 58  
ASP CA   C N S 59  
ASP C    C N N 60  
ASP O    O N N 61  
ASP CB   C N N 62  
ASP CG   C N N 63  
ASP OD1  O N N 64  
ASP OD2  O N N 65  
ASP OXT  O N N 66  
ASP H    H N N 67  
ASP H2   H N N 68  
ASP HA   H N N 69  
ASP HB2  H N N 70  
ASP HB3  H N N 71  
ASP HD2  H N N 72  
ASP HXT  H N N 73  
CYS N    N N N 74  
CYS CA   C N R 75  
CYS C    C N N 76  
CYS O    O N N 77  
CYS CB   C N N 78  
CYS SG   S N N 79  
CYS OXT  O N N 80  
CYS H    H N N 81  
CYS H2   H N N 82  
CYS HA   H N N 83  
CYS HB2  H N N 84  
CYS HB3  H N N 85  
CYS HG   H N N 86  
CYS HXT  H N N 87  
GLN N    N N N 88  
GLN CA   C N S 89  
GLN C    C N N 90  
GLN O    O N N 91  
GLN CB   C N N 92  
GLN CG   C N N 93  
GLN CD   C N N 94  
GLN OE1  O N N 95  
GLN NE2  N N N 96  
GLN OXT  O N N 97  
GLN H    H N N 98  
GLN H2   H N N 99  
GLN HA   H N N 100 
GLN HB2  H N N 101 
GLN HB3  H N N 102 
GLN HG2  H N N 103 
GLN HG3  H N N 104 
GLN HE21 H N N 105 
GLN HE22 H N N 106 
GLN HXT  H N N 107 
GLU N    N N N 108 
GLU CA   C N S 109 
GLU C    C N N 110 
GLU O    O N N 111 
GLU CB   C N N 112 
GLU CG   C N N 113 
GLU CD   C N N 114 
GLU OE1  O N N 115 
GLU OE2  O N N 116 
GLU OXT  O N N 117 
GLU H    H N N 118 
GLU H2   H N N 119 
GLU HA   H N N 120 
GLU HB2  H N N 121 
GLU HB3  H N N 122 
GLU HG2  H N N 123 
GLU HG3  H N N 124 
GLU HE2  H N N 125 
GLU HXT  H N N 126 
GLY N    N N N 127 
GLY CA   C N N 128 
GLY C    C N N 129 
GLY O    O N N 130 
GLY OXT  O N N 131 
GLY H    H N N 132 
GLY H2   H N N 133 
GLY HA2  H N N 134 
GLY HA3  H N N 135 
GLY HXT  H N N 136 
HIS N    N N N 137 
HIS CA   C N S 138 
HIS C    C N N 139 
HIS O    O N N 140 
HIS CB   C N N 141 
HIS CG   C Y N 142 
HIS ND1  N Y N 143 
HIS CD2  C Y N 144 
HIS CE1  C Y N 145 
HIS NE2  N Y N 146 
HIS OXT  O N N 147 
HIS H    H N N 148 
HIS H2   H N N 149 
HIS HA   H N N 150 
HIS HB2  H N N 151 
HIS HB3  H N N 152 
HIS HD1  H N N 153 
HIS HD2  H N N 154 
HIS HE1  H N N 155 
HIS HE2  H N N 156 
HIS HXT  H N N 157 
HOH O    O N N 158 
HOH H1   H N N 159 
HOH H2   H N N 160 
ILE N    N N N 161 
ILE CA   C N S 162 
ILE C    C N N 163 
ILE O    O N N 164 
ILE CB   C N S 165 
ILE CG1  C N N 166 
ILE CG2  C N N 167 
ILE CD1  C N N 168 
ILE OXT  O N N 169 
ILE H    H N N 170 
ILE H2   H N N 171 
ILE HA   H N N 172 
ILE HB   H N N 173 
ILE HG12 H N N 174 
ILE HG13 H N N 175 
ILE HG21 H N N 176 
ILE HG22 H N N 177 
ILE HG23 H N N 178 
ILE HD11 H N N 179 
ILE HD12 H N N 180 
ILE HD13 H N N 181 
ILE HXT  H N N 182 
LEU N    N N N 183 
LEU CA   C N S 184 
LEU C    C N N 185 
LEU O    O N N 186 
LEU CB   C N N 187 
LEU CG   C N N 188 
LEU CD1  C N N 189 
LEU CD2  C N N 190 
LEU OXT  O N N 191 
LEU H    H N N 192 
LEU H2   H N N 193 
LEU HA   H N N 194 
LEU HB2  H N N 195 
LEU HB3  H N N 196 
LEU HG   H N N 197 
LEU HD11 H N N 198 
LEU HD12 H N N 199 
LEU HD13 H N N 200 
LEU HD21 H N N 201 
LEU HD22 H N N 202 
LEU HD23 H N N 203 
LEU HXT  H N N 204 
LYS N    N N N 205 
LYS CA   C N S 206 
LYS C    C N N 207 
LYS O    O N N 208 
LYS CB   C N N 209 
LYS CG   C N N 210 
LYS CD   C N N 211 
LYS CE   C N N 212 
LYS NZ   N N N 213 
LYS OXT  O N N 214 
LYS H    H N N 215 
LYS H2   H N N 216 
LYS HA   H N N 217 
LYS HB2  H N N 218 
LYS HB3  H N N 219 
LYS HG2  H N N 220 
LYS HG3  H N N 221 
LYS HD2  H N N 222 
LYS HD3  H N N 223 
LYS HE2  H N N 224 
LYS HE3  H N N 225 
LYS HZ1  H N N 226 
LYS HZ2  H N N 227 
LYS HZ3  H N N 228 
LYS HXT  H N N 229 
MET N    N N N 230 
MET CA   C N S 231 
MET C    C N N 232 
MET O    O N N 233 
MET CB   C N N 234 
MET CG   C N N 235 
MET SD   S N N 236 
MET CE   C N N 237 
MET OXT  O N N 238 
MET H    H N N 239 
MET H2   H N N 240 
MET HA   H N N 241 
MET HB2  H N N 242 
MET HB3  H N N 243 
MET HG2  H N N 244 
MET HG3  H N N 245 
MET HE1  H N N 246 
MET HE2  H N N 247 
MET HE3  H N N 248 
MET HXT  H N N 249 
MPD C1   C N N 250 
MPD C2   C N N 251 
MPD O2   O N N 252 
MPD CM   C N N 253 
MPD C3   C N N 254 
MPD C4   C N S 255 
MPD O4   O N N 256 
MPD C5   C N N 257 
MPD H11  H N N 258 
MPD H12  H N N 259 
MPD H13  H N N 260 
MPD HO2  H N N 261 
MPD HM1  H N N 262 
MPD HM2  H N N 263 
MPD HM3  H N N 264 
MPD H31  H N N 265 
MPD H32  H N N 266 
MPD H4   H N N 267 
MPD HO4  H N N 268 
MPD H51  H N N 269 
MPD H52  H N N 270 
MPD H53  H N N 271 
PHE N    N N N 272 
PHE CA   C N S 273 
PHE C    C N N 274 
PHE O    O N N 275 
PHE CB   C N N 276 
PHE CG   C Y N 277 
PHE CD1  C Y N 278 
PHE CD2  C Y N 279 
PHE CE1  C Y N 280 
PHE CE2  C Y N 281 
PHE CZ   C Y N 282 
PHE OXT  O N N 283 
PHE H    H N N 284 
PHE H2   H N N 285 
PHE HA   H N N 286 
PHE HB2  H N N 287 
PHE HB3  H N N 288 
PHE HD1  H N N 289 
PHE HD2  H N N 290 
PHE HE1  H N N 291 
PHE HE2  H N N 292 
PHE HZ   H N N 293 
PHE HXT  H N N 294 
PRO N    N N N 295 
PRO CA   C N S 296 
PRO C    C N N 297 
PRO O    O N N 298 
PRO CB   C N N 299 
PRO CG   C N N 300 
PRO CD   C N N 301 
PRO OXT  O N N 302 
PRO H    H N N 303 
PRO HA   H N N 304 
PRO HB2  H N N 305 
PRO HB3  H N N 306 
PRO HG2  H N N 307 
PRO HG3  H N N 308 
PRO HD2  H N N 309 
PRO HD3  H N N 310 
PRO HXT  H N N 311 
SER N    N N N 312 
SER CA   C N S 313 
SER C    C N N 314 
SER O    O N N 315 
SER CB   C N N 316 
SER OG   O N N 317 
SER OXT  O N N 318 
SER H    H N N 319 
SER H2   H N N 320 
SER HA   H N N 321 
SER HB2  H N N 322 
SER HB3  H N N 323 
SER HG   H N N 324 
SER HXT  H N N 325 
THR N    N N N 326 
THR CA   C N S 327 
THR C    C N N 328 
THR O    O N N 329 
THR CB   C N R 330 
THR OG1  O N N 331 
THR CG2  C N N 332 
THR OXT  O N N 333 
THR H    H N N 334 
THR H2   H N N 335 
THR HA   H N N 336 
THR HB   H N N 337 
THR HG1  H N N 338 
THR HG21 H N N 339 
THR HG22 H N N 340 
THR HG23 H N N 341 
THR HXT  H N N 342 
TRP N    N N N 343 
TRP CA   C N S 344 
TRP C    C N N 345 
TRP O    O N N 346 
TRP CB   C N N 347 
TRP CG   C Y N 348 
TRP CD1  C Y N 349 
TRP CD2  C Y N 350 
TRP NE1  N Y N 351 
TRP CE2  C Y N 352 
TRP CE3  C Y N 353 
TRP CZ2  C Y N 354 
TRP CZ3  C Y N 355 
TRP CH2  C Y N 356 
TRP OXT  O N N 357 
TRP H    H N N 358 
TRP H2   H N N 359 
TRP HA   H N N 360 
TRP HB2  H N N 361 
TRP HB3  H N N 362 
TRP HD1  H N N 363 
TRP HE1  H N N 364 
TRP HE3  H N N 365 
TRP HZ2  H N N 366 
TRP HZ3  H N N 367 
TRP HH2  H N N 368 
TRP HXT  H N N 369 
TYR N    N N N 370 
TYR CA   C N S 371 
TYR C    C N N 372 
TYR O    O N N 373 
TYR CB   C N N 374 
TYR CG   C Y N 375 
TYR CD1  C Y N 376 
TYR CD2  C Y N 377 
TYR CE1  C Y N 378 
TYR CE2  C Y N 379 
TYR CZ   C Y N 380 
TYR OH   O N N 381 
TYR OXT  O N N 382 
TYR H    H N N 383 
TYR H2   H N N 384 
TYR HA   H N N 385 
TYR HB2  H N N 386 
TYR HB3  H N N 387 
TYR HD1  H N N 388 
TYR HD2  H N N 389 
TYR HE1  H N N 390 
TYR HE2  H N N 391 
TYR HH   H N N 392 
TYR HXT  H N N 393 
VAL N    N N N 394 
VAL CA   C N S 395 
VAL C    C N N 396 
VAL O    O N N 397 
VAL CB   C N N 398 
VAL CG1  C N N 399 
VAL CG2  C N N 400 
VAL OXT  O N N 401 
VAL H    H N N 402 
VAL H2   H N N 403 
VAL HA   H N N 404 
VAL HB   H N N 405 
VAL HG11 H N N 406 
VAL HG12 H N N 407 
VAL HG13 H N N 408 
VAL HG21 H N N 409 
VAL HG22 H N N 410 
VAL HG23 H N N 411 
VAL HXT  H N N 412 
# 
loop_
_chem_comp_bond.comp_id 
_chem_comp_bond.atom_id_1 
_chem_comp_bond.atom_id_2 
_chem_comp_bond.value_order 
_chem_comp_bond.pdbx_aromatic_flag 
_chem_comp_bond.pdbx_stereo_config 
_chem_comp_bond.pdbx_ordinal 
ALA N   CA   sing N N 1   
ALA N   H    sing N N 2   
ALA N   H2   sing N N 3   
ALA CA  C    sing N N 4   
ALA CA  CB   sing N N 5   
ALA CA  HA   sing N N 6   
ALA C   O    doub N N 7   
ALA C   OXT  sing N N 8   
ALA CB  HB1  sing N N 9   
ALA CB  HB2  sing N N 10  
ALA CB  HB3  sing N N 11  
ALA OXT HXT  sing N N 12  
ARG N   CA   sing N N 13  
ARG N   H    sing N N 14  
ARG N   H2   sing N N 15  
ARG CA  C    sing N N 16  
ARG CA  CB   sing N N 17  
ARG CA  HA   sing N N 18  
ARG C   O    doub N N 19  
ARG C   OXT  sing N N 20  
ARG CB  CG   sing N N 21  
ARG CB  HB2  sing N N 22  
ARG CB  HB3  sing N N 23  
ARG CG  CD   sing N N 24  
ARG CG  HG2  sing N N 25  
ARG CG  HG3  sing N N 26  
ARG CD  NE   sing N N 27  
ARG CD  HD2  sing N N 28  
ARG CD  HD3  sing N N 29  
ARG NE  CZ   sing N N 30  
ARG NE  HE   sing N N 31  
ARG CZ  NH1  sing N N 32  
ARG CZ  NH2  doub N N 33  
ARG NH1 HH11 sing N N 34  
ARG NH1 HH12 sing N N 35  
ARG NH2 HH21 sing N N 36  
ARG NH2 HH22 sing N N 37  
ARG OXT HXT  sing N N 38  
ASN N   CA   sing N N 39  
ASN N   H    sing N N 40  
ASN N   H2   sing N N 41  
ASN CA  C    sing N N 42  
ASN CA  CB   sing N N 43  
ASN CA  HA   sing N N 44  
ASN C   O    doub N N 45  
ASN C   OXT  sing N N 46  
ASN CB  CG   sing N N 47  
ASN CB  HB2  sing N N 48  
ASN CB  HB3  sing N N 49  
ASN CG  OD1  doub N N 50  
ASN CG  ND2  sing N N 51  
ASN ND2 HD21 sing N N 52  
ASN ND2 HD22 sing N N 53  
ASN OXT HXT  sing N N 54  
ASP N   CA   sing N N 55  
ASP N   H    sing N N 56  
ASP N   H2   sing N N 57  
ASP CA  C    sing N N 58  
ASP CA  CB   sing N N 59  
ASP CA  HA   sing N N 60  
ASP C   O    doub N N 61  
ASP C   OXT  sing N N 62  
ASP CB  CG   sing N N 63  
ASP CB  HB2  sing N N 64  
ASP CB  HB3  sing N N 65  
ASP CG  OD1  doub N N 66  
ASP CG  OD2  sing N N 67  
ASP OD2 HD2  sing N N 68  
ASP OXT HXT  sing N N 69  
CYS N   CA   sing N N 70  
CYS N   H    sing N N 71  
CYS N   H2   sing N N 72  
CYS CA  C    sing N N 73  
CYS CA  CB   sing N N 74  
CYS CA  HA   sing N N 75  
CYS C   O    doub N N 76  
CYS C   OXT  sing N N 77  
CYS CB  SG   sing N N 78  
CYS CB  HB2  sing N N 79  
CYS CB  HB3  sing N N 80  
CYS SG  HG   sing N N 81  
CYS OXT HXT  sing N N 82  
GLN N   CA   sing N N 83  
GLN N   H    sing N N 84  
GLN N   H2   sing N N 85  
GLN CA  C    sing N N 86  
GLN CA  CB   sing N N 87  
GLN CA  HA   sing N N 88  
GLN C   O    doub N N 89  
GLN C   OXT  sing N N 90  
GLN CB  CG   sing N N 91  
GLN CB  HB2  sing N N 92  
GLN CB  HB3  sing N N 93  
GLN CG  CD   sing N N 94  
GLN CG  HG2  sing N N 95  
GLN CG  HG3  sing N N 96  
GLN CD  OE1  doub N N 97  
GLN CD  NE2  sing N N 98  
GLN NE2 HE21 sing N N 99  
GLN NE2 HE22 sing N N 100 
GLN OXT HXT  sing N N 101 
GLU N   CA   sing N N 102 
GLU N   H    sing N N 103 
GLU N   H2   sing N N 104 
GLU CA  C    sing N N 105 
GLU CA  CB   sing N N 106 
GLU CA  HA   sing N N 107 
GLU C   O    doub N N 108 
GLU C   OXT  sing N N 109 
GLU CB  CG   sing N N 110 
GLU CB  HB2  sing N N 111 
GLU CB  HB3  sing N N 112 
GLU CG  CD   sing N N 113 
GLU CG  HG2  sing N N 114 
GLU CG  HG3  sing N N 115 
GLU CD  OE1  doub N N 116 
GLU CD  OE2  sing N N 117 
GLU OE2 HE2  sing N N 118 
GLU OXT HXT  sing N N 119 
GLY N   CA   sing N N 120 
GLY N   H    sing N N 121 
GLY N   H2   sing N N 122 
GLY CA  C    sing N N 123 
GLY CA  HA2  sing N N 124 
GLY CA  HA3  sing N N 125 
GLY C   O    doub N N 126 
GLY C   OXT  sing N N 127 
GLY OXT HXT  sing N N 128 
HIS N   CA   sing N N 129 
HIS N   H    sing N N 130 
HIS N   H2   sing N N 131 
HIS CA  C    sing N N 132 
HIS CA  CB   sing N N 133 
HIS CA  HA   sing N N 134 
HIS C   O    doub N N 135 
HIS C   OXT  sing N N 136 
HIS CB  CG   sing N N 137 
HIS CB  HB2  sing N N 138 
HIS CB  HB3  sing N N 139 
HIS CG  ND1  sing Y N 140 
HIS CG  CD2  doub Y N 141 
HIS ND1 CE1  doub Y N 142 
HIS ND1 HD1  sing N N 143 
HIS CD2 NE2  sing Y N 144 
HIS CD2 HD2  sing N N 145 
HIS CE1 NE2  sing Y N 146 
HIS CE1 HE1  sing N N 147 
HIS NE2 HE2  sing N N 148 
HIS OXT HXT  sing N N 149 
HOH O   H1   sing N N 150 
HOH O   H2   sing N N 151 
ILE N   CA   sing N N 152 
ILE N   H    sing N N 153 
ILE N   H2   sing N N 154 
ILE CA  C    sing N N 155 
ILE CA  CB   sing N N 156 
ILE CA  HA   sing N N 157 
ILE C   O    doub N N 158 
ILE C   OXT  sing N N 159 
ILE CB  CG1  sing N N 160 
ILE CB  CG2  sing N N 161 
ILE CB  HB   sing N N 162 
ILE CG1 CD1  sing N N 163 
ILE CG1 HG12 sing N N 164 
ILE CG1 HG13 sing N N 165 
ILE CG2 HG21 sing N N 166 
ILE CG2 HG22 sing N N 167 
ILE CG2 HG23 sing N N 168 
ILE CD1 HD11 sing N N 169 
ILE CD1 HD12 sing N N 170 
ILE CD1 HD13 sing N N 171 
ILE OXT HXT  sing N N 172 
LEU N   CA   sing N N 173 
LEU N   H    sing N N 174 
LEU N   H2   sing N N 175 
LEU CA  C    sing N N 176 
LEU CA  CB   sing N N 177 
LEU CA  HA   sing N N 178 
LEU C   O    doub N N 179 
LEU C   OXT  sing N N 180 
LEU CB  CG   sing N N 181 
LEU CB  HB2  sing N N 182 
LEU CB  HB3  sing N N 183 
LEU CG  CD1  sing N N 184 
LEU CG  CD2  sing N N 185 
LEU CG  HG   sing N N 186 
LEU CD1 HD11 sing N N 187 
LEU CD1 HD12 sing N N 188 
LEU CD1 HD13 sing N N 189 
LEU CD2 HD21 sing N N 190 
LEU CD2 HD22 sing N N 191 
LEU CD2 HD23 sing N N 192 
LEU OXT HXT  sing N N 193 
LYS N   CA   sing N N 194 
LYS N   H    sing N N 195 
LYS N   H2   sing N N 196 
LYS CA  C    sing N N 197 
LYS CA  CB   sing N N 198 
LYS CA  HA   sing N N 199 
LYS C   O    doub N N 200 
LYS C   OXT  sing N N 201 
LYS CB  CG   sing N N 202 
LYS CB  HB2  sing N N 203 
LYS CB  HB3  sing N N 204 
LYS CG  CD   sing N N 205 
LYS CG  HG2  sing N N 206 
LYS CG  HG3  sing N N 207 
LYS CD  CE   sing N N 208 
LYS CD  HD2  sing N N 209 
LYS CD  HD3  sing N N 210 
LYS CE  NZ   sing N N 211 
LYS CE  HE2  sing N N 212 
LYS CE  HE3  sing N N 213 
LYS NZ  HZ1  sing N N 214 
LYS NZ  HZ2  sing N N 215 
LYS NZ  HZ3  sing N N 216 
LYS OXT HXT  sing N N 217 
MET N   CA   sing N N 218 
MET N   H    sing N N 219 
MET N   H2   sing N N 220 
MET CA  C    sing N N 221 
MET CA  CB   sing N N 222 
MET CA  HA   sing N N 223 
MET C   O    doub N N 224 
MET C   OXT  sing N N 225 
MET CB  CG   sing N N 226 
MET CB  HB2  sing N N 227 
MET CB  HB3  sing N N 228 
MET CG  SD   sing N N 229 
MET CG  HG2  sing N N 230 
MET CG  HG3  sing N N 231 
MET SD  CE   sing N N 232 
MET CE  HE1  sing N N 233 
MET CE  HE2  sing N N 234 
MET CE  HE3  sing N N 235 
MET OXT HXT  sing N N 236 
MPD C1  C2   sing N N 237 
MPD C1  H11  sing N N 238 
MPD C1  H12  sing N N 239 
MPD C1  H13  sing N N 240 
MPD C2  O2   sing N N 241 
MPD C2  CM   sing N N 242 
MPD C2  C3   sing N N 243 
MPD O2  HO2  sing N N 244 
MPD CM  HM1  sing N N 245 
MPD CM  HM2  sing N N 246 
MPD CM  HM3  sing N N 247 
MPD C3  C4   sing N N 248 
MPD C3  H31  sing N N 249 
MPD C3  H32  sing N N 250 
MPD C4  O4   sing N N 251 
MPD C4  C5   sing N N 252 
MPD C4  H4   sing N N 253 
MPD O4  HO4  sing N N 254 
MPD C5  H51  sing N N 255 
MPD C5  H52  sing N N 256 
MPD C5  H53  sing N N 257 
PHE N   CA   sing N N 258 
PHE N   H    sing N N 259 
PHE N   H2   sing N N 260 
PHE CA  C    sing N N 261 
PHE CA  CB   sing N N 262 
PHE CA  HA   sing N N 263 
PHE C   O    doub N N 264 
PHE C   OXT  sing N N 265 
PHE CB  CG   sing N N 266 
PHE CB  HB2  sing N N 267 
PHE CB  HB3  sing N N 268 
PHE CG  CD1  doub Y N 269 
PHE CG  CD2  sing Y N 270 
PHE CD1 CE1  sing Y N 271 
PHE CD1 HD1  sing N N 272 
PHE CD2 CE2  doub Y N 273 
PHE CD2 HD2  sing N N 274 
PHE CE1 CZ   doub Y N 275 
PHE CE1 HE1  sing N N 276 
PHE CE2 CZ   sing Y N 277 
PHE CE2 HE2  sing N N 278 
PHE CZ  HZ   sing N N 279 
PHE OXT HXT  sing N N 280 
PRO N   CA   sing N N 281 
PRO N   CD   sing N N 282 
PRO N   H    sing N N 283 
PRO CA  C    sing N N 284 
PRO CA  CB   sing N N 285 
PRO CA  HA   sing N N 286 
PRO C   O    doub N N 287 
PRO C   OXT  sing N N 288 
PRO CB  CG   sing N N 289 
PRO CB  HB2  sing N N 290 
PRO CB  HB3  sing N N 291 
PRO CG  CD   sing N N 292 
PRO CG  HG2  sing N N 293 
PRO CG  HG3  sing N N 294 
PRO CD  HD2  sing N N 295 
PRO CD  HD3  sing N N 296 
PRO OXT HXT  sing N N 297 
SER N   CA   sing N N 298 
SER N   H    sing N N 299 
SER N   H2   sing N N 300 
SER CA  C    sing N N 301 
SER CA  CB   sing N N 302 
SER CA  HA   sing N N 303 
SER C   O    doub N N 304 
SER C   OXT  sing N N 305 
SER CB  OG   sing N N 306 
SER CB  HB2  sing N N 307 
SER CB  HB3  sing N N 308 
SER OG  HG   sing N N 309 
SER OXT HXT  sing N N 310 
THR N   CA   sing N N 311 
THR N   H    sing N N 312 
THR N   H2   sing N N 313 
THR CA  C    sing N N 314 
THR CA  CB   sing N N 315 
THR CA  HA   sing N N 316 
THR C   O    doub N N 317 
THR C   OXT  sing N N 318 
THR CB  OG1  sing N N 319 
THR CB  CG2  sing N N 320 
THR CB  HB   sing N N 321 
THR OG1 HG1  sing N N 322 
THR CG2 HG21 sing N N 323 
THR CG2 HG22 sing N N 324 
THR CG2 HG23 sing N N 325 
THR OXT HXT  sing N N 326 
TRP N   CA   sing N N 327 
TRP N   H    sing N N 328 
TRP N   H2   sing N N 329 
TRP CA  C    sing N N 330 
TRP CA  CB   sing N N 331 
TRP CA  HA   sing N N 332 
TRP C   O    doub N N 333 
TRP C   OXT  sing N N 334 
TRP CB  CG   sing N N 335 
TRP CB  HB2  sing N N 336 
TRP CB  HB3  sing N N 337 
TRP CG  CD1  doub Y N 338 
TRP CG  CD2  sing Y N 339 
TRP CD1 NE1  sing Y N 340 
TRP CD1 HD1  sing N N 341 
TRP CD2 CE2  doub Y N 342 
TRP CD2 CE3  sing Y N 343 
TRP NE1 CE2  sing Y N 344 
TRP NE1 HE1  sing N N 345 
TRP CE2 CZ2  sing Y N 346 
TRP CE3 CZ3  doub Y N 347 
TRP CE3 HE3  sing N N 348 
TRP CZ2 CH2  doub Y N 349 
TRP CZ2 HZ2  sing N N 350 
TRP CZ3 CH2  sing Y N 351 
TRP CZ3 HZ3  sing N N 352 
TRP CH2 HH2  sing N N 353 
TRP OXT HXT  sing N N 354 
TYR N   CA   sing N N 355 
TYR N   H    sing N N 356 
TYR N   H2   sing N N 357 
TYR CA  C    sing N N 358 
TYR CA  CB   sing N N 359 
TYR CA  HA   sing N N 360 
TYR C   O    doub N N 361 
TYR C   OXT  sing N N 362 
TYR CB  CG   sing N N 363 
TYR CB  HB2  sing N N 364 
TYR CB  HB3  sing N N 365 
TYR CG  CD1  doub Y N 366 
TYR CG  CD2  sing Y N 367 
TYR CD1 CE1  sing Y N 368 
TYR CD1 HD1  sing N N 369 
TYR CD2 CE2  doub Y N 370 
TYR CD2 HD2  sing N N 371 
TYR CE1 CZ   doub Y N 372 
TYR CE1 HE1  sing N N 373 
TYR CE2 CZ   sing Y N 374 
TYR CE2 HE2  sing N N 375 
TYR CZ  OH   sing N N 376 
TYR OH  HH   sing N N 377 
TYR OXT HXT  sing N N 378 
VAL N   CA   sing N N 379 
VAL N   H    sing N N 380 
VAL N   H2   sing N N 381 
VAL CA  C    sing N N 382 
VAL CA  CB   sing N N 383 
VAL CA  HA   sing N N 384 
VAL C   O    doub N N 385 
VAL C   OXT  sing N N 386 
VAL CB  CG1  sing N N 387 
VAL CB  CG2  sing N N 388 
VAL CB  HB   sing N N 389 
VAL CG1 HG11 sing N N 390 
VAL CG1 HG12 sing N N 391 
VAL CG1 HG13 sing N N 392 
VAL CG2 HG21 sing N N 393 
VAL CG2 HG22 sing N N 394 
VAL CG2 HG23 sing N N 395 
VAL OXT HXT  sing N N 396 
# 
_pdbx_initial_refinement_model.id               1 
_pdbx_initial_refinement_model.entity_id_list   ? 
_pdbx_initial_refinement_model.type             'experimental model' 
_pdbx_initial_refinement_model.source_name      PDB 
_pdbx_initial_refinement_model.accession_code   3BMP 
_pdbx_initial_refinement_model.details          'PDB ENTRY 3BMP' 
# 
_atom_sites.entry_id                    1REU 
_atom_sites.fract_transf_matrix[1][1]   -0.01171168 
_atom_sites.fract_transf_matrix[1][2]   0.00287626 
_atom_sites.fract_transf_matrix[1][3]   0.00212620 
_atom_sites.fract_transf_matrix[2][1]   -0.00761872 
_atom_sites.fract_transf_matrix[2][2]   -0.00838688 
_atom_sites.fract_transf_matrix[2][3]   0.00464542 
_atom_sites.fract_transf_matrix[3][1]   0.00233468 
_atom_sites.fract_transf_matrix[3][2]   0.00285958 
_atom_sites.fract_transf_matrix[3][3]   0.00899169 
_atom_sites.fract_transf_vector[1]      -0.330290 
_atom_sites.fract_transf_vector[2]      -0.272987 
_atom_sites.fract_transf_vector[3]      -0.398997 
# 
loop_
_atom_type.symbol 
C 
N 
O 
S 
# 
loop_
_atom_site.group_PDB 
_atom_site.id 
_atom_site.type_symbol 
_atom_site.label_atom_id 
_atom_site.label_alt_id 
_atom_site.label_comp_id 
_atom_site.label_asym_id 
_atom_site.label_entity_id 
_atom_site.label_seq_id 
_atom_site.pdbx_PDB_ins_code 
_atom_site.Cartn_x 
_atom_site.Cartn_y 
_atom_site.Cartn_z 
_atom_site.occupancy 
_atom_site.B_iso_or_equiv 
_atom_site.pdbx_formal_charge 
_atom_site.auth_seq_id 
_atom_site.auth_comp_id 
_atom_site.auth_asym_id 
_atom_site.auth_atom_id 
_atom_site.pdbx_PDB_model_num 
ATOM   1   N N   . SER A 1 1   ? 16.413  -0.913  -8.586  1.00 78.80  ? 12  SER A N   1 
ATOM   2   C CA  . SER A 1 1   ? 14.924  -0.998  -8.456  1.00 78.25  ? 12  SER A CA  1 
ATOM   3   C C   . SER A 1 1   ? 14.374  0.154   -7.618  1.00 77.25  ? 12  SER A C   1 
ATOM   4   O O   . SER A 1 1   ? 14.388  0.098   -6.386  1.00 76.89  ? 12  SER A O   1 
ATOM   5   C CB  . SER A 1 1   ? 14.519  -2.334  -7.814  1.00 79.98  ? 12  SER A CB  1 
ATOM   6   O OG  . SER A 1 1   ? 14.814  -3.434  -8.663  1.00 80.25  ? 12  SER A OG  1 
ATOM   7   N N   . SER A 1 2   ? 13.885  1.191   -8.294  1.00 76.00  ? 13  SER A N   1 
ATOM   8   C CA  . SER A 1 2   ? 13.332  2.361   -7.618  1.00 75.30  ? 13  SER A CA  1 
ATOM   9   C C   . SER A 1 2   ? 11.934  2.078   -7.065  1.00 74.22  ? 13  SER A C   1 
ATOM   10  O O   . SER A 1 2   ? 11.372  1.011   -7.294  1.00 75.23  ? 13  SER A O   1 
ATOM   11  C CB  . SER A 1 2   ? 13.247  3.538   -8.587  1.00 75.18  ? 13  SER A CB  1 
ATOM   12  O OG  . SER A 1 2   ? 12.244  3.303   -9.562  1.00 76.17  ? 13  SER A OG  1 
ATOM   13  N N   . CYS A 1 3   ? 11.382  3.049   -6.343  1.00 71.93  ? 14  CYS A N   1 
ATOM   14  C CA  . CYS A 1 3   ? 10.046  2.941   -5.760  1.00 69.05  ? 14  CYS A CA  1 
ATOM   15  C C   . CYS A 1 3   ? 8.972   2.930   -6.855  1.00 68.54  ? 14  CYS A C   1 
ATOM   16  O O   . CYS A 1 3   ? 8.794   3.917   -7.572  1.00 67.66  ? 14  CYS A O   1 
ATOM   17  C CB  . CYS A 1 3   ? 9.817   4.122   -4.817  1.00 65.51  ? 14  CYS A CB  1 
ATOM   18  S SG  . CYS A 1 3   ? 8.224   4.183   -3.941  1.00 57.69  ? 14  CYS A SG  1 
ATOM   19  N N   . LYS A 1 4   ? 8.261   1.812   -6.974  1.00 67.73  ? 15  LYS A N   1 
ATOM   20  C CA  . LYS A 1 4   ? 7.218   1.667   -7.984  1.00 67.84  ? 15  LYS A CA  1 
ATOM   21  C C   . LYS A 1 4   ? 6.123   0.745   -7.480  1.00 66.58  ? 15  LYS A C   1 
ATOM   22  O O   . LYS A 1 4   ? 6.275   0.107   -6.432  1.00 66.34  ? 15  LYS A O   1 
ATOM   23  C CB  . LYS A 1 4   ? 7.800   1.080   -9.278  1.00 71.57  ? 15  LYS A CB  1 
ATOM   24  C CG  . LYS A 1 4   ? 8.780   1.994   -10.015 1.00 78.86  ? 15  LYS A CG  1 
ATOM   25  C CD  . LYS A 1 4   ? 9.269   1.368   -11.323 1.00 83.70  ? 15  LYS A CD  1 
ATOM   26  C CE  . LYS A 1 4   ? 10.213  2.308   -12.078 1.00 86.35  ? 15  LYS A CE  1 
ATOM   27  N NZ  . LYS A 1 4   ? 10.686  1.736   -13.383 1.00 88.07  ? 15  LYS A NZ  1 
ATOM   28  N N   . ARG A 1 5   ? 5.020   0.676   -8.224  1.00 65.10  ? 16  ARG A N   1 
ATOM   29  C CA  . ARG A 1 5   ? 3.922   -0.201  -7.841  1.00 64.39  ? 16  ARG A CA  1 
ATOM   30  C C   . ARG A 1 5   ? 4.133   -1.605  -8.398  1.00 64.32  ? 16  ARG A C   1 
ATOM   31  O O   . ARG A 1 5   ? 4.646   -1.784  -9.503  1.00 63.33  ? 16  ARG A O   1 
ATOM   32  C CB  . ARG A 1 5   ? 2.573   0.337   -8.328  1.00 62.56  ? 16  ARG A CB  1 
ATOM   33  C CG  . ARG A 1 5   ? 1.425   -0.572  -7.923  1.00 61.81  ? 16  ARG A CG  1 
ATOM   34  C CD  . ARG A 1 5   ? 0.039   0.007   -8.175  1.00 62.47  ? 16  ARG A CD  1 
ATOM   35  N NE  . ARG A 1 5   ? -0.323  0.084   -9.589  1.00 62.34  ? 16  ARG A NE  1 
ATOM   36  C CZ  . ARG A 1 5   ? -1.573  0.175   -10.030 1.00 61.38  ? 16  ARG A CZ  1 
ATOM   37  N NH1 . ARG A 1 5   ? -2.583  0.195   -9.170  1.00 61.71  ? 16  ARG A NH1 1 
ATOM   38  N NH2 . ARG A 1 5   ? -1.822  0.260   -11.328 1.00 60.17  ? 16  ARG A NH2 1 
ATOM   39  N N   . HIS A 1 6   ? 3.741   -2.600  -7.614  1.00 64.88  ? 17  HIS A N   1 
ATOM   40  C CA  . HIS A 1 6   ? 3.880   -3.986  -8.022  1.00 65.83  ? 17  HIS A CA  1 
ATOM   41  C C   . HIS A 1 6   ? 2.558   -4.746  -7.941  1.00 65.47  ? 17  HIS A C   1 
ATOM   42  O O   . HIS A 1 6   ? 1.694   -4.430  -7.123  1.00 65.21  ? 17  HIS A O   1 
ATOM   43  C CB  . HIS A 1 6   ? 4.935   -4.685  -7.161  1.00 68.21  ? 17  HIS A CB  1 
ATOM   44  C CG  . HIS A 1 6   ? 6.320   -4.166  -7.381  1.00 72.86  ? 17  HIS A CG  1 
ATOM   45  N ND1 . HIS A 1 6   ? 6.774   -2.990  -6.824  1.00 74.75  ? 17  HIS A ND1 1 
ATOM   46  C CD2 . HIS A 1 6   ? 7.333   -4.631  -8.153  1.00 73.27  ? 17  HIS A CD2 1 
ATOM   47  C CE1 . HIS A 1 6   ? 8.003   -2.750  -7.243  1.00 74.61  ? 17  HIS A CE1 1 
ATOM   48  N NE2 . HIS A 1 6   ? 8.365   -3.731  -8.051  1.00 75.83  ? 17  HIS A NE2 1 
ATOM   49  N N   . PRO A 1 7   ? 2.379   -5.749  -8.818  1.00 64.93  ? 18  PRO A N   1 
ATOM   50  C CA  . PRO A 1 7   ? 1.160   -6.560  -8.844  1.00 63.28  ? 18  PRO A CA  1 
ATOM   51  C C   . PRO A 1 7   ? 1.053   -7.406  -7.594  1.00 61.78  ? 18  PRO A C   1 
ATOM   52  O O   . PRO A 1 7   ? 2.061   -7.847  -7.056  1.00 62.41  ? 18  PRO A O   1 
ATOM   53  C CB  . PRO A 1 7   ? 1.346   -7.419  -10.094 1.00 63.34  ? 18  PRO A CB  1 
ATOM   54  C CG  . PRO A 1 7   ? 2.142   -6.542  -10.992 1.00 64.33  ? 18  PRO A CG  1 
ATOM   55  C CD  . PRO A 1 7   ? 3.175   -5.980  -10.039 1.00 65.07  ? 18  PRO A CD  1 
ATOM   56  N N   . LEU A 1 8   ? -0.169  -7.618  -7.127  1.00 60.97  ? 19  LEU A N   1 
ATOM   57  C CA  . LEU A 1 8   ? -0.412  -8.442  -5.949  1.00 60.60  ? 19  LEU A CA  1 
ATOM   58  C C   . LEU A 1 8   ? -1.895  -8.773  -5.848  1.00 60.91  ? 19  LEU A C   1 
ATOM   59  O O   . LEU A 1 8   ? -2.739  -7.882  -5.756  1.00 60.12  ? 19  LEU A O   1 
ATOM   60  C CB  . LEU A 1 8   ? 0.036   -7.737  -4.671  1.00 58.52  ? 19  LEU A CB  1 
ATOM   61  C CG  . LEU A 1 8   ? -0.412  -8.464  -3.398  1.00 60.04  ? 19  LEU A CG  1 
ATOM   62  C CD1 . LEU A 1 8   ? 0.182   -9.865  -3.347  1.00 60.00  ? 19  LEU A CD1 1 
ATOM   63  C CD2 . LEU A 1 8   ? 0.012   -7.669  -2.185  1.00 60.65  ? 19  LEU A CD2 1 
ATOM   64  N N   . TYR A 1 9   ? -2.204  -10.064 -5.874  1.00 61.31  ? 20  TYR A N   1 
ATOM   65  C CA  . TYR A 1 9   ? -3.584  -10.515 -5.779  1.00 61.38  ? 20  TYR A CA  1 
ATOM   66  C C   . TYR A 1 9   ? -3.775  -11.196 -4.440  1.00 60.63  ? 20  TYR A C   1 
ATOM   67  O O   . TYR A 1 9   ? -3.010  -12.079 -4.071  1.00 60.63  ? 20  TYR A O   1 
ATOM   68  C CB  . TYR A 1 9   ? -3.920  -11.480 -6.922  1.00 61.94  ? 20  TYR A CB  1 
ATOM   69  C CG  . TYR A 1 9   ? -5.376  -11.883 -6.964  1.00 62.73  ? 20  TYR A CG  1 
ATOM   70  C CD1 . TYR A 1 9   ? -5.869  -12.891 -6.129  1.00 62.58  ? 20  TYR A CD1 1 
ATOM   71  C CD2 . TYR A 1 9   ? -6.273  -11.226 -7.809  1.00 62.62  ? 20  TYR A CD2 1 
ATOM   72  C CE1 . TYR A 1 9   ? -7.222  -13.232 -6.131  1.00 63.21  ? 20  TYR A CE1 1 
ATOM   73  C CE2 . TYR A 1 9   ? -7.625  -11.558 -7.820  1.00 62.67  ? 20  TYR A CE2 1 
ATOM   74  C CZ  . TYR A 1 9   ? -8.094  -12.559 -6.980  1.00 64.30  ? 20  TYR A CZ  1 
ATOM   75  O OH  . TYR A 1 9   ? -9.436  -12.878 -6.981  1.00 65.22  ? 20  TYR A OH  1 
ATOM   76  N N   . VAL A 1 10  ? -4.791  -10.764 -3.707  1.00 60.24  ? 21  VAL A N   1 
ATOM   77  C CA  . VAL A 1 10  ? -5.058  -11.334 -2.405  1.00 60.70  ? 21  VAL A CA  1 
ATOM   78  C C   . VAL A 1 10  ? -6.240  -12.276 -2.491  1.00 62.52  ? 21  VAL A C   1 
ATOM   79  O O   . VAL A 1 10  ? -7.280  -11.951 -3.071  1.00 63.30  ? 21  VAL A O   1 
ATOM   80  C CB  . VAL A 1 10  ? -5.369  -10.243 -1.372  1.00 59.62  ? 21  VAL A CB  1 
ATOM   81  C CG1 . VAL A 1 10  ? -5.572  -10.865 0.000   1.00 57.29  ? 21  VAL A CG1 1 
ATOM   82  C CG2 . VAL A 1 10  ? -4.238  -9.237  -1.337  1.00 60.41  ? 21  VAL A CG2 1 
ATOM   83  N N   . ASP A 1 11  ? -6.069  -13.458 -1.921  1.00 62.91  ? 22  ASP A N   1 
ATOM   84  C CA  . ASP A 1 11  ? -7.124  -14.443 -1.922  1.00 63.80  ? 22  ASP A CA  1 
ATOM   85  C C   . ASP A 1 11  ? -7.591  -14.500 -0.482  1.00 64.60  ? 22  ASP A C   1 
ATOM   86  O O   . ASP A 1 11  ? -6.850  -14.939 0.395   1.00 65.45  ? 22  ASP A O   1 
ATOM   87  C CB  . ASP A 1 11  ? -6.572  -15.794 -2.363  1.00 64.54  ? 22  ASP A CB  1 
ATOM   88  C CG  . ASP A 1 11  ? -7.659  -16.800 -2.625  1.00 65.59  ? 22  ASP A CG  1 
ATOM   89  O OD1 . ASP A 1 11  ? -8.308  -16.714 -3.693  1.00 66.26  ? 22  ASP A OD1 1 
ATOM   90  O OD2 . ASP A 1 11  ? -7.870  -17.667 -1.751  1.00 66.74  ? 22  ASP A OD2 1 
ATOM   91  N N   . PHE A 1 12  ? -8.811  -14.048 -0.231  1.00 65.01  ? 23  PHE A N   1 
ATOM   92  C CA  . PHE A 1 12  ? -9.318  -14.028 1.129   1.00 65.89  ? 23  PHE A CA  1 
ATOM   93  C C   . PHE A 1 12  ? -9.257  -15.374 1.818   1.00 66.76  ? 23  PHE A C   1 
ATOM   94  O O   . PHE A 1 12  ? -9.359  -15.454 3.043   1.00 65.66  ? 23  PHE A O   1 
ATOM   95  C CB  . PHE A 1 12  ? -10.735 -13.452 1.146   1.00 67.14  ? 23  PHE A CB  1 
ATOM   96  C CG  . PHE A 1 12  ? -10.788 -11.998 0.765   1.00 68.00  ? 23  PHE A CG  1 
ATOM   97  C CD1 . PHE A 1 12  ? -10.071 -11.052 1.498   1.00 67.73  ? 23  PHE A CD1 1 
ATOM   98  C CD2 . PHE A 1 12  ? -11.505 -11.579 -0.352  1.00 67.45  ? 23  PHE A CD2 1 
ATOM   99  C CE1 . PHE A 1 12  ? -10.067 -9.709  1.122   1.00 68.11  ? 23  PHE A CE1 1 
ATOM   100 C CE2 . PHE A 1 12  ? -11.507 -10.241 -0.739  1.00 67.84  ? 23  PHE A CE2 1 
ATOM   101 C CZ  . PHE A 1 12  ? -10.783 -9.303  0.001   1.00 68.93  ? 23  PHE A CZ  1 
ATOM   102 N N   . SER A 1 13  ? -9.067  -16.430 1.032   1.00 68.95  ? 24  SER A N   1 
ATOM   103 C CA  . SER A 1 13  ? -8.957  -17.782 1.580   1.00 70.82  ? 24  SER A CA  1 
ATOM   104 C C   . SER A 1 13  ? -7.606  -17.929 2.281   1.00 71.75  ? 24  SER A C   1 
ATOM   105 O O   . SER A 1 13  ? -7.544  -18.281 3.463   1.00 71.28  ? 24  SER A O   1 
ATOM   106 C CB  . SER A 1 13  ? -9.062  -18.821 0.467   1.00 71.62  ? 24  SER A CB  1 
ATOM   107 O OG  . SER A 1 13  ? -10.212 -18.600 -0.327  1.00 75.42  ? 24  SER A OG  1 
ATOM   108 N N   . ASP A 1 14  ? -6.527  -17.645 1.551   1.00 72.39  ? 25  ASP A N   1 
ATOM   109 C CA  . ASP A 1 14  ? -5.179  -17.749 2.109   1.00 73.78  ? 25  ASP A CA  1 
ATOM   110 C C   . ASP A 1 14  ? -5.050  -17.044 3.455   1.00 74.80  ? 25  ASP A C   1 
ATOM   111 O O   . ASP A 1 14  ? -4.411  -17.558 4.379   1.00 75.62  ? 25  ASP A O   1 
ATOM   112 C CB  . ASP A 1 14  ? -4.141  -17.166 1.148   1.00 73.79  ? 25  ASP A CB  1 
ATOM   113 C CG  . ASP A 1 14  ? -4.179  -17.815 -0.218  1.00 75.43  ? 25  ASP A CG  1 
ATOM   114 O OD1 . ASP A 1 14  ? -4.442  -19.032 -0.298  1.00 76.14  ? 25  ASP A OD1 1 
ATOM   115 O OD2 . ASP A 1 14  ? -3.929  -17.108 -1.216  1.00 76.50  ? 25  ASP A OD2 1 
ATOM   116 N N   . VAL A 1 15  ? -5.652  -15.864 3.565   1.00 74.81  ? 26  VAL A N   1 
ATOM   117 C CA  . VAL A 1 15  ? -5.580  -15.101 4.800   1.00 74.24  ? 26  VAL A CA  1 
ATOM   118 C C   . VAL A 1 15  ? -6.691  -15.496 5.756   1.00 74.03  ? 26  VAL A C   1 
ATOM   119 O O   . VAL A 1 15  ? -6.824  -14.927 6.838   1.00 73.54  ? 26  VAL A O   1 
ATOM   120 C CB  . VAL A 1 15  ? -5.645  -13.583 4.519   1.00 75.15  ? 26  VAL A CB  1 
ATOM   121 C CG1 . VAL A 1 15  ? -4.467  -13.171 3.650   1.00 75.21  ? 26  VAL A CG1 1 
ATOM   122 C CG2 . VAL A 1 15  ? -6.954  -13.233 3.836   1.00 76.39  ? 26  VAL A CG2 1 
ATOM   123 N N   . GLY A 1 16  ? -7.494  -16.475 5.352   1.00 73.80  ? 27  GLY A N   1 
ATOM   124 C CA  . GLY A 1 16  ? -8.577  -16.936 6.202   1.00 73.61  ? 27  GLY A CA  1 
ATOM   125 C C   . GLY A 1 16  ? -9.599  -15.866 6.514   1.00 73.63  ? 27  GLY A C   1 
ATOM   126 O O   . GLY A 1 16  ? -10.061 -15.735 7.648   1.00 73.75  ? 27  GLY A O   1 
ATOM   127 N N   . TRP A 1 17  ? -9.953  -15.092 5.498   1.00 73.93  ? 28  TRP A N   1 
ATOM   128 C CA  . TRP A 1 17  ? -10.934 -14.029 5.648   1.00 73.79  ? 28  TRP A CA  1 
ATOM   129 C C   . TRP A 1 17  ? -12.234 -14.399 4.939   1.00 73.68  ? 28  TRP A C   1 
ATOM   130 O O   . TRP A 1 17  ? -13.225 -13.679 5.021   1.00 73.64  ? 28  TRP A O   1 
ATOM   131 C CB  . TRP A 1 17  ? -10.368 -12.721 5.091   1.00 73.56  ? 28  TRP A CB  1 
ATOM   132 C CG  . TRP A 1 17  ? -9.719  -11.867 6.139   1.00 73.30  ? 28  TRP A CG  1 
ATOM   133 C CD1 . TRP A 1 17  ? -9.451  -12.217 7.432   1.00 72.88  ? 28  TRP A CD1 1 
ATOM   134 C CD2 . TRP A 1 17  ? -9.304  -10.504 5.999   1.00 72.37  ? 28  TRP A CD2 1 
ATOM   135 N NE1 . TRP A 1 17  ? -8.902  -11.155 8.105   1.00 71.32  ? 28  TRP A NE1 1 
ATOM   136 C CE2 . TRP A 1 17  ? -8.800  -10.091 7.249   1.00 72.07  ? 28  TRP A CE2 1 
ATOM   137 C CE3 . TRP A 1 17  ? -9.311  -9.591  4.936   1.00 71.47  ? 28  TRP A CE3 1 
ATOM   138 C CZ2 . TRP A 1 17  ? -8.307  -8.800  7.469   1.00 72.84  ? 28  TRP A CZ2 1 
ATOM   139 C CZ3 . TRP A 1 17  ? -8.824  -8.309  5.153   1.00 71.55  ? 28  TRP A CZ3 1 
ATOM   140 C CH2 . TRP A 1 17  ? -8.327  -7.924  6.412   1.00 72.51  ? 28  TRP A CH2 1 
ATOM   141 N N   . ASN A 1 18  ? -12.223 -15.538 4.255   1.00 73.90  ? 29  ASN A N   1 
ATOM   142 C CA  . ASN A 1 18  ? -13.395 -16.016 3.530   1.00 73.98  ? 29  ASN A CA  1 
ATOM   143 C C   . ASN A 1 18  ? -14.484 -16.519 4.469   1.00 73.57  ? 29  ASN A C   1 
ATOM   144 O O   . ASN A 1 18  ? -15.582 -16.837 4.029   1.00 73.92  ? 29  ASN A O   1 
ATOM   145 C CB  . ASN A 1 18  ? -12.994 -17.124 2.547   1.00 73.34  ? 29  ASN A CB  1 
ATOM   146 C CG  . ASN A 1 18  ? -12.172 -18.219 3.203   1.00 73.61  ? 29  ASN A CG  1 
ATOM   147 O OD1 . ASN A 1 18  ? -11.645 -19.098 2.524   1.00 74.43  ? 29  ASN A OD1 1 
ATOM   148 N ND2 . ASN A 1 18  ? -12.061 -18.174 4.527   1.00 71.90  ? 29  ASN A ND2 1 
ATOM   149 N N   . ASP A 1 19  ? -14.186 -16.573 5.761   1.00 73.67  ? 30  ASP A N   1 
ATOM   150 C CA  . ASP A 1 19  ? -15.158 -17.037 6.739   1.00 73.89  ? 30  ASP A CA  1 
ATOM   151 C C   . ASP A 1 19  ? -16.136 -15.936 7.122   1.00 73.36  ? 30  ASP A C   1 
ATOM   152 O O   . ASP A 1 19  ? -17.129 -16.195 7.803   1.00 74.19  ? 30  ASP A O   1 
ATOM   153 C CB  . ASP A 1 19  ? -14.450 -17.543 7.998   1.00 76.07  ? 30  ASP A CB  1 
ATOM   154 C CG  . ASP A 1 19  ? -13.818 -16.426 8.793   1.00 78.67  ? 30  ASP A CG  1 
ATOM   155 O OD1 . ASP A 1 19  ? -12.991 -15.684 8.220   1.00 81.26  ? 30  ASP A OD1 1 
ATOM   156 O OD2 . ASP A 1 19  ? -14.146 -16.290 9.992   1.00 80.25  ? 30  ASP A OD2 1 
ATOM   157 N N   . TRP A 1 20  ? -15.848 -14.705 6.704   1.00 72.03  ? 31  TRP A N   1 
ATOM   158 C CA  . TRP A 1 20  ? -16.737 -13.586 7.002   1.00 70.51  ? 31  TRP A CA  1 
ATOM   159 C C   . TRP A 1 20  ? -16.953 -12.677 5.786   1.00 68.66  ? 31  TRP A C   1 
ATOM   160 O O   . TRP A 1 20  ? -17.827 -11.819 5.802   1.00 68.96  ? 31  TRP A O   1 
ATOM   161 C CB  . TRP A 1 20  ? -16.210 -12.765 8.192   1.00 72.48  ? 31  TRP A CB  1 
ATOM   162 C CG  . TRP A 1 20  ? -14.929 -12.042 7.912   1.00 75.69  ? 31  TRP A CG  1 
ATOM   163 C CD1 . TRP A 1 20  ? -13.686 -12.595 7.757   1.00 76.21  ? 31  TRP A CD1 1 
ATOM   164 C CD2 . TRP A 1 20  ? -14.777 -10.639 7.655   1.00 76.33  ? 31  TRP A CD2 1 
ATOM   165 N NE1 . TRP A 1 20  ? -12.774 -11.624 7.409   1.00 77.14  ? 31  TRP A NE1 1 
ATOM   166 C CE2 . TRP A 1 20  ? -13.418 -10.416 7.338   1.00 76.84  ? 31  TRP A CE2 1 
ATOM   167 C CE3 . TRP A 1 20  ? -15.662 -9.550  7.654   1.00 75.07  ? 31  TRP A CE3 1 
ATOM   168 C CZ2 . TRP A 1 20  ? -12.922 -9.145  7.024   1.00 75.96  ? 31  TRP A CZ2 1 
ATOM   169 C CZ3 . TRP A 1 20  ? -15.168 -8.288  7.340   1.00 74.50  ? 31  TRP A CZ3 1 
ATOM   170 C CH2 . TRP A 1 20  ? -13.809 -8.099  7.028   1.00 75.35  ? 31  TRP A CH2 1 
ATOM   171 N N   . ILE A 1 21  ? -16.165 -12.862 4.732   1.00 66.60  ? 32  ILE A N   1 
ATOM   172 C CA  . ILE A 1 21  ? -16.327 -12.046 3.537   1.00 64.98  ? 32  ILE A CA  1 
ATOM   173 C C   . ILE A 1 21  ? -16.968 -12.853 2.413   1.00 65.12  ? 32  ILE A C   1 
ATOM   174 O O   . ILE A 1 21  ? -16.288 -13.572 1.673   1.00 65.40  ? 32  ILE A O   1 
ATOM   175 C CB  . ILE A 1 21  ? -14.982 -11.480 3.026   1.00 63.79  ? 32  ILE A CB  1 
ATOM   176 C CG1 . ILE A 1 21  ? -14.370 -10.555 4.082   1.00 63.37  ? 32  ILE A CG1 1 
ATOM   177 C CG2 . ILE A 1 21  ? -15.198 -10.712 1.725   1.00 60.33  ? 32  ILE A CG2 1 
ATOM   178 C CD1 . ILE A 1 21  ? -13.024 -9.969  3.681   1.00 60.47  ? 32  ILE A CD1 1 
ATOM   179 N N   . VAL A 1 22  ? -18.287 -12.718 2.296   1.00 64.15  ? 33  VAL A N   1 
ATOM   180 C CA  . VAL A 1 22  ? -19.075 -13.401 1.278   1.00 62.28  ? 33  VAL A CA  1 
ATOM   181 C C   . VAL A 1 22  ? -18.504 -13.230 -0.130  1.00 60.84  ? 33  VAL A C   1 
ATOM   182 O O   . VAL A 1 22  ? -18.289 -14.210 -0.846  1.00 60.50  ? 33  VAL A O   1 
ATOM   183 C CB  . VAL A 1 22  ? -20.518 -12.869 1.288   1.00 62.74  ? 33  VAL A CB  1 
ATOM   184 C CG1 . VAL A 1 22  ? -21.325 -13.529 0.184   1.00 64.05  ? 33  VAL A CG1 1 
ATOM   185 C CG2 . VAL A 1 22  ? -21.145 -13.113 2.647   1.00 62.52  ? 33  VAL A CG2 1 
ATOM   186 N N   . ALA A 1 23  ? -18.272 -11.979 -0.516  1.00 59.23  ? 34  ALA A N   1 
ATOM   187 C CA  . ALA A 1 23  ? -17.738 -11.651 -1.832  1.00 57.52  ? 34  ALA A CA  1 
ATOM   188 C C   . ALA A 1 23  ? -17.058 -10.285 -1.772  1.00 57.25  ? 34  ALA A C   1 
ATOM   189 O O   . ALA A 1 23  ? -17.393 -9.459  -0.932  1.00 58.26  ? 34  ALA A O   1 
ATOM   190 C CB  . ALA A 1 23  ? -18.862 -11.624 -2.846  1.00 55.00  ? 34  ALA A CB  1 
ATOM   191 N N   . PRO A 1 24  ? -16.085 -10.028 -2.656  1.00 57.37  ? 35  PRO A N   1 
ATOM   192 C CA  . PRO A 1 24  ? -15.583 -10.922 -3.703  1.00 57.42  ? 35  PRO A CA  1 
ATOM   193 C C   . PRO A 1 24  ? -14.728 -12.035 -3.102  1.00 57.31  ? 35  PRO A C   1 
ATOM   194 O O   . PRO A 1 24  ? -14.570 -12.125 -1.883  1.00 56.80  ? 35  PRO A O   1 
ATOM   195 C CB  . PRO A 1 24  ? -14.779 -9.981  -4.593  1.00 57.01  ? 35  PRO A CB  1 
ATOM   196 C CG  . PRO A 1 24  ? -14.185 -9.037  -3.590  1.00 57.81  ? 35  PRO A CG  1 
ATOM   197 C CD  . PRO A 1 24  ? -15.370 -8.740  -2.683  1.00 57.25  ? 35  PRO A CD  1 
ATOM   198 N N   . PRO A 1 25  ? -14.183 -12.918 -3.950  1.00 58.18  ? 36  PRO A N   1 
ATOM   199 C CA  . PRO A 1 25  ? -13.354 -14.001 -3.413  1.00 58.23  ? 36  PRO A CA  1 
ATOM   200 C C   . PRO A 1 25  ? -11.989 -13.461 -3.004  1.00 57.85  ? 36  PRO A C   1 
ATOM   201 O O   . PRO A 1 25  ? -11.395 -13.920 -2.035  1.00 57.79  ? 36  PRO A O   1 
ATOM   202 C CB  . PRO A 1 25  ? -13.275 -14.978 -4.582  1.00 57.25  ? 36  PRO A CB  1 
ATOM   203 C CG  . PRO A 1 25  ? -13.295 -14.062 -5.775  1.00 56.62  ? 36  PRO A CG  1 
ATOM   204 C CD  . PRO A 1 25  ? -14.374 -13.067 -5.405  1.00 58.25  ? 36  PRO A CD  1 
ATOM   205 N N   . GLY A 1 26  ? -11.517 -12.474 -3.761  1.00 57.72  ? 37  GLY A N   1 
ATOM   206 C CA  . GLY A 1 26  ? -10.234 -11.846 -3.503  1.00 58.16  ? 37  GLY A CA  1 
ATOM   207 C C   . GLY A 1 26  ? -10.126 -10.642 -4.420  1.00 57.79  ? 37  GLY A C   1 
ATOM   208 O O   . GLY A 1 26  ? -11.097 -10.322 -5.110  1.00 58.32  ? 37  GLY A O   1 
ATOM   209 N N   . TYR A 1 27  ? -8.978  -9.970  -4.452  1.00 56.61  ? 38  TYR A N   1 
ATOM   210 C CA  . TYR A 1 27  ? -8.851  -8.808  -5.330  1.00 56.86  ? 38  TYR A CA  1 
ATOM   211 C C   . TYR A 1 27  ? -7.408  -8.385  -5.574  1.00 57.10  ? 38  TYR A C   1 
ATOM   212 O O   . TYR A 1 27  ? -6.481  -8.888  -4.937  1.00 57.14  ? 38  TYR A O   1 
ATOM   213 C CB  . TYR A 1 27  ? -9.628  -7.617  -4.749  1.00 56.20  ? 38  TYR A CB  1 
ATOM   214 C CG  . TYR A 1 27  ? -8.921  -6.938  -3.599  1.00 54.51  ? 38  TYR A CG  1 
ATOM   215 C CD1 . TYR A 1 27  ? -8.669  -7.621  -2.415  1.00 52.43  ? 38  TYR A CD1 1 
ATOM   216 C CD2 . TYR A 1 27  ? -8.448  -5.624  -3.721  1.00 53.80  ? 38  TYR A CD2 1 
ATOM   217 C CE1 . TYR A 1 27  ? -7.963  -7.030  -1.383  1.00 55.22  ? 38  TYR A CE1 1 
ATOM   218 C CE2 . TYR A 1 27  ? -7.737  -5.015  -2.695  1.00 53.24  ? 38  TYR A CE2 1 
ATOM   219 C CZ  . TYR A 1 27  ? -7.494  -5.724  -1.525  1.00 54.74  ? 38  TYR A CZ  1 
ATOM   220 O OH  . TYR A 1 27  ? -6.759  -5.159  -0.513  1.00 50.10  ? 38  TYR A OH  1 
ATOM   221 N N   . HIS A 1 28  ? -7.231  -7.462  -6.514  1.00 56.86  ? 39  HIS A N   1 
ATOM   222 C CA  . HIS A 1 28  ? -5.909  -6.937  -6.832  1.00 57.67  ? 39  HIS A CA  1 
ATOM   223 C C   . HIS A 1 28  ? -5.614  -5.757  -5.901  1.00 56.74  ? 39  HIS A C   1 
ATOM   224 O O   . HIS A 1 28  ? -6.049  -4.635  -6.147  1.00 56.22  ? 39  HIS A O   1 
ATOM   225 C CB  . HIS A 1 28  ? -5.851  -6.466  -8.285  1.00 60.45  ? 39  HIS A CB  1 
ATOM   226 C CG  . HIS A 1 28  ? -5.996  -7.569  -9.283  1.00 65.89  ? 39  HIS A CG  1 
ATOM   227 N ND1 . HIS A 1 28  ? -7.145  -8.323  -9.403  1.00 69.45  ? 39  HIS A ND1 1 
ATOM   228 C CD2 . HIS A 1 28  ? -5.132  -8.054  -10.208 1.00 68.23  ? 39  HIS A CD2 1 
ATOM   229 C CE1 . HIS A 1 28  ? -6.982  -9.224  -10.355 1.00 69.61  ? 39  HIS A CE1 1 
ATOM   230 N NE2 . HIS A 1 28  ? -5.769  -9.083  -10.859 1.00 70.07  ? 39  HIS A NE2 1 
ATOM   231 N N   . ALA A 1 29  ? -4.871  -6.025  -4.835  1.00 56.04  ? 40  ALA A N   1 
ATOM   232 C CA  . ALA A 1 29  ? -4.521  -5.009  -3.859  1.00 55.55  ? 40  ALA A CA  1 
ATOM   233 C C   . ALA A 1 29  ? -3.266  -4.233  -4.241  1.00 55.66  ? 40  ALA A C   1 
ATOM   234 O O   . ALA A 1 29  ? -3.139  -3.052  -3.910  1.00 55.81  ? 40  ALA A O   1 
ATOM   235 C CB  . ALA A 1 29  ? -4.328  -5.655  -2.498  1.00 54.60  ? 40  ALA A CB  1 
ATOM   236 N N   . PHE A 1 30  ? -2.351  -4.898  -4.945  1.00 55.77  ? 41  PHE A N   1 
ATOM   237 C CA  . PHE A 1 30  ? -1.075  -4.304  -5.351  1.00 55.80  ? 41  PHE A CA  1 
ATOM   238 C C   . PHE A 1 30  ? -0.252  -3.994  -4.099  1.00 56.62  ? 41  PHE A C   1 
ATOM   239 O O   . PHE A 1 30  ? -0.704  -4.217  -2.974  1.00 56.25  ? 41  PHE A O   1 
ATOM   240 C CB  . PHE A 1 30  ? -1.271  -2.993  -6.118  1.00 54.99  ? 41  PHE A CB  1 
ATOM   241 C CG  . PHE A 1 30  ? -1.935  -3.147  -7.451  1.00 54.39  ? 41  PHE A CG  1 
ATOM   242 C CD1 . PHE A 1 30  ? -3.320  -3.098  -7.567  1.00 54.84  ? 41  PHE A CD1 1 
ATOM   243 C CD2 . PHE A 1 30  ? -1.174  -3.282  -8.602  1.00 54.47  ? 41  PHE A CD2 1 
ATOM   244 C CE1 . PHE A 1 30  ? -3.935  -3.179  -8.817  1.00 53.67  ? 41  PHE A CE1 1 
ATOM   245 C CE2 . PHE A 1 30  ? -1.780  -3.365  -9.852  1.00 53.12  ? 41  PHE A CE2 1 
ATOM   246 C CZ  . PHE A 1 30  ? -3.163  -3.310  -9.959  1.00 52.95  ? 41  PHE A CZ  1 
ATOM   247 N N   . TYR A 1 31  ? 0.963   -3.491  -4.298  1.00 56.89  ? 42  TYR A N   1 
ATOM   248 C CA  . TYR A 1 31  ? 1.815   -3.105  -3.183  1.00 57.62  ? 42  TYR A CA  1 
ATOM   249 C C   . TYR A 1 31  ? 2.969   -2.248  -3.675  1.00 57.71  ? 42  TYR A C   1 
ATOM   250 O O   . TYR A 1 31  ? 3.174   -2.101  -4.882  1.00 57.91  ? 42  TYR A O   1 
ATOM   251 C CB  . TYR A 1 31  ? 2.336   -4.325  -2.414  1.00 59.14  ? 42  TYR A CB  1 
ATOM   252 C CG  . TYR A 1 31  ? 3.453   -5.100  -3.077  1.00 63.53  ? 42  TYR A CG  1 
ATOM   253 C CD1 . TYR A 1 31  ? 3.197   -5.965  -4.147  1.00 64.49  ? 42  TYR A CD1 1 
ATOM   254 C CD2 . TYR A 1 31  ? 4.769   -4.996  -2.608  1.00 63.23  ? 42  TYR A CD2 1 
ATOM   255 C CE1 . TYR A 1 31  ? 4.223   -6.712  -4.729  1.00 65.05  ? 42  TYR A CE1 1 
ATOM   256 C CE2 . TYR A 1 31  ? 5.800   -5.733  -3.183  1.00 64.38  ? 42  TYR A CE2 1 
ATOM   257 C CZ  . TYR A 1 31  ? 5.523   -6.591  -4.242  1.00 66.10  ? 42  TYR A CZ  1 
ATOM   258 O OH  . TYR A 1 31  ? 6.541   -7.327  -4.808  1.00 64.86  ? 42  TYR A OH  1 
ATOM   259 N N   . CYS A 1 32  ? 3.705   -1.658  -2.738  1.00 57.47  ? 43  CYS A N   1 
ATOM   260 C CA  . CYS A 1 32  ? 4.826   -0.797  -3.090  1.00 57.26  ? 43  CYS A CA  1 
ATOM   261 C C   . CYS A 1 32  ? 6.151   -1.328  -2.590  1.00 58.73  ? 43  CYS A C   1 
ATOM   262 O O   . CYS A 1 32  ? 6.261   -1.832  -1.470  1.00 57.66  ? 43  CYS A O   1 
ATOM   263 C CB  . CYS A 1 32  ? 4.627   0.606   -2.525  1.00 54.17  ? 43  CYS A CB  1 
ATOM   264 S SG  . CYS A 1 32  ? 3.128   1.479   -3.066  1.00 49.50  ? 43  CYS A SG  1 
ATOM   265 N N   . HIS A 1 33  ? 7.156   -1.213  -3.444  1.00 60.78  ? 44  HIS A N   1 
ATOM   266 C CA  . HIS A 1 33  ? 8.499   -1.637  -3.113  1.00 63.69  ? 44  HIS A CA  1 
ATOM   267 C C   . HIS A 1 33  ? 9.446   -0.947  -4.076  1.00 65.64  ? 44  HIS A C   1 
ATOM   268 O O   . HIS A 1 33  ? 9.082   -0.630  -5.212  1.00 65.37  ? 44  HIS A O   1 
ATOM   269 C CB  . HIS A 1 33  ? 8.632   -3.155  -3.210  1.00 65.02  ? 44  HIS A CB  1 
ATOM   270 C CG  . HIS A 1 33  ? 9.656   -3.723  -2.277  1.00 68.26  ? 44  HIS A CG  1 
ATOM   271 N ND1 . HIS A 1 33  ? 10.935  -4.045  -2.679  1.00 69.48  ? 44  HIS A ND1 1 
ATOM   272 C CD2 . HIS A 1 33  ? 9.604   -3.981  -0.948  1.00 69.47  ? 44  HIS A CD2 1 
ATOM   273 C CE1 . HIS A 1 33  ? 11.626  -4.478  -1.638  1.00 70.41  ? 44  HIS A CE1 1 
ATOM   274 N NE2 . HIS A 1 33  ? 10.841  -4.448  -0.576  1.00 70.22  ? 44  HIS A NE2 1 
ATOM   275 N N   . GLY A 1 34  ? 10.659  -0.697  -3.604  1.00 68.01  ? 45  GLY A N   1 
ATOM   276 C CA  . GLY A 1 34  ? 11.641  -0.014  -4.419  1.00 70.91  ? 45  GLY A CA  1 
ATOM   277 C C   . GLY A 1 34  ? 12.475  0.916   -3.561  1.00 73.06  ? 45  GLY A C   1 
ATOM   278 O O   . GLY A 1 34  ? 12.070  1.300   -2.462  1.00 72.73  ? 45  GLY A O   1 
ATOM   279 N N   . GLU A 1 35  ? 13.643  1.288   -4.066  1.00 74.95  ? 46  GLU A N   1 
ATOM   280 C CA  . GLU A 1 35  ? 14.535  2.160   -3.321  1.00 76.52  ? 46  GLU A CA  1 
ATOM   281 C C   . GLU A 1 35  ? 14.199  3.626   -3.576  1.00 76.62  ? 46  GLU A C   1 
ATOM   282 O O   . GLU A 1 35  ? 13.929  4.017   -4.711  1.00 76.05  ? 46  GLU A O   1 
ATOM   283 C CB  . GLU A 1 35  ? 15.985  1.880   -3.730  1.00 78.20  ? 46  GLU A CB  1 
ATOM   284 C CG  . GLU A 1 35  ? 17.023  2.379   -2.741  1.00 81.93  ? 46  GLU A CG  1 
ATOM   285 C CD  . GLU A 1 35  ? 18.340  2.729   -3.408  1.00 84.60  ? 46  GLU A CD  1 
ATOM   286 O OE1 . GLU A 1 35  ? 19.320  3.014   -2.682  1.00 85.78  ? 46  GLU A OE1 1 
ATOM   287 O OE2 . GLU A 1 35  ? 18.391  2.727   -4.660  1.00 85.64  ? 46  GLU A OE2 1 
ATOM   288 N N   . CYS A 1 36  ? 14.201  4.428   -2.514  1.00 77.38  ? 47  CYS A N   1 
ATOM   289 C CA  . CYS A 1 36  ? 13.933  5.855   -2.642  1.00 79.05  ? 47  CYS A CA  1 
ATOM   290 C C   . CYS A 1 36  ? 15.235  6.524   -3.048  1.00 82.90  ? 47  CYS A C   1 
ATOM   291 O O   . CYS A 1 36  ? 16.160  6.669   -2.246  1.00 82.77  ? 47  CYS A O   1 
ATOM   292 C CB  . CYS A 1 36  ? 13.381  6.424   -1.326  1.00 74.75  ? 47  CYS A CB  1 
ATOM   293 S SG  . CYS A 1 36  ? 11.657  5.885   -1.080  1.00 63.68  ? 47  CYS A SG  1 
ATOM   294 N N   . PRO A 1 37  ? 15.317  6.934   -4.323  1.00 86.57  ? 48  PRO A N   1 
ATOM   295 C CA  . PRO A 1 37  ? 16.449  7.591   -4.981  1.00 90.16  ? 48  PRO A CA  1 
ATOM   296 C C   . PRO A 1 37  ? 17.118  8.758   -4.260  1.00 93.48  ? 48  PRO A C   1 
ATOM   297 O O   . PRO A 1 37  ? 16.615  9.279   -3.262  1.00 93.75  ? 48  PRO A O   1 
ATOM   298 C CB  . PRO A 1 37  ? 15.862  8.012   -6.333  1.00 90.02  ? 48  PRO A CB  1 
ATOM   299 C CG  . PRO A 1 37  ? 14.427  8.272   -6.003  1.00 89.26  ? 48  PRO A CG  1 
ATOM   300 C CD  . PRO A 1 37  ? 14.107  7.063   -5.155  1.00 88.10  ? 48  PRO A CD  1 
ATOM   301 N N   . PHE A 1 38  ? 18.266  9.148   -4.806  1.00 96.87  ? 49  PHE A N   1 
ATOM   302 C CA  . PHE A 1 38  ? 19.087  10.238  -4.300  1.00 100.17 ? 49  PHE A CA  1 
ATOM   303 C C   . PHE A 1 38  ? 20.221  10.488  -5.294  1.00 102.05 ? 49  PHE A C   1 
ATOM   304 O O   . PHE A 1 38  ? 21.054  9.608   -5.525  1.00 102.22 ? 49  PHE A O   1 
ATOM   305 C CB  . PHE A 1 38  ? 19.684  9.883   -2.943  1.00 102.01 ? 49  PHE A CB  1 
ATOM   306 C CG  . PHE A 1 38  ? 20.849  10.745  -2.565  1.00 104.45 ? 49  PHE A CG  1 
ATOM   307 C CD1 . PHE A 1 38  ? 20.691  12.120  -2.406  1.00 105.36 ? 49  PHE A CD1 1 
ATOM   308 C CD2 . PHE A 1 38  ? 22.114  10.191  -2.406  1.00 105.61 ? 49  PHE A CD2 1 
ATOM   309 C CE1 . PHE A 1 38  ? 21.780  12.932  -2.096  1.00 106.21 ? 49  PHE A CE1 1 
ATOM   310 C CE2 . PHE A 1 38  ? 23.210  10.992  -2.097  1.00 106.78 ? 49  PHE A CE2 1 
ATOM   311 C CZ  . PHE A 1 38  ? 23.043  12.367  -1.941  1.00 106.20 ? 49  PHE A CZ  1 
ATOM   312 N N   . PRO A 1 39  ? 20.283  11.698  -5.881  1.00 103.76 ? 50  PRO A N   1 
ATOM   313 C CA  . PRO A 1 39  ? 19.358  12.812  -5.649  1.00 104.78 ? 50  PRO A CA  1 
ATOM   314 C C   . PRO A 1 39  ? 17.890  12.434  -5.785  1.00 105.60 ? 50  PRO A C   1 
ATOM   315 O O   . PRO A 1 39  ? 17.521  11.612  -6.628  1.00 105.46 ? 50  PRO A O   1 
ATOM   316 C CB  . PRO A 1 39  ? 19.796  13.847  -6.689  1.00 104.99 ? 50  PRO A CB  1 
ATOM   317 C CG  . PRO A 1 39  ? 20.350  12.999  -7.800  1.00 104.78 ? 50  PRO A CG  1 
ATOM   318 C CD  . PRO A 1 39  ? 21.159  11.983  -7.031  1.00 104.31 ? 50  PRO A CD  1 
ATOM   319 N N   . PRO A 1 40  ? 17.037  13.018  -4.935  1.00 106.37 ? 51  PRO A N   1 
ATOM   320 C CA  . PRO A 1 40  ? 15.594  12.774  -4.925  1.00 107.27 ? 51  PRO A CA  1 
ATOM   321 C C   . PRO A 1 40  ? 14.946  12.812  -6.315  1.00 107.82 ? 51  PRO A C   1 
ATOM   322 O O   . PRO A 1 40  ? 15.163  13.742  -7.094  1.00 107.62 ? 51  PRO A O   1 
ATOM   323 C CB  . PRO A 1 40  ? 15.080  13.871  -4.002  1.00 107.36 ? 51  PRO A CB  1 
ATOM   324 C CG  . PRO A 1 40  ? 16.178  13.946  -2.977  1.00 106.90 ? 51  PRO A CG  1 
ATOM   325 C CD  . PRO A 1 40  ? 17.419  13.930  -3.841  1.00 106.48 ? 51  PRO A CD  1 
ATOM   326 N N   . ALA A 1 41  ? 14.149  11.787  -6.610  1.00 108.39 ? 52  ALA A N   1 
ATOM   327 C CA  . ALA A 1 41  ? 13.462  11.673  -7.893  1.00 108.74 ? 52  ALA A CA  1 
ATOM   328 C C   . ALA A 1 41  ? 12.562  12.872  -8.190  1.00 108.94 ? 52  ALA A C   1 
ATOM   329 O O   . ALA A 1 41  ? 12.044  13.526  -7.280  1.00 109.21 ? 52  ALA A O   1 
ATOM   330 C CB  . ALA A 1 41  ? 12.646  10.388  -7.931  1.00 108.73 ? 52  ALA A CB  1 
ATOM   331 N N   . ASP A 1 42  ? 12.372  13.140  -9.476  1.00 108.77 ? 53  ASP A N   1 
ATOM   332 C CA  . ASP A 1 42  ? 11.554  14.258  -9.933  1.00 108.46 ? 53  ASP A CA  1 
ATOM   333 C C   . ASP A 1 42  ? 10.058  13.988  -9.815  1.00 107.45 ? 53  ASP A C   1 
ATOM   334 O O   . ASP A 1 42  ? 9.394   14.447  -8.882  1.00 107.60 ? 53  ASP A O   1 
ATOM   335 C CB  . ASP A 1 42  ? 11.873  14.578  -11.397 1.00 110.11 ? 53  ASP A CB  1 
ATOM   336 C CG  . ASP A 1 42  ? 13.346  14.829  -11.633 1.00 111.96 ? 53  ASP A CG  1 
ATOM   337 O OD1 . ASP A 1 42  ? 14.152  13.889  -11.443 1.00 112.92 ? 53  ASP A OD1 1 
ATOM   338 O OD2 . ASP A 1 42  ? 13.698  15.969  -12.009 1.00 112.96 ? 53  ASP A OD2 1 
ATOM   339 N N   . HIS A 1 43  ? 9.540   13.241  -10.782 1.00 105.73 ? 54  HIS A N   1 
ATOM   340 C CA  . HIS A 1 43  ? 8.124   12.911  -10.844 1.00 103.61 ? 54  HIS A CA  1 
ATOM   341 C C   . HIS A 1 43  ? 7.693   11.912  -9.775  1.00 100.42 ? 54  HIS A C   1 
ATOM   342 O O   . HIS A 1 43  ? 6.706   11.199  -9.950  1.00 100.20 ? 54  HIS A O   1 
ATOM   343 C CB  . HIS A 1 43  ? 7.791   12.356  -12.235 1.00 106.98 ? 54  HIS A CB  1 
ATOM   344 C CG  . HIS A 1 43  ? 8.494   13.067  -13.355 1.00 111.24 ? 54  HIS A CG  1 
ATOM   345 N ND1 . HIS A 1 43  ? 8.379   14.425  -13.567 1.00 112.89 ? 54  HIS A ND1 1 
ATOM   346 C CD2 . HIS A 1 43  ? 9.327   12.605  -14.318 1.00 112.56 ? 54  HIS A CD2 1 
ATOM   347 C CE1 . HIS A 1 43  ? 9.113   14.769  -14.612 1.00 113.44 ? 54  HIS A CE1 1 
ATOM   348 N NE2 . HIS A 1 43  ? 9.698   13.684  -15.086 1.00 113.77 ? 54  HIS A NE2 1 
ATOM   349 N N   . LEU A 1 44  ? 8.431   11.859  -8.668  1.00 96.86  ? 55  LEU A N   1 
ATOM   350 C CA  . LEU A 1 44  ? 8.098   10.937  -7.585  1.00 92.78  ? 55  LEU A CA  1 
ATOM   351 C C   . LEU A 1 44  ? 7.634   11.674  -6.330  1.00 89.51  ? 55  LEU A C   1 
ATOM   352 O O   . LEU A 1 44  ? 8.377   12.465  -5.751  1.00 89.43  ? 55  LEU A O   1 
ATOM   353 C CB  . LEU A 1 44  ? 9.302   10.056  -7.243  1.00 92.28  ? 55  LEU A CB  1 
ATOM   354 C CG  . LEU A 1 44  ? 9.001   8.903   -6.284  1.00 91.86  ? 55  LEU A CG  1 
ATOM   355 C CD1 . LEU A 1 44  ? 7.964   7.986   -6.918  1.00 92.27  ? 55  LEU A CD1 1 
ATOM   356 C CD2 . LEU A 1 44  ? 10.275  8.136   -5.971  1.00 91.53  ? 55  LEU A CD2 1 
ATOM   357 N N   . ASN A 1 45  ? 6.399   11.405  -5.921  1.00 85.93  ? 56  ASN A N   1 
ATOM   358 C CA  . ASN A 1 45  ? 5.814   12.029  -4.742  1.00 81.97  ? 56  ASN A CA  1 
ATOM   359 C C   . ASN A 1 45  ? 6.720   11.844  -3.529  1.00 78.36  ? 56  ASN A C   1 
ATOM   360 O O   . ASN A 1 45  ? 7.198   10.741  -3.266  1.00 78.28  ? 56  ASN A O   1 
ATOM   361 C CB  . ASN A 1 45  ? 4.444   11.419  -4.458  1.00 83.22  ? 56  ASN A CB  1 
ATOM   362 C CG  . ASN A 1 45  ? 3.672   12.192  -3.422  1.00 85.42  ? 56  ASN A CG  1 
ATOM   363 O OD1 . ASN A 1 45  ? 2.537   11.851  -3.095  1.00 88.32  ? 56  ASN A OD1 1 
ATOM   364 N ND2 . ASN A 1 45  ? 4.284   13.251  -2.897  1.00 86.71  ? 56  ASN A ND2 1 
ATOM   365 N N   . SER A 1 46  ? 6.941   12.918  -2.776  1.00 74.13  ? 57  SER A N   1 
ATOM   366 C CA  . SER A 1 46  ? 7.825   12.840  -1.622  1.00 69.66  ? 57  SER A CA  1 
ATOM   367 C C   . SER A 1 46  ? 7.624   13.985  -0.627  1.00 66.14  ? 57  SER A C   1 
ATOM   368 O O   . SER A 1 46  ? 7.364   15.123  -1.021  1.00 66.21  ? 57  SER A O   1 
ATOM   369 C CB  . SER A 1 46  ? 9.270   12.831  -2.120  1.00 69.21  ? 57  SER A CB  1 
ATOM   370 O OG  . SER A 1 46  ? 10.177  12.575  -1.071  1.00 72.01  ? 57  SER A OG  1 
ATOM   371 N N   . THR A 1 47  ? 7.740   13.685  0.663   1.00 62.09  ? 58  THR A N   1 
ATOM   372 C CA  . THR A 1 47  ? 7.586   14.714  1.691   1.00 58.15  ? 58  THR A CA  1 
ATOM   373 C C   . THR A 1 47  ? 8.939   15.312  2.068   1.00 56.37  ? 58  THR A C   1 
ATOM   374 O O   . THR A 1 47  ? 9.973   14.657  1.931   1.00 56.02  ? 58  THR A O   1 
ATOM   375 C CB  . THR A 1 47  ? 6.948   14.154  2.964   1.00 55.21  ? 58  THR A CB  1 
ATOM   376 O OG1 . THR A 1 47  ? 7.768   13.101  3.481   1.00 53.45  ? 58  THR A OG1 1 
ATOM   377 C CG2 . THR A 1 47  ? 5.558   13.632  2.675   1.00 53.23  ? 58  THR A CG2 1 
ATOM   378 N N   . ASN A 1 48  ? 8.930   16.555  2.540   1.00 53.72  ? 59  ASN A N   1 
ATOM   379 C CA  . ASN A 1 48  ? 10.163  17.223  2.941   1.00 51.68  ? 59  ASN A CA  1 
ATOM   380 C C   . ASN A 1 48  ? 11.006  16.347  3.853   1.00 50.39  ? 59  ASN A C   1 
ATOM   381 O O   . ASN A 1 48  ? 12.198  16.176  3.626   1.00 49.78  ? 59  ASN A O   1 
ATOM   382 C CB  . ASN A 1 48  ? 9.846   18.539  3.641   1.00 51.25  ? 59  ASN A CB  1 
ATOM   383 C CG  . ASN A 1 48  ? 9.385   19.609  2.677   1.00 50.39  ? 59  ASN A CG  1 
ATOM   384 O OD1 . ASN A 1 48  ? 8.729   20.570  3.070   1.00 50.81  ? 59  ASN A OD1 1 
ATOM   385 N ND2 . ASN A 1 48  ? 9.738   19.453  1.410   1.00 48.89  ? 59  ASN A ND2 1 
ATOM   386 N N   . HIS A 1 49  ? 10.382  15.783  4.878   1.00 50.11  ? 60  HIS A N   1 
ATOM   387 C CA  . HIS A 1 49  ? 11.099  14.923  5.804   1.00 49.96  ? 60  HIS A CA  1 
ATOM   388 C C   . HIS A 1 49  ? 11.751  13.737  5.099   1.00 50.45  ? 60  HIS A C   1 
ATOM   389 O O   . HIS A 1 49  ? 12.857  13.334  5.456   1.00 51.24  ? 60  HIS A O   1 
ATOM   390 C CB  . HIS A 1 49  ? 10.168  14.397  6.888   1.00 47.32  ? 60  HIS A CB  1 
ATOM   391 C CG  . HIS A 1 49  ? 10.874  13.587  7.929   1.00 48.93  ? 60  HIS A CG  1 
ATOM   392 N ND1 . HIS A 1 49  ? 11.444  14.150  9.049   1.00 48.75  ? 60  HIS A ND1 1 
ATOM   393 C CD2 . HIS A 1 49  ? 11.154  12.264  7.993   1.00 49.39  ? 60  HIS A CD2 1 
ATOM   394 C CE1 . HIS A 1 49  ? 12.044  13.213  9.757   1.00 48.47  ? 60  HIS A CE1 1 
ATOM   395 N NE2 . HIS A 1 49  ? 11.885  12.058  9.138   1.00 50.24  ? 60  HIS A NE2 1 
ATOM   396 N N   . ALA A 1 50  ? 11.062  13.171  4.112   1.00 50.68  ? 61  ALA A N   1 
ATOM   397 C CA  . ALA A 1 50  ? 11.590  12.022  3.376   1.00 51.57  ? 61  ALA A CA  1 
ATOM   398 C C   . ALA A 1 50  ? 12.829  12.422  2.577   1.00 51.44  ? 61  ALA A C   1 
ATOM   399 O O   . ALA A 1 50  ? 13.775  11.643  2.436   1.00 51.06  ? 61  ALA A O   1 
ATOM   400 C CB  . ALA A 1 50  ? 10.520  11.449  2.445   1.00 51.08  ? 61  ALA A CB  1 
ATOM   401 N N   . ILE A 1 51  ? 12.814  13.639  2.051   1.00 51.48  ? 62  ILE A N   1 
ATOM   402 C CA  . ILE A 1 51  ? 13.942  14.149  1.295   1.00 52.04  ? 62  ILE A CA  1 
ATOM   403 C C   . ILE A 1 51  ? 15.114  14.359  2.240   1.00 52.96  ? 62  ILE A C   1 
ATOM   404 O O   . ILE A 1 51  ? 16.248  14.008  1.925   1.00 55.04  ? 62  ILE A O   1 
ATOM   405 C CB  . ILE A 1 51  ? 13.612  15.485  0.637   1.00 51.29  ? 62  ILE A CB  1 
ATOM   406 C CG1 . ILE A 1 51  ? 12.533  15.285  -0.426  1.00 50.44  ? 62  ILE A CG1 1 
ATOM   407 C CG2 . ILE A 1 51  ? 14.858  16.082  0.036   1.00 50.37  ? 62  ILE A CG2 1 
ATOM   408 C CD1 . ILE A 1 51  ? 11.991  16.568  -0.990  1.00 48.62  ? 62  ILE A CD1 1 
ATOM   409 N N   . VAL A 1 52  ? 14.833  14.919  3.408   1.00 53.04  ? 63  VAL A N   1 
ATOM   410 C CA  . VAL A 1 52  ? 15.867  15.178  4.398   1.00 53.49  ? 63  VAL A CA  1 
ATOM   411 C C   . VAL A 1 52  ? 16.478  13.889  4.931   1.00 54.66  ? 63  VAL A C   1 
ATOM   412 O O   . VAL A 1 52  ? 17.680  13.824  5.172   1.00 55.31  ? 63  VAL A O   1 
ATOM   413 C CB  . VAL A 1 52  ? 15.304  15.998  5.595   1.00 52.21  ? 63  VAL A CB  1 
ATOM   414 C CG1 . VAL A 1 52  ? 16.335  16.068  6.721   1.00 49.37  ? 63  VAL A CG1 1 
ATOM   415 C CG2 . VAL A 1 52  ? 14.929  17.393  5.136   1.00 48.61  ? 63  VAL A CG2 1 
ATOM   416 N N   . GLN A 1 53  ? 15.650  12.867  5.124   1.00 55.92  ? 64  GLN A N   1 
ATOM   417 C CA  . GLN A 1 53  ? 16.145  11.593  5.641   1.00 56.43  ? 64  GLN A CA  1 
ATOM   418 C C   . GLN A 1 53  ? 16.986  10.885  4.586   1.00 56.46  ? 64  GLN A C   1 
ATOM   419 O O   . GLN A 1 53  ? 17.940  10.183  4.904   1.00 56.05  ? 64  GLN A O   1 
ATOM   420 C CB  . GLN A 1 53  ? 14.982  10.690  6.069   1.00 55.20  ? 64  GLN A CB  1 
ATOM   421 C CG  . GLN A 1 53  ? 15.414  9.587   7.016   1.00 54.69  ? 64  GLN A CG  1 
ATOM   422 C CD  . GLN A 1 53  ? 14.286  8.663   7.426   1.00 55.37  ? 64  GLN A CD  1 
ATOM   423 O OE1 . GLN A 1 53  ? 13.213  9.107   7.831   1.00 54.35  ? 64  GLN A OE1 1 
ATOM   424 N NE2 . GLN A 1 53  ? 14.533  7.363   7.340   1.00 56.07  ? 64  GLN A NE2 1 
ATOM   425 N N   . THR A 1 54  ? 16.630  11.085  3.327   1.00 56.88  ? 65  THR A N   1 
ATOM   426 C CA  . THR A 1 54  ? 17.360  10.471  2.239   1.00 58.73  ? 65  THR A CA  1 
ATOM   427 C C   . THR A 1 54  ? 18.751  11.081  2.136   1.00 60.00  ? 65  THR A C   1 
ATOM   428 O O   . THR A 1 54  ? 19.721  10.396  1.798   1.00 60.10  ? 65  THR A O   1 
ATOM   429 C CB  . THR A 1 54  ? 16.589  10.641  0.919   1.00 58.56  ? 65  THR A CB  1 
ATOM   430 O OG1 . THR A 1 54  ? 15.478  9.739   0.921   1.00 59.54  ? 65  THR A OG1 1 
ATOM   431 C CG2 . THR A 1 54  ? 17.475  10.355  -0.283  1.00 56.78  ? 65  THR A CG2 1 
ATOM   432 N N   . LEU A 1 55  ? 18.842  12.372  2.443   1.00 61.01  ? 66  LEU A N   1 
ATOM   433 C CA  . LEU A 1 55  ? 20.110  13.090  2.405   1.00 61.44  ? 66  LEU A CA  1 
ATOM   434 C C   . LEU A 1 55  ? 20.971  12.687  3.587   1.00 61.42  ? 66  LEU A C   1 
ATOM   435 O O   . LEU A 1 55  ? 22.161  12.431  3.442   1.00 61.55  ? 66  LEU A O   1 
ATOM   436 C CB  . LEU A 1 55  ? 19.866  14.599  2.430   1.00 62.54  ? 66  LEU A CB  1 
ATOM   437 C CG  . LEU A 1 55  ? 20.205  15.370  1.148   1.00 65.62  ? 66  LEU A CG  1 
ATOM   438 C CD1 . LEU A 1 55  ? 19.611  14.673  -0.069  1.00 66.96  ? 66  LEU A CD1 1 
ATOM   439 C CD2 . LEU A 1 55  ? 19.672  16.787  1.265   1.00 65.86  ? 66  LEU A CD2 1 
ATOM   440 N N   . VAL A 1 56  ? 20.373  12.634  4.767   1.00 61.86  ? 67  VAL A N   1 
ATOM   441 C CA  . VAL A 1 56  ? 21.120  12.242  5.943   1.00 63.07  ? 67  VAL A CA  1 
ATOM   442 C C   . VAL A 1 56  ? 21.683  10.844  5.726   1.00 64.60  ? 67  VAL A C   1 
ATOM   443 O O   . VAL A 1 56  ? 22.772  10.528  6.197   1.00 64.29  ? 67  VAL A O   1 
ATOM   444 C CB  . VAL A 1 56  ? 20.227  12.243  7.196   1.00 62.60  ? 67  VAL A CB  1 
ATOM   445 C CG1 . VAL A 1 56  ? 20.935  11.549  8.354   1.00 59.54  ? 67  VAL A CG1 1 
ATOM   446 C CG2 . VAL A 1 56  ? 19.888  13.672  7.572   1.00 63.36  ? 67  VAL A CG2 1 
ATOM   447 N N   . ASN A 1 57  ? 20.937  10.014  5.000   1.00 66.03  ? 68  ASN A N   1 
ATOM   448 C CA  . ASN A 1 57  ? 21.359  8.643   4.728   1.00 66.62  ? 68  ASN A CA  1 
ATOM   449 C C   . ASN A 1 57  ? 22.641  8.592   3.899   1.00 68.05  ? 68  ASN A C   1 
ATOM   450 O O   . ASN A 1 57  ? 23.543  7.806   4.190   1.00 68.69  ? 68  ASN A O   1 
ATOM   451 C CB  . ASN A 1 57  ? 20.237  7.881   4.019   1.00 64.45  ? 68  ASN A CB  1 
ATOM   452 C CG  . ASN A 1 57  ? 20.593  6.434   3.743   1.00 61.30  ? 68  ASN A CG  1 
ATOM   453 O OD1 . ASN A 1 57  ? 20.992  6.080   2.631   1.00 59.65  ? 68  ASN A OD1 1 
ATOM   454 N ND2 . ASN A 1 57  ? 20.458  5.590   4.755   1.00 56.95  ? 68  ASN A ND2 1 
ATOM   455 N N   . SER A 1 58  ? 22.734  9.433   2.877   1.00 69.00  ? 69  SER A N   1 
ATOM   456 C CA  . SER A 1 58  ? 23.925  9.450   2.042   1.00 70.70  ? 69  SER A CA  1 
ATOM   457 C C   . SER A 1 58  ? 25.202  9.719   2.851   1.00 72.29  ? 69  SER A C   1 
ATOM   458 O O   . SER A 1 58  ? 26.268  9.212   2.509   1.00 73.02  ? 69  SER A O   1 
ATOM   459 C CB  . SER A 1 58  ? 23.790  10.495  0.933   1.00 70.16  ? 69  SER A CB  1 
ATOM   460 O OG  . SER A 1 58  ? 23.809  11.811  1.453   1.00 70.82  ? 69  SER A OG  1 
ATOM   461 N N   . VAL A 1 59  ? 25.112  10.509  3.917   1.00 73.39  ? 70  VAL A N   1 
ATOM   462 C CA  . VAL A 1 59  ? 26.302  10.789  4.715   1.00 74.91  ? 70  VAL A CA  1 
ATOM   463 C C   . VAL A 1 59  ? 26.439  9.802   5.868   1.00 75.70  ? 70  VAL A C   1 
ATOM   464 O O   . VAL A 1 59  ? 27.521  9.276   6.108   1.00 77.50  ? 70  VAL A O   1 
ATOM   465 C CB  . VAL A 1 59  ? 26.317  12.251  5.281   1.00 75.08  ? 70  VAL A CB  1 
ATOM   466 C CG1 . VAL A 1 59  ? 26.089  13.249  4.154   1.00 74.65  ? 70  VAL A CG1 1 
ATOM   467 C CG2 . VAL A 1 59  ? 25.279  12.421  6.376   1.00 74.28  ? 70  VAL A CG2 1 
ATOM   468 N N   . ASN A 1 60  ? 25.347  9.549   6.575   1.00 75.52  ? 71  ASN A N   1 
ATOM   469 C CA  . ASN A 1 60  ? 25.342  8.613   7.695   1.00 75.40  ? 71  ASN A CA  1 
ATOM   470 C C   . ASN A 1 60  ? 24.476  7.433   7.269   1.00 76.11  ? 71  ASN A C   1 
ATOM   471 O O   . ASN A 1 60  ? 23.386  7.621   6.729   1.00 77.00  ? 71  ASN A O   1 
ATOM   472 C CB  . ASN A 1 60  ? 24.746  9.286   8.937   1.00 74.71  ? 71  ASN A CB  1 
ATOM   473 C CG  . ASN A 1 60  ? 24.641  8.345   10.125  1.00 74.64  ? 71  ASN A CG  1 
ATOM   474 O OD1 . ASN A 1 60  ? 24.865  7.141   10.004  1.00 75.37  ? 71  ASN A OD1 1 
ATOM   475 N ND2 . ASN A 1 60  ? 24.287  8.894   11.282  1.00 72.81  ? 71  ASN A ND2 1 
ATOM   476 N N   . SER A 1 61  ? 24.944  6.214   7.504   1.00 76.10  ? 72  SER A N   1 
ATOM   477 C CA  . SER A 1 61  ? 24.168  5.053   7.102   1.00 75.78  ? 72  SER A CA  1 
ATOM   478 C C   . SER A 1 61  ? 23.381  4.382   8.212   1.00 75.68  ? 72  SER A C   1 
ATOM   479 O O   . SER A 1 61  ? 22.539  3.532   7.940   1.00 76.59  ? 72  SER A O   1 
ATOM   480 C CB  . SER A 1 61  ? 25.069  4.034   6.416   1.00 75.71  ? 72  SER A CB  1 
ATOM   481 O OG  . SER A 1 61  ? 25.424  4.492   5.123   1.00 77.19  ? 72  SER A OG  1 
ATOM   482 N N   . LYS A 1 62  ? 23.641  4.747   9.460   1.00 75.16  ? 73  LYS A N   1 
ATOM   483 C CA  . LYS A 1 62  ? 22.893  4.135   10.549  1.00 74.67  ? 73  LYS A CA  1 
ATOM   484 C C   . LYS A 1 62  ? 21.431  4.542   10.399  1.00 73.36  ? 73  LYS A C   1 
ATOM   485 O O   . LYS A 1 62  ? 20.529  3.889   10.921  1.00 73.87  ? 73  LYS A O   1 
ATOM   486 C CB  . LYS A 1 62  ? 23.418  4.597   11.911  1.00 77.12  ? 73  LYS A CB  1 
ATOM   487 C CG  . LYS A 1 62  ? 22.609  4.032   13.073  1.00 80.70  ? 73  LYS A CG  1 
ATOM   488 C CD  . LYS A 1 62  ? 23.100  4.519   14.428  1.00 85.03  ? 73  LYS A CD  1 
ATOM   489 C CE  . LYS A 1 62  ? 22.313  3.852   15.559  1.00 87.21  ? 73  LYS A CE  1 
ATOM   490 N NZ  . LYS A 1 62  ? 22.802  4.232   16.918  1.00 88.81  ? 73  LYS A NZ  1 
ATOM   491 N N   . ILE A 1 63  ? 21.213  5.638   9.678   1.00 71.68  ? 74  ILE A N   1 
ATOM   492 C CA  . ILE A 1 63  ? 19.874  6.161   9.434   1.00 69.18  ? 74  ILE A CA  1 
ATOM   493 C C   . ILE A 1 63  ? 19.366  5.635   8.096   1.00 66.62  ? 74  ILE A C   1 
ATOM   494 O O   . ILE A 1 63  ? 19.981  5.858   7.056   1.00 65.89  ? 74  ILE A O   1 
ATOM   495 C CB  . ILE A 1 63  ? 19.876  7.716   9.411   1.00 69.60  ? 74  ILE A CB  1 
ATOM   496 C CG1 . ILE A 1 63  ? 19.988  8.259   10.835  1.00 68.63  ? 74  ILE A CG1 1 
ATOM   497 C CG2 . ILE A 1 63  ? 18.603  8.241   8.771   1.00 68.46  ? 74  ILE A CG2 1 
ATOM   498 C CD1 . ILE A 1 63  ? 21.213  7.804   11.576  1.00 68.32  ? 74  ILE A CD1 1 
ATOM   499 N N   . PRO A 1 64  ? 18.229  4.924   8.113   1.00 64.87  ? 75  PRO A N   1 
ATOM   500 C CA  . PRO A 1 64  ? 17.621  4.354   6.910   1.00 63.35  ? 75  PRO A CA  1 
ATOM   501 C C   . PRO A 1 64  ? 17.109  5.380   5.917   1.00 62.17  ? 75  PRO A C   1 
ATOM   502 O O   . PRO A 1 64  ? 16.768  6.503   6.280   1.00 62.65  ? 75  PRO A O   1 
ATOM   503 C CB  . PRO A 1 64  ? 16.498  3.495   7.470   1.00 62.61  ? 75  PRO A CB  1 
ATOM   504 C CG  . PRO A 1 64  ? 16.097  4.244   8.686   1.00 64.40  ? 75  PRO A CG  1 
ATOM   505 C CD  . PRO A 1 64  ? 17.420  4.607   9.300   1.00 64.15  ? 75  PRO A CD  1 
ATOM   506 N N   . LYS A 1 65  ? 17.069  4.979   4.654   1.00 61.15  ? 76  LYS A N   1 
ATOM   507 C CA  . LYS A 1 65  ? 16.587  5.832   3.584   1.00 59.89  ? 76  LYS A CA  1 
ATOM   508 C C   . LYS A 1 65  ? 15.071  5.979   3.780   1.00 58.35  ? 76  LYS A C   1 
ATOM   509 O O   . LYS A 1 65  ? 14.496  5.349   4.667   1.00 58.51  ? 76  LYS A O   1 
ATOM   510 C CB  . LYS A 1 65  ? 16.909  5.169   2.243   1.00 60.93  ? 76  LYS A CB  1 
ATOM   511 C CG  . LYS A 1 65  ? 17.404  6.124   1.175   1.00 66.49  ? 76  LYS A CG  1 
ATOM   512 C CD  . LYS A 1 65  ? 17.789  5.402   -0.122  1.00 69.10  ? 76  LYS A CD  1 
ATOM   513 C CE  . LYS A 1 65  ? 19.124  4.667   -0.015  1.00 71.10  ? 76  LYS A CE  1 
ATOM   514 N NZ  . LYS A 1 65  ? 19.122  3.578   1.000   1.00 73.68  ? 76  LYS A NZ  1 
ATOM   515 N N   . ALA A 1 66  ? 14.422  6.819   2.983   1.00 57.29  ? 77  ALA A N   1 
ATOM   516 C CA  . ALA A 1 66  ? 12.972  6.984   3.116   1.00 55.55  ? 77  ALA A CA  1 
ATOM   517 C C   . ALA A 1 66  ? 12.293  5.715   2.597   1.00 53.95  ? 77  ALA A C   1 
ATOM   518 O O   . ALA A 1 66  ? 12.849  5.003   1.763   1.00 54.10  ? 77  ALA A O   1 
ATOM   519 C CB  . ALA A 1 66  ? 12.497  8.207   2.321   1.00 54.84  ? 77  ALA A CB  1 
ATOM   520 N N   . CYS A 1 67  ? 11.091  5.434   3.081   1.00 52.21  ? 78  CYS A N   1 
ATOM   521 C CA  . CYS A 1 67  ? 10.378  4.238   2.659   1.00 51.19  ? 78  CYS A CA  1 
ATOM   522 C C   . CYS A 1 67  ? 9.344   4.417   1.532   1.00 51.15  ? 78  CYS A C   1 
ATOM   523 O O   . CYS A 1 67  ? 8.613   5.408   1.476   1.00 50.97  ? 78  CYS A O   1 
ATOM   524 C CB  . CYS A 1 67  ? 9.709   3.589   3.864   1.00 50.00  ? 78  CYS A CB  1 
ATOM   525 S SG  . CYS A 1 67  ? 9.364   1.827   3.639   1.00 50.82  ? 78  CYS A SG  1 
ATOM   526 N N   . CYS A 1 68  ? 9.306   3.427   0.645   1.00 50.63  ? 79  CYS A N   1 
ATOM   527 C CA  . CYS A 1 68  ? 8.401   3.384   -0.502  1.00 50.13  ? 79  CYS A CA  1 
ATOM   528 C C   . CYS A 1 68  ? 7.062   2.815   -0.041  1.00 49.11  ? 79  CYS A C   1 
ATOM   529 O O   . CYS A 1 68  ? 6.968   1.640   0.315   1.00 48.80  ? 79  CYS A O   1 
ATOM   530 C CB  . CYS A 1 68  ? 9.002   2.485   -1.573  1.00 51.81  ? 79  CYS A CB  1 
ATOM   531 S SG  . CYS A 1 68  ? 8.051   2.350   -3.104  1.00 51.99  ? 79  CYS A SG  1 
ATOM   532 N N   . VAL A 1 69  ? 6.029   3.650   -0.064  1.00 47.67  ? 80  VAL A N   1 
ATOM   533 C CA  . VAL A 1 69  ? 4.719   3.246   0.416   1.00 45.62  ? 80  VAL A CA  1 
ATOM   534 C C   . VAL A 1 69  ? 3.591   3.795   -0.432  1.00 44.92  ? 80  VAL A C   1 
ATOM   535 O O   . VAL A 1 69  ? 3.804   4.673   -1.262  1.00 44.24  ? 80  VAL A O   1 
ATOM   536 C CB  . VAL A 1 69  ? 4.514   3.730   1.861   1.00 45.06  ? 80  VAL A CB  1 
ATOM   537 C CG1 . VAL A 1 69  ? 5.501   3.041   2.792   1.00 43.60  ? 80  VAL A CG1 1 
ATOM   538 C CG2 . VAL A 1 69  ? 4.695   5.230   1.924   1.00 43.04  ? 80  VAL A CG2 1 
ATOM   539 N N   . PRO A 1 70  ? 2.368   3.268   -0.236  1.00 45.39  ? 81  PRO A N   1 
ATOM   540 C CA  . PRO A 1 70  ? 1.183   3.705   -0.987  1.00 45.01  ? 81  PRO A CA  1 
ATOM   541 C C   . PRO A 1 70  ? 0.880   5.165   -0.668  1.00 44.48  ? 81  PRO A C   1 
ATOM   542 O O   . PRO A 1 70  ? 0.792   5.547   0.494   1.00 43.32  ? 81  PRO A O   1 
ATOM   543 C CB  . PRO A 1 70  ? 0.082   2.771   -0.481  1.00 44.07  ? 81  PRO A CB  1 
ATOM   544 C CG  . PRO A 1 70  ? 0.827   1.543   -0.097  1.00 45.40  ? 81  PRO A CG  1 
ATOM   545 C CD  . PRO A 1 70  ? 2.049   2.094   0.599   1.00 44.94  ? 81  PRO A CD  1 
ATOM   546 N N   . THR A 1 71  ? 0.726   5.978   -1.701  1.00 44.28  ? 82  THR A N   1 
ATOM   547 C CA  . THR A 1 71  ? 0.442   7.379   -1.496  1.00 44.66  ? 82  THR A CA  1 
ATOM   548 C C   . THR A 1 71  ? -0.930  7.673   -2.048  1.00 46.11  ? 82  THR A C   1 
ATOM   549 O O   . THR A 1 71  ? -1.493  8.736   -1.803  1.00 47.12  ? 82  THR A O   1 
ATOM   550 C CB  . THR A 1 71  ? 1.485   8.256   -2.196  1.00 43.31  ? 82  THR A CB  1 
ATOM   551 O OG1 . THR A 1 71  ? 1.496   7.967   -3.596  1.00 42.61  ? 82  THR A OG1 1 
ATOM   552 C CG2 . THR A 1 71  ? 2.865   7.981   -1.625  1.00 43.83  ? 82  THR A CG2 1 
ATOM   553 N N   . GLU A 1 72  ? -1.467  6.708   -2.788  1.00 46.95  ? 83  GLU A N   1 
ATOM   554 C CA  . GLU A 1 72  ? -2.783  6.829   -3.393  1.00 47.45  ? 83  GLU A CA  1 
ATOM   555 C C   . GLU A 1 72  ? -3.507  5.486   -3.249  1.00 46.31  ? 83  GLU A C   1 
ATOM   556 O O   . GLU A 1 72  ? -3.021  4.450   -3.700  1.00 45.95  ? 83  GLU A O   1 
ATOM   557 C CB  . GLU A 1 72  ? -2.631  7.208   -4.865  1.00 52.41  ? 83  GLU A CB  1 
ATOM   558 C CG  . GLU A 1 72  ? -3.627  8.256   -5.375  1.00 61.45  ? 83  GLU A CG  1 
ATOM   559 C CD  . GLU A 1 72  ? -3.321  8.696   -6.814  1.00 69.67  ? 83  GLU A CD  1 
ATOM   560 O OE1 . GLU A 1 72  ? -2.162  9.102   -7.081  1.00 72.19  ? 83  GLU A OE1 1 
ATOM   561 O OE2 . GLU A 1 72  ? -4.234  8.637   -7.677  1.00 71.46  ? 83  GLU A OE2 1 
ATOM   562 N N   . LEU A 1 73  ? -4.669  5.513   -2.608  1.00 45.53  ? 84  LEU A N   1 
ATOM   563 C CA  . LEU A 1 73  ? -5.462  4.311   -2.379  1.00 44.27  ? 84  LEU A CA  1 
ATOM   564 C C   . LEU A 1 73  ? -6.917  4.486   -2.797  1.00 44.63  ? 84  LEU A C   1 
ATOM   565 O O   . LEU A 1 73  ? -7.489  5.564   -2.655  1.00 45.66  ? 84  LEU A O   1 
ATOM   566 C CB  . LEU A 1 73  ? -5.413  3.947   -0.895  1.00 43.13  ? 84  LEU A CB  1 
ATOM   567 C CG  . LEU A 1 73  ? -4.024  3.623   -0.332  1.00 44.44  ? 84  LEU A CG  1 
ATOM   568 C CD1 . LEU A 1 73  ? -3.967  3.892   1.161   1.00 43.84  ? 84  LEU A CD1 1 
ATOM   569 C CD2 . LEU A 1 73  ? -3.704  2.164   -0.624  1.00 44.28  ? 84  LEU A CD2 1 
ATOM   570 N N   . SER A 1 74  ? -7.510  3.427   -3.336  1.00 44.71  ? 85  SER A N   1 
ATOM   571 C CA  . SER A 1 74  ? -8.911  3.461   -3.726  1.00 43.43  ? 85  SER A CA  1 
ATOM   572 C C   . SER A 1 74  ? -9.594  2.340   -2.946  1.00 42.86  ? 85  SER A C   1 
ATOM   573 O O   . SER A 1 74  ? -8.920  1.506   -2.313  1.00 42.24  ? 85  SER A O   1 
ATOM   574 C CB  . SER A 1 74  ? -9.074  3.272   -5.239  1.00 42.84  ? 85  SER A CB  1 
ATOM   575 O OG  . SER A 1 74  ? -8.607  2.009   -5.657  1.00 49.95  ? 85  SER A OG  1 
ATOM   576 N N   . ALA A 1 75  ? -10.922 2.327   -2.974  1.00 42.04  ? 86  ALA A N   1 
ATOM   577 C CA  . ALA A 1 75  ? -11.689 1.327   -2.239  1.00 41.84  ? 86  ALA A CA  1 
ATOM   578 C C   . ALA A 1 75  ? -12.317 0.269   -3.134  1.00 42.37  ? 86  ALA A C   1 
ATOM   579 O O   . ALA A 1 75  ? -12.331 0.393   -4.355  1.00 41.89  ? 86  ALA A O   1 
ATOM   580 C CB  . ALA A 1 75  ? -12.784 2.020   -1.417  1.00 37.41  ? 86  ALA A CB  1 
ATOM   581 N N   . ILE A 1 76  ? -12.810 -0.787  -2.500  1.00 43.86  ? 87  ILE A N   1 
ATOM   582 C CA  . ILE A 1 76  ? -13.501 -1.863  -3.187  1.00 46.14  ? 87  ILE A CA  1 
ATOM   583 C C   . ILE A 1 76  ? -14.737 -2.140  -2.340  1.00 47.70  ? 87  ILE A C   1 
ATOM   584 O O   . ILE A 1 76  ? -14.715 -1.939  -1.119  1.00 47.69  ? 87  ILE A O   1 
ATOM   585 C CB  . ILE A 1 76  ? -12.663 -3.168  -3.274  1.00 45.37  ? 87  ILE A CB  1 
ATOM   586 C CG1 . ILE A 1 76  ? -12.340 -3.686  -1.878  1.00 45.84  ? 87  ILE A CG1 1 
ATOM   587 C CG2 . ILE A 1 76  ? -11.395 -2.922  -4.044  1.00 47.45  ? 87  ILE A CG2 1 
ATOM   588 C CD1 . ILE A 1 76  ? -11.833 -5.098  -1.878  1.00 45.51  ? 87  ILE A CD1 1 
ATOM   589 N N   . SER A 1 77  ? -15.821 -2.575  -2.975  1.00 49.11  ? 88  SER A N   1 
ATOM   590 C CA  . SER A 1 77  ? -17.030 -2.880  -2.214  1.00 50.34  ? 88  SER A CA  1 
ATOM   591 C C   . SER A 1 77  ? -17.007 -4.356  -1.882  1.00 49.77  ? 88  SER A C   1 
ATOM   592 O O   . SER A 1 77  ? -16.523 -5.166  -2.662  1.00 50.26  ? 88  SER A O   1 
ATOM   593 C CB  . SER A 1 77  ? -18.274 -2.561  -3.031  1.00 51.82  ? 88  SER A CB  1 
ATOM   594 O OG  . SER A 1 77  ? -18.127 -1.308  -3.666  1.00 58.27  ? 88  SER A OG  1 
ATOM   595 N N   . MET A 1 78  ? -17.522 -4.712  -0.718  1.00 50.41  ? 89  MET A N   1 
ATOM   596 C CA  . MET A 1 78  ? -17.542 -6.108  -0.335  1.00 50.62  ? 89  MET A CA  1 
ATOM   597 C C   . MET A 1 78  ? -18.856 -6.500  0.302   1.00 50.69  ? 89  MET A C   1 
ATOM   598 O O   . MET A 1 78  ? -19.531 -5.679  0.924   1.00 50.94  ? 89  MET A O   1 
ATOM   599 C CB  . MET A 1 78  ? -16.396 -6.418  0.633   1.00 49.72  ? 89  MET A CB  1 
ATOM   600 C CG  . MET A 1 78  ? -15.012 -6.110  0.078   1.00 54.22  ? 89  MET A CG  1 
ATOM   601 S SD  . MET A 1 78  ? -13.679 -6.831  1.064   1.00 59.10  ? 89  MET A SD  1 
ATOM   602 C CE  . MET A 1 78  ? -14.207 -6.356  2.757   1.00 52.91  ? 89  MET A CE  1 
ATOM   603 N N   . LEU A 1 79  ? -19.223 -7.758  0.116   1.00 50.57  ? 90  LEU A N   1 
ATOM   604 C CA  . LEU A 1 79  ? -20.416 -8.301  0.725   1.00 51.53  ? 90  LEU A CA  1 
ATOM   605 C C   . LEU A 1 79  ? -19.870 -9.139  1.863   1.00 52.56  ? 90  LEU A C   1 
ATOM   606 O O   . LEU A 1 79  ? -19.020 -10.003 1.637   1.00 52.75  ? 90  LEU A O   1 
ATOM   607 C CB  . LEU A 1 79  ? -21.171 -9.201  -0.250  1.00 51.24  ? 90  LEU A CB  1 
ATOM   608 C CG  . LEU A 1 79  ? -22.254 -8.544  -1.093  1.00 51.94  ? 90  LEU A CG  1 
ATOM   609 C CD1 . LEU A 1 79  ? -22.910 -9.586  -1.984  1.00 51.87  ? 90  LEU A CD1 1 
ATOM   610 C CD2 . LEU A 1 79  ? -23.283 -7.899  -0.174  1.00 51.52  ? 90  LEU A CD2 1 
ATOM   611 N N   . TYR A 1 80  ? -20.323 -8.884  3.081   1.00 53.46  ? 91  TYR A N   1 
ATOM   612 C CA  . TYR A 1 80  ? -19.841 -9.667  4.207   1.00 55.75  ? 91  TYR A CA  1 
ATOM   613 C C   . TYR A 1 80  ? -20.887 -9.817  5.294   1.00 58.05  ? 91  TYR A C   1 
ATOM   614 O O   . TYR A 1 80  ? -21.947 -9.197  5.239   1.00 57.56  ? 91  TYR A O   1 
ATOM   615 C CB  . TYR A 1 80  ? -18.578 -9.045  4.809   1.00 55.00  ? 91  TYR A CB  1 
ATOM   616 C CG  . TYR A 1 80  ? -18.823 -7.810  5.643   1.00 54.34  ? 91  TYR A CG  1 
ATOM   617 C CD1 . TYR A 1 80  ? -19.003 -6.567  5.048   1.00 55.08  ? 91  TYR A CD1 1 
ATOM   618 C CD2 . TYR A 1 80  ? -18.880 -7.891  7.030   1.00 54.20  ? 91  TYR A CD2 1 
ATOM   619 C CE1 . TYR A 1 80  ? -19.236 -5.430  5.817   1.00 57.92  ? 91  TYR A CE1 1 
ATOM   620 C CE2 . TYR A 1 80  ? -19.110 -6.764  7.809   1.00 56.18  ? 91  TYR A CE2 1 
ATOM   621 C CZ  . TYR A 1 80  ? -19.289 -5.535  7.198   1.00 57.46  ? 91  TYR A CZ  1 
ATOM   622 O OH  . TYR A 1 80  ? -19.536 -4.417  7.965   1.00 58.70  ? 91  TYR A OH  1 
ATOM   623 N N   . LEU A 1 81  ? -20.563 -10.645 6.281   1.00 60.57  ? 92  LEU A N   1 
ATOM   624 C CA  . LEU A 1 81  ? -21.436 -10.926 7.410   1.00 63.44  ? 92  LEU A CA  1 
ATOM   625 C C   . LEU A 1 81  ? -20.843 -10.289 8.645   1.00 65.73  ? 92  LEU A C   1 
ATOM   626 O O   . LEU A 1 81  ? -19.693 -10.544 8.972   1.00 66.58  ? 92  LEU A O   1 
ATOM   627 C CB  . LEU A 1 81  ? -21.534 -12.432 7.617   1.00 63.45  ? 92  LEU A CB  1 
ATOM   628 C CG  . LEU A 1 81  ? -22.240 -13.155 6.474   1.00 64.78  ? 92  LEU A CG  1 
ATOM   629 C CD1 . LEU A 1 81  ? -21.796 -14.601 6.382   1.00 64.46  ? 92  LEU A CD1 1 
ATOM   630 C CD2 . LEU A 1 81  ? -23.736 -13.045 6.700   1.00 65.64  ? 92  LEU A CD2 1 
ATOM   631 N N   . ASP A 1 82  ? -21.617 -9.461  9.334   1.00 68.08  ? 93  ASP A N   1 
ATOM   632 C CA  . ASP A 1 82  ? -21.099 -8.823  10.527  1.00 71.19  ? 93  ASP A CA  1 
ATOM   633 C C   . ASP A 1 82  ? -21.217 -9.739  11.732  1.00 73.54  ? 93  ASP A C   1 
ATOM   634 O O   . ASP A 1 82  ? -21.357 -10.957 11.599  1.00 74.01  ? 93  ASP A O   1 
ATOM   635 C CB  . ASP A 1 82  ? -21.823 -7.500  10.814  1.00 72.08  ? 93  ASP A CB  1 
ATOM   636 C CG  . ASP A 1 82  ? -23.311 -7.678  11.072  1.00 74.16  ? 93  ASP A CG  1 
ATOM   637 O OD1 . ASP A 1 82  ? -23.723 -8.741  11.589  1.00 73.85  ? 93  ASP A OD1 1 
ATOM   638 O OD2 . ASP A 1 82  ? -24.069 -6.730  10.772  1.00 74.93  ? 93  ASP A OD2 1 
ATOM   639 N N   . GLU A 1 83  ? -21.158 -9.128  12.910  1.00 75.58  ? 94  GLU A N   1 
ATOM   640 C CA  . GLU A 1 83  ? -21.247 -9.837  14.179  1.00 77.45  ? 94  GLU A CA  1 
ATOM   641 C C   . GLU A 1 83  ? -22.525 -10.672 14.334  1.00 77.42  ? 94  GLU A C   1 
ATOM   642 O O   . GLU A 1 83  ? -22.480 -11.765 14.900  1.00 78.17  ? 94  GLU A O   1 
ATOM   643 C CB  . GLU A 1 83  ? -21.140 -8.820  15.320  1.00 79.76  ? 94  GLU A CB  1 
ATOM   644 C CG  . GLU A 1 83  ? -22.169 -7.697  15.217  1.00 84.30  ? 94  GLU A CG  1 
ATOM   645 C CD  . GLU A 1 83  ? -21.646 -6.355  15.697  1.00 86.80  ? 94  GLU A CD  1 
ATOM   646 O OE1 . GLU A 1 83  ? -21.227 -6.263  16.870  1.00 88.15  ? 94  GLU A OE1 1 
ATOM   647 O OE2 . GLU A 1 83  ? -21.662 -5.390  14.898  1.00 87.90  ? 94  GLU A OE2 1 
ATOM   648 N N   . ASN A 1 84  ? -23.652 -10.175 13.822  1.00 76.45  ? 95  ASN A N   1 
ATOM   649 C CA  . ASN A 1 84  ? -24.924 -10.893 13.945  1.00 74.98  ? 95  ASN A CA  1 
ATOM   650 C C   . ASN A 1 84  ? -25.304 -11.715 12.713  1.00 73.28  ? 95  ASN A C   1 
ATOM   651 O O   . ASN A 1 84  ? -26.451 -12.146 12.574  1.00 72.71  ? 95  ASN A O   1 
ATOM   652 C CB  . ASN A 1 84  ? -26.048 -9.906  14.250  1.00 76.45  ? 95  ASN A CB  1 
ATOM   653 C CG  . ASN A 1 84  ? -25.605 -8.793  15.172  1.00 79.32  ? 95  ASN A CG  1 
ATOM   654 O OD1 . ASN A 1 84  ? -25.044 -7.788  14.725  1.00 81.22  ? 95  ASN A OD1 1 
ATOM   655 N ND2 . ASN A 1 84  ? -25.839 -8.967  16.470  1.00 80.67  ? 95  ASN A ND2 1 
ATOM   656 N N   . GLU A 1 85  ? -24.337 -11.944 11.833  1.00 71.28  ? 96  GLU A N   1 
ATOM   657 C CA  . GLU A 1 85  ? -24.574 -12.701 10.612  1.00 69.61  ? 96  GLU A CA  1 
ATOM   658 C C   . GLU A 1 85  ? -25.586 -12.010 9.701   1.00 67.04  ? 96  GLU A C   1 
ATOM   659 O O   . GLU A 1 85  ? -26.440 -12.650 9.092   1.00 65.43  ? 96  GLU A O   1 
ATOM   660 C CB  . GLU A 1 85  ? -25.031 -14.123 10.938  1.00 71.29  ? 96  GLU A CB  1 
ATOM   661 C CG  . GLU A 1 85  ? -23.886 -15.028 11.360  1.00 75.95  ? 96  GLU A CG  1 
ATOM   662 C CD  . GLU A 1 85  ? -24.308 -16.477 11.499  1.00 80.38  ? 96  GLU A CD  1 
ATOM   663 O OE1 . GLU A 1 85  ? -25.077 -16.785 12.438  1.00 82.47  ? 96  GLU A OE1 1 
ATOM   664 O OE2 . GLU A 1 85  ? -23.875 -17.304 10.661  1.00 80.86  ? 96  GLU A OE2 1 
ATOM   665 N N   . LYS A 1 86  ? -25.467 -10.688 9.628   1.00 64.90  ? 97  LYS A N   1 
ATOM   666 C CA  . LYS A 1 86  ? -26.318 -9.869  8.785   1.00 62.46  ? 97  LYS A CA  1 
ATOM   667 C C   . LYS A 1 86  ? -25.522 -9.564  7.532   1.00 59.85  ? 97  LYS A C   1 
ATOM   668 O O   . LYS A 1 86  ? -24.436 -9.001  7.618   1.00 59.93  ? 97  LYS A O   1 
ATOM   669 C CB  . LYS A 1 86  ? -26.649 -8.544  9.464   1.00 62.58  ? 97  LYS A CB  1 
ATOM   670 C CG  . LYS A 1 86  ? -27.463 -8.640  10.718  1.00 65.20  ? 97  LYS A CG  1 
ATOM   671 C CD  . LYS A 1 86  ? -27.696 -7.237  11.264  1.00 69.92  ? 97  LYS A CD  1 
ATOM   672 C CE  . LYS A 1 86  ? -28.559 -7.245  12.514  1.00 71.70  ? 97  LYS A CE  1 
ATOM   673 N NZ  . LYS A 1 86  ? -28.856 -5.848  12.950  1.00 73.96  ? 97  LYS A NZ  1 
ATOM   674 N N   . VAL A 1 87  ? -26.049 -9.938  6.374   1.00 57.29  ? 98  VAL A N   1 
ATOM   675 C CA  . VAL A 1 87  ? -25.357 -9.661  5.126   1.00 54.79  ? 98  VAL A CA  1 
ATOM   676 C C   . VAL A 1 87  ? -25.226 -8.143  5.019   1.00 53.60  ? 98  VAL A C   1 
ATOM   677 O O   . VAL A 1 87  ? -26.192 -7.419  5.249   1.00 54.58  ? 98  VAL A O   1 
ATOM   678 C CB  . VAL A 1 87  ? -26.154 -10.194 3.927   1.00 53.54  ? 98  VAL A CB  1 
ATOM   679 C CG1 . VAL A 1 87  ? -25.423 -9.878  2.634   1.00 54.56  ? 98  VAL A CG1 1 
ATOM   680 C CG2 . VAL A 1 87  ? -26.354 -11.678 4.069   1.00 51.90  ? 98  VAL A CG2 1 
ATOM   681 N N   . VAL A 1 88  ? -24.037 -7.661  4.682   1.00 51.93  ? 99  VAL A N   1 
ATOM   682 C CA  . VAL A 1 88  ? -23.804 -6.228  4.576   1.00 50.02  ? 99  VAL A CA  1 
ATOM   683 C C   . VAL A 1 88  ? -23.030 -5.866  3.317   1.00 48.90  ? 99  VAL A C   1 
ATOM   684 O O   . VAL A 1 88  ? -22.096 -6.561  2.936   1.00 49.96  ? 99  VAL A O   1 
ATOM   685 C CB  . VAL A 1 88  ? -23.003 -5.703  5.801   1.00 52.40  ? 99  VAL A CB  1 
ATOM   686 C CG1 . VAL A 1 88  ? -22.805 -4.196  5.693   1.00 52.53  ? 99  VAL A CG1 1 
ATOM   687 C CG2 . VAL A 1 88  ? -23.727 -6.050  7.101   1.00 50.52  ? 99  VAL A CG2 1 
ATOM   688 N N   . LEU A 1 89  ? -23.445 -4.790  2.661   1.00 47.79  ? 100 LEU A N   1 
ATOM   689 C CA  . LEU A 1 89  ? -22.767 -4.307  1.471   1.00 47.05  ? 100 LEU A CA  1 
ATOM   690 C C   . LEU A 1 89  ? -22.094 -3.025  1.944   1.00 48.87  ? 100 LEU A C   1 
ATOM   691 O O   . LEU A 1 89  ? -22.747 -2.011  2.193   1.00 49.69  ? 100 LEU A O   1 
ATOM   692 C CB  . LEU A 1 89  ? -23.760 -3.997  0.349   1.00 44.03  ? 100 LEU A CB  1 
ATOM   693 C CG  . LEU A 1 89  ? -23.119 -3.358  -0.892  1.00 42.41  ? 100 LEU A CG  1 
ATOM   694 C CD1 . LEU A 1 89  ? -22.031 -4.274  -1.445  1.00 40.76  ? 100 LEU A CD1 1 
ATOM   695 C CD2 . LEU A 1 89  ? -24.176 -3.084  -1.936  1.00 37.34  ? 100 LEU A CD2 1 
ATOM   696 N N   . LYS A 1 90  ? -20.784 -3.074  2.091   1.00 50.00  ? 101 LYS A N   1 
ATOM   697 C CA  . LYS A 1 90  ? -20.062 -1.921  2.583   1.00 51.16  ? 101 LYS A CA  1 
ATOM   698 C C   . LYS A 1 90  ? -18.898 -1.575  1.687   1.00 51.73  ? 101 LYS A C   1 
ATOM   699 O O   . LYS A 1 90  ? -18.271 -2.452  1.098   1.00 51.86  ? 101 LYS A O   1 
ATOM   700 C CB  . LYS A 1 90  ? -19.556 -2.215  3.992   1.00 51.81  ? 101 LYS A CB  1 
ATOM   701 C CG  . LYS A 1 90  ? -18.741 -1.114  4.623   1.00 54.75  ? 101 LYS A CG  1 
ATOM   702 C CD  . LYS A 1 90  ? -18.160 -1.595  5.957   1.00 58.70  ? 101 LYS A CD  1 
ATOM   703 C CE  . LYS A 1 90  ? -17.340 -0.506  6.624   1.00 57.66  ? 101 LYS A CE  1 
ATOM   704 N NZ  . LYS A 1 90  ? -16.389 0.085   5.650   1.00 59.61  ? 101 LYS A NZ  1 
ATOM   705 N N   . ASN A 1 91  ? -18.620 -0.285  1.572   1.00 52.82  ? 102 ASN A N   1 
ATOM   706 C CA  . ASN A 1 91  ? -17.485 0.155   0.786   1.00 53.56  ? 102 ASN A CA  1 
ATOM   707 C C   . ASN A 1 91  ? -16.306 0.202   1.743   1.00 52.28  ? 102 ASN A C   1 
ATOM   708 O O   . ASN A 1 91  ? -16.415 0.766   2.828   1.00 52.35  ? 102 ASN A O   1 
ATOM   709 C CB  . ASN A 1 91  ? -17.737 1.533   0.212   1.00 55.87  ? 102 ASN A CB  1 
ATOM   710 C CG  . ASN A 1 91  ? -17.735 1.516   -1.277  1.00 61.25  ? 102 ASN A CG  1 
ATOM   711 O OD1 . ASN A 1 91  ? -18.459 0.732   -1.891  1.00 64.48  ? 102 ASN A OD1 1 
ATOM   712 N ND2 . ASN A 1 91  ? -16.914 2.365   -1.883  1.00 63.31  ? 102 ASN A ND2 1 
ATOM   713 N N   . TYR A 1 92  ? -15.195 -0.418  1.369   1.00 50.61  ? 103 TYR A N   1 
ATOM   714 C CA  . TYR A 1 92  ? -14.034 -0.407  2.242   1.00 49.76  ? 103 TYR A CA  1 
ATOM   715 C C   . TYR A 1 92  ? -12.942 0.488   1.696   1.00 49.17  ? 103 TYR A C   1 
ATOM   716 O O   . TYR A 1 92  ? -12.408 0.239   0.617   1.00 48.32  ? 103 TYR A O   1 
ATOM   717 C CB  . TYR A 1 92  ? -13.481 -1.814  2.435   1.00 51.17  ? 103 TYR A CB  1 
ATOM   718 C CG  . TYR A 1 92  ? -14.216 -2.627  3.467   1.00 53.83  ? 103 TYR A CG  1 
ATOM   719 C CD1 . TYR A 1 92  ? -15.487 -3.133  3.208   1.00 56.07  ? 103 TYR A CD1 1 
ATOM   720 C CD2 . TYR A 1 92  ? -13.636 -2.899  4.705   1.00 54.54  ? 103 TYR A CD2 1 
ATOM   721 C CE1 . TYR A 1 92  ? -16.162 -3.893  4.152   1.00 56.34  ? 103 TYR A CE1 1 
ATOM   722 C CE2 . TYR A 1 92  ? -14.300 -3.656  5.653   1.00 55.77  ? 103 TYR A CE2 1 
ATOM   723 C CZ  . TYR A 1 92  ? -15.564 -4.151  5.369   1.00 57.73  ? 103 TYR A CZ  1 
ATOM   724 O OH  . TYR A 1 92  ? -16.229 -4.919  6.297   1.00 61.78  ? 103 TYR A OH  1 
ATOM   725 N N   . GLN A 1 93  ? -12.608 1.523   2.454   1.00 49.15  ? 104 GLN A N   1 
ATOM   726 C CA  . GLN A 1 93  ? -11.573 2.461   2.053   1.00 50.13  ? 104 GLN A CA  1 
ATOM   727 C C   . GLN A 1 93  ? -10.147 1.920   2.174   1.00 49.00  ? 104 GLN A C   1 
ATOM   728 O O   . GLN A 1 93  ? -9.889  0.953   2.893   1.00 49.25  ? 104 GLN A O   1 
ATOM   729 C CB  . GLN A 1 93  ? -11.699 3.741   2.879   1.00 52.81  ? 104 GLN A CB  1 
ATOM   730 C CG  . GLN A 1 93  ? -13.001 4.489   2.639   1.00 58.87  ? 104 GLN A CG  1 
ATOM   731 C CD  . GLN A 1 93  ? -13.159 4.946   1.195   1.00 63.18  ? 104 GLN A CD  1 
ATOM   732 O OE1 . GLN A 1 93  ? -14.276 5.192   0.735   1.00 68.45  ? 104 GLN A OE1 1 
ATOM   733 N NE2 . GLN A 1 93  ? -12.043 5.065   0.475   1.00 63.41  ? 104 GLN A NE2 1 
ATOM   734 N N   . ASP A 1 94  ? -9.233  2.549   1.445   1.00 48.11  ? 105 ASP A N   1 
ATOM   735 C CA  . ASP A 1 94  ? -7.812  2.198   1.478   1.00 47.48  ? 105 ASP A CA  1 
ATOM   736 C C   . ASP A 1 94  ? -7.493  0.723   1.312   1.00 47.10  ? 105 ASP A C   1 
ATOM   737 O O   . ASP A 1 94  ? -6.813  0.142   2.160   1.00 47.69  ? 105 ASP A O   1 
ATOM   738 C CB  . ASP A 1 94  ? -7.202  2.681   2.792   1.00 46.68  ? 105 ASP A CB  1 
ATOM   739 C CG  . ASP A 1 94  ? -7.547  4.115   3.094   1.00 45.63  ? 105 ASP A CG  1 
ATOM   740 O OD1 . ASP A 1 94  ? -7.594  4.915   2.145   1.00 46.64  ? 105 ASP A OD1 1 
ATOM   741 O OD2 . ASP A 1 94  ? -7.759  4.450   4.276   1.00 47.70  ? 105 ASP A OD2 1 
ATOM   742 N N   . MET A 1 95  ? -7.958  0.127   0.219   1.00 46.38  ? 106 MET A N   1 
ATOM   743 C CA  . MET A 1 95  ? -7.729  -1.297  -0.033  1.00 44.49  ? 106 MET A CA  1 
ATOM   744 C C   . MET A 1 95  ? -6.818  -1.542  -1.217  1.00 44.37  ? 106 MET A C   1 
ATOM   745 O O   . MET A 1 95  ? -6.062  -2.508  -1.235  1.00 43.79  ? 106 MET A O   1 
ATOM   746 C CB  . MET A 1 95  ? -9.052  -2.005  -0.318  1.00 44.06  ? 106 MET A CB  1 
ATOM   747 C CG  . MET A 1 95  ? -10.003 -2.073  0.845   1.00 44.99  ? 106 MET A CG  1 
ATOM   748 S SD  . MET A 1 95  ? -9.336  -3.063  2.167   1.00 50.34  ? 106 MET A SD  1 
ATOM   749 C CE  . MET A 1 95  ? -9.762  -4.734  1.607   1.00 47.51  ? 106 MET A CE  1 
ATOM   750 N N   . VAL A 1 96  ? -6.896  -0.662  -2.210  1.00 44.27  ? 107 VAL A N   1 
ATOM   751 C CA  . VAL A 1 96  ? -6.119  -0.822  -3.429  1.00 43.57  ? 107 VAL A CA  1 
ATOM   752 C C   . VAL A 1 96  ? -5.109  0.290   -3.667  1.00 44.21  ? 107 VAL A C   1 
ATOM   753 O O   . VAL A 1 96  ? -5.460  1.465   -3.684  1.00 44.27  ? 107 VAL A O   1 
ATOM   754 C CB  . VAL A 1 96  ? -7.063  -0.893  -4.653  1.00 41.84  ? 107 VAL A CB  1 
ATOM   755 C CG1 . VAL A 1 96  ? -6.286  -1.254  -5.909  1.00 36.29  ? 107 VAL A CG1 1 
ATOM   756 C CG2 . VAL A 1 96  ? -8.171  -1.883  -4.376  1.00 37.76  ? 107 VAL A CG2 1 
ATOM   757 N N   . VAL A 1 97  ? -3.860  -0.101  -3.883  1.00 44.57  ? 108 VAL A N   1 
ATOM   758 C CA  . VAL A 1 97  ? -2.794  0.853   -4.136  1.00 45.63  ? 108 VAL A CA  1 
ATOM   759 C C   . VAL A 1 97  ? -2.867  1.369   -5.566  1.00 46.84  ? 108 VAL A C   1 
ATOM   760 O O   . VAL A 1 97  ? -2.836  0.589   -6.504  1.00 47.42  ? 108 VAL A O   1 
ATOM   761 C CB  . VAL A 1 97  ? -1.390  0.218   -3.930  1.00 43.80  ? 108 VAL A CB  1 
ATOM   762 C CG1 . VAL A 1 97  ? -0.317  1.221   -4.279  1.00 40.15  ? 108 VAL A CG1 1 
ATOM   763 C CG2 . VAL A 1 97  ? -1.229  -0.252  -2.499  1.00 40.56  ? 108 VAL A CG2 1 
ATOM   764 N N   . GLU A 1 98  ? -2.956  2.685   -5.718  1.00 48.10  ? 109 GLU A N   1 
ATOM   765 C CA  . GLU A 1 98  ? -3.011  3.307   -7.032  1.00 49.31  ? 109 GLU A CA  1 
ATOM   766 C C   . GLU A 1 98  ? -1.769  4.143   -7.294  1.00 50.02  ? 109 GLU A C   1 
ATOM   767 O O   . GLU A 1 98  ? -1.547  4.592   -8.415  1.00 51.17  ? 109 GLU A O   1 
ATOM   768 C CB  . GLU A 1 98  ? -4.253  4.193   -7.170  1.00 49.30  ? 109 GLU A CB  1 
ATOM   769 C CG  . GLU A 1 98  ? -5.560  3.427   -7.305  1.00 52.08  ? 109 GLU A CG  1 
ATOM   770 C CD  . GLU A 1 98  ? -5.530  2.371   -8.410  1.00 52.15  ? 109 GLU A CD  1 
ATOM   771 O OE1 . GLU A 1 98  ? -4.628  2.418   -9.272  1.00 50.80  ? 109 GLU A OE1 1 
ATOM   772 O OE2 . GLU A 1 98  ? -6.420  1.495   -8.415  1.00 52.16  ? 109 GLU A OE2 1 
ATOM   773 N N   . GLY A 1 99  ? -0.967  4.362   -6.259  1.00 50.28  ? 110 GLY A N   1 
ATOM   774 C CA  . GLY A 1 99  ? 0.241   5.147   -6.419  1.00 49.95  ? 110 GLY A CA  1 
ATOM   775 C C   . GLY A 1 99  ? 1.186   4.981   -5.247  1.00 51.04  ? 110 GLY A C   1 
ATOM   776 O O   . GLY A 1 99  ? 0.753   4.820   -4.105  1.00 52.15  ? 110 GLY A O   1 
ATOM   777 N N   . CYS A 1 100 ? 2.483   5.013   -5.525  1.00 51.13  ? 111 CYS A N   1 
ATOM   778 C CA  . CYS A 1 100 ? 3.481   4.886   -4.474  1.00 50.84  ? 111 CYS A CA  1 
ATOM   779 C C   . CYS A 1 100 ? 4.325   6.147   -4.385  1.00 50.52  ? 111 CYS A C   1 
ATOM   780 O O   . CYS A 1 100 ? 4.394   6.935   -5.330  1.00 50.13  ? 111 CYS A O   1 
ATOM   781 C CB  . CYS A 1 100 ? 4.405   3.696   -4.736  1.00 50.84  ? 111 CYS A CB  1 
ATOM   782 S SG  . CYS A 1 100 ? 3.569   2.098   -4.942  1.00 49.91  ? 111 CYS A SG  1 
ATOM   783 N N   . GLY A 1 101 ? 4.971   6.317   -3.238  1.00 49.24  ? 112 GLY A N   1 
ATOM   784 C CA  . GLY A 1 101 ? 5.820   7.467   -3.021  1.00 48.70  ? 112 GLY A CA  1 
ATOM   785 C C   . GLY A 1 101 ? 6.739   7.162   -1.864  1.00 49.35  ? 112 GLY A C   1 
ATOM   786 O O   . GLY A 1 101 ? 6.668   6.080   -1.276  1.00 49.68  ? 112 GLY A O   1 
ATOM   787 N N   . CYS A 1 102 ? 7.608   8.112   -1.538  1.00 49.55  ? 113 CYS A N   1 
ATOM   788 C CA  . CYS A 1 102 ? 8.547   7.936   -0.439  1.00 48.46  ? 113 CYS A CA  1 
ATOM   789 C C   . CYS A 1 102 ? 8.065   8.746   0.737   1.00 48.05  ? 113 CYS A C   1 
ATOM   790 O O   . CYS A 1 102 ? 7.638   9.885   0.573   1.00 48.96  ? 113 CYS A O   1 
ATOM   791 C CB  . CYS A 1 102 ? 9.938   8.373   -0.882  1.00 50.82  ? 113 CYS A CB  1 
ATOM   792 S SG  . CYS A 1 102 ? 10.574  7.233   -2.154  1.00 55.79  ? 113 CYS A SG  1 
ATOM   793 N N   . ARG A 1 103 ? 8.113   8.137   1.917   1.00 45.90  ? 114 ARG A N   1 
ATOM   794 C CA  . ARG A 1 103 ? 7.666   8.776   3.148   1.00 44.79  ? 114 ARG A CA  1 
ATOM   795 C C   . ARG A 1 103 ? 8.647   8.538   4.305   1.00 45.14  ? 114 ARG A C   1 
ATOM   796 O O   . ARG A 1 103 ? 8.646   9.352   5.245   1.00 46.14  ? 114 ARG A O   1 
ATOM   797 C CB  . ARG A 1 103 ? 6.280   8.252   3.542   1.00 43.62  ? 114 ARG A CB  1 
ATOM   798 C CG  . ARG A 1 103 ? 5.140   8.608   2.606   1.00 43.89  ? 114 ARG A CG  1 
ATOM   799 C CD  . ARG A 1 103 ? 4.804   10.088  2.604   1.00 43.70  ? 114 ARG A CD  1 
ATOM   800 N NE  . ARG A 1 103 ? 5.103   10.650  1.295   1.00 49.15  ? 114 ARG A NE  1 
ATOM   801 C CZ  . ARG A 1 103 ? 4.202   11.114  0.438   1.00 49.68  ? 114 ARG A CZ  1 
ATOM   802 N NH1 . ARG A 1 103 ? 2.910   11.108  0.742   1.00 51.19  ? 114 ARG A NH1 1 
ATOM   803 N NH2 . ARG A 1 103 ? 4.600   11.548  -0.747  1.00 49.84  ? 114 ARG A NH2 1 
ATOM   804 O OXT . ARG A 1 103 ? 9.387   7.535   4.285   1.00 43.17  ? 114 ARG A OXT 1 
HETATM 805 C C1  . MPD B 2 .   ? -20.048 -8.220  -4.129  1.00 85.59  ? 1   MPD A C1  1 
HETATM 806 C C2  . MPD B 2 .   ? -19.653 -7.489  -5.388  1.00 85.72  ? 1   MPD A C2  1 
HETATM 807 O O2  . MPD B 2 .   ? -20.598 -6.420  -5.513  1.00 84.23  ? 1   MPD A O2  1 
HETATM 808 C CM  . MPD B 2 .   ? -18.279 -6.930  -5.291  1.00 86.24  ? 1   MPD A CM  1 
HETATM 809 C C3  . MPD B 2 .   ? -19.790 -8.337  -6.682  1.00 88.25  ? 1   MPD A C3  1 
HETATM 810 C C4  . MPD B 2 .   ? -18.699 -9.388  -7.004  1.00 92.31  ? 1   MPD A C4  1 
HETATM 811 O O4  . MPD B 2 .   ? -18.596 -10.381 -5.998  1.00 92.69  ? 1   MPD A O4  1 
HETATM 812 C C5  . MPD B 2 .   ? -18.997 -10.104 -8.314  1.00 91.98  ? 1   MPD A C5  1 
HETATM 813 C C1  . MPD C 2 .   ? 14.163  22.231  0.257   0.75 80.62  ? 2   MPD A C1  1 
HETATM 814 C C2  . MPD C 2 .   ? 12.983  21.579  0.946   0.75 80.91  ? 2   MPD A C2  1 
HETATM 815 O O2  . MPD C 2 .   ? 12.953  20.218  0.484   0.75 81.22  ? 2   MPD A O2  1 
HETATM 816 C CM  . MPD C 2 .   ? 13.140  21.604  2.425   0.75 80.30  ? 2   MPD A CM  1 
HETATM 817 C C3  . MPD C 2 .   ? 11.619  22.224  0.596   0.75 81.69  ? 2   MPD A C3  1 
HETATM 818 C C4  . MPD C 2 .   ? 11.159  22.183  -0.868  0.75 82.74  ? 2   MPD A C4  1 
HETATM 819 O O4  . MPD C 2 .   ? 11.022  20.858  -1.334  0.75 83.25  ? 2   MPD A O4  1 
HETATM 820 C C5  . MPD C 2 .   ? 9.809   22.863  -1.031  0.75 82.47  ? 2   MPD A C5  1 
HETATM 821 O O   . HOH D 3 .   ? 11.057  10.326  6.020   1.00 40.12  ? 901 HOH A O   1 
HETATM 822 O O   . HOH D 3 .   ? 7.333   11.624  5.504   1.00 41.30  ? 902 HOH A O   1 
HETATM 823 O O   . HOH D 3 .   ? -6.570  -14.539 9.164   1.00 61.65  ? 903 HOH A O   1 
HETATM 824 O O   . HOH D 3 .   ? 13.290  -6.111  -7.101  1.00 83.65  ? 904 HOH A O   1 
HETATM 825 O O   . HOH D 3 .   ? 4.899   10.886  5.773   1.00 36.41  ? 905 HOH A O   1 
HETATM 826 O O   . HOH D 3 .   ? 11.424  -3.828  -5.150  1.00 75.01  ? 906 HOH A O   1 
HETATM 827 O O   . HOH D 3 .   ? 11.105  8.322   9.221   1.00 51.44  ? 907 HOH A O   1 
HETATM 828 O O   . HOH D 3 .   ? 6.178   17.679  2.314   1.00 41.85  ? 908 HOH A O   1 
HETATM 829 O O   . HOH D 3 .   ? -13.255 -6.181  -6.282  1.00 58.39  ? 909 HOH A O   1 
HETATM 830 O O   . HOH D 3 .   ? 7.365   14.732  -7.345  1.00 84.67  ? 910 HOH A O   1 
HETATM 831 O O   . HOH D 3 .   ? -11.024 0.566   -6.643  1.00 61.65  ? 911 HOH A O   1 
HETATM 832 O O   . HOH D 3 .   ? -15.781 -5.119  -5.622  1.00 51.27  ? 912 HOH A O   1 
HETATM 833 O O   . HOH D 3 .   ? -15.797 -5.439  -8.425  1.00 65.91  ? 913 HOH A O   1 
# 
